data_1JBD
# 
_entry.id   1JBD 
# 
_audit_conform.dict_name       mmcif_pdbx.dic 
_audit_conform.dict_version    5.397 
_audit_conform.dict_location   http://mmcif.pdb.org/dictionaries/ascii/mmcif_pdbx.dic 
# 
loop_
_database_2.database_id 
_database_2.database_code 
_database_2.pdbx_database_accession 
_database_2.pdbx_DOI 
PDB   1JBD         pdb_00001jbd 10.2210/pdb1jbd/pdb 
RCSB  RCSB013582   ?            ?                   
WWPDB D_1000013582 ?            ?                   
# 
loop_
_pdbx_audit_revision_history.ordinal 
_pdbx_audit_revision_history.data_content_type 
_pdbx_audit_revision_history.major_revision 
_pdbx_audit_revision_history.minor_revision 
_pdbx_audit_revision_history.revision_date 
1 'Structure model' 1 0 2001-06-27 
2 'Structure model' 1 1 2007-10-21 
3 'Structure model' 1 2 2011-07-13 
4 'Structure model' 1 3 2022-02-23 
5 'Structure model' 1 4 2024-10-16 
# 
_pdbx_audit_revision_details.ordinal             1 
_pdbx_audit_revision_details.revision_ordinal    1 
_pdbx_audit_revision_details.data_content_type   'Structure model' 
_pdbx_audit_revision_details.provider            repository 
_pdbx_audit_revision_details.type                'Initial release' 
_pdbx_audit_revision_details.description         ? 
_pdbx_audit_revision_details.details             ? 
# 
loop_
_pdbx_audit_revision_group.ordinal 
_pdbx_audit_revision_group.revision_ordinal 
_pdbx_audit_revision_group.data_content_type 
_pdbx_audit_revision_group.group 
1 2 'Structure model' 'Version format compliance' 
2 3 'Structure model' 'Version format compliance' 
3 4 'Structure model' 'Data collection'           
4 4 'Structure model' 'Database references'       
5 4 'Structure model' 'Derived calculations'      
6 5 'Structure model' 'Data collection'           
7 5 'Structure model' 'Structure summary'         
# 
loop_
_pdbx_audit_revision_category.ordinal 
_pdbx_audit_revision_category.revision_ordinal 
_pdbx_audit_revision_category.data_content_type 
_pdbx_audit_revision_category.category 
1 4 'Structure model' database_2                
2 4 'Structure model' pdbx_nmr_software         
3 4 'Structure model' pdbx_struct_assembly      
4 4 'Structure model' pdbx_struct_oper_list     
5 5 'Structure model' chem_comp_atom            
6 5 'Structure model' chem_comp_bond            
7 5 'Structure model' pdbx_entry_details        
8 5 'Structure model' pdbx_modification_feature 
# 
loop_
_pdbx_audit_revision_item.ordinal 
_pdbx_audit_revision_item.revision_ordinal 
_pdbx_audit_revision_item.data_content_type 
_pdbx_audit_revision_item.item 
1 4 'Structure model' '_database_2.pdbx_DOI'                
2 4 'Structure model' '_database_2.pdbx_database_accession' 
3 4 'Structure model' '_pdbx_nmr_software.name'             
# 
_pdbx_database_PDB_obs_spr.id               SPRSDE 
_pdbx_database_PDB_obs_spr.date             2001-06-27 
_pdbx_database_PDB_obs_spr.pdb_id           1JBD 
_pdbx_database_PDB_obs_spr.replace_pdb_id   1HN7 
_pdbx_database_PDB_obs_spr.details          ? 
# 
_pdbx_database_status.status_code                     REL 
_pdbx_database_status.entry_id                        1JBD 
_pdbx_database_status.recvd_initial_deposition_date   2001-06-04 
_pdbx_database_status.deposit_site                    RCSB 
_pdbx_database_status.process_site                    RCSB 
_pdbx_database_status.SG_entry                        . 
_pdbx_database_status.pdb_format_compatible           Y 
_pdbx_database_status.status_code_mr                  ? 
_pdbx_database_status.status_code_sf                  ? 
_pdbx_database_status.status_code_cs                  ? 
_pdbx_database_status.status_code_nmr_data            ? 
_pdbx_database_status.methods_development_category    ? 
# 
loop_
_pdbx_database_related.db_name 
_pdbx_database_related.db_id 
_pdbx_database_related.details 
_pdbx_database_related.content_type 
PDB 1HN7 
;1hn7 contains the original structure obtAined of the complex alpha-bungarotoxin and a mimotope of the nicotinic acetylcholine receptor
;
unspecified 
PDB 1HOY 
;1HOY contains the 20 nmr structure  
of the complex alpha-bungarotoxin and a mimotope of the nicotinic acetylcholine receptor
;
unspecified 
PDB 1IK8 '1IK8 contains the average NMR structure of alpha-bungarotoxin' unspecified 
PDB 1IKC '1IKC contains the 30 NMR structure of alpha-bungarotoxin' unspecified 
# 
loop_
_audit_author.name 
_audit_author.pdbx_ordinal 
'Scarselli, M.'   1  
'Spiga, O.'       2  
'Ciutti, A.'      3  
'Bracci, L.'      4  
'Lelli, B.'       5  
'Lozzi, L.'       6  
'Calamandrei, D.' 7  
'Bernini, A.'     8  
'Di Maro, D.'     9  
'Klein, S.'       10 
'Niccolai, N.'    11 
# 
loop_
_citation.id 
_citation.title 
_citation.journal_abbrev 
_citation.journal_volume 
_citation.page_first 
_citation.page_last 
_citation.year 
_citation.journal_id_ASTM 
_citation.country 
_citation.journal_id_ISSN 
_citation.journal_id_CSD 
_citation.book_publisher 
_citation.pdbx_database_id_PubMed 
_citation.pdbx_database_id_DOI 
primary 'NMR structure of alpha-bungarotoxin free and bound to a mimotope of the nicotinic acetylcholine receptor.' Biochemistry 
41  1457 1463 2002 BICHAW US 0006-2960 0033 ? 11814338 10.1021/bi011012f               
1       
;Peptide-protein interactions studied by surface plasmon and nuclear 
                                                   magnetic resonances
;
'FEBS Lett.' 511 33   35   2002 FEBLAL NE 0014-5793 0165 ? ?        '10.1016/S0014-5793(01)03274-4' 
# 
loop_
_citation_author.citation_id 
_citation_author.name 
_citation_author.ordinal 
_citation_author.identifier_ORCID 
primary 'Scarselli, M.'   1  ? 
primary 'Spiga, O.'       2  ? 
primary 'Ciutti, A.'      3  ? 
primary 'Bernini, A.'     4  ? 
primary 'Bracci, L.'      5  ? 
primary 'Lelli, B.'       6  ? 
primary 'Lozzi, L.'       7  ? 
primary 'Calamandrei, D.' 8  ? 
primary 'Di Maro, D.'     9  ? 
primary 'Klein, S.'       10 ? 
primary 'Niccolai, N.'    11 ? 
1       'Spiga, O.'       12 ? 
1       'Bernini, A.'     13 ? 
1       'Scarselli, M.'   14 ? 
1       'Ciutti, A.'      15 ? 
1       'Bracci, L.'      16 ? 
1       'Lozzi, L.'       17 ? 
1       'Lelli, B.'       18 ? 
1       'Di Maro, D.'     19 ? 
1       'Calamandrei, D.' 20 ? 
1       'Niccolai, N.'    21 ? 
# 
loop_
_entity.id 
_entity.type 
_entity.src_method 
_entity.pdbx_description 
_entity.formula_weight 
_entity.pdbx_number_of_molecules 
_entity.pdbx_ec 
_entity.pdbx_mutation 
_entity.pdbx_fragment 
_entity.details 
1 polymer nat 'LONG NEUROTOXIN 1'                                8005.281 1 ? ? ? ? 
2 polymer syn 'MIMOTOPE OF THE NICOTINIC ACETYLCHOLINE RECEPTOR' 1843.945 1 ? ? ? ? 
# 
_entity_name_com.entity_id   1 
_entity_name_com.name        ALPHA-BUNGAROTOXIN 
# 
loop_
_entity_poly.entity_id 
_entity_poly.type 
_entity_poly.nstd_linkage 
_entity_poly.nstd_monomer 
_entity_poly.pdbx_seq_one_letter_code 
_entity_poly.pdbx_seq_one_letter_code_can 
_entity_poly.pdbx_strand_id 
_entity_poly.pdbx_target_identifier 
1 'polypeptide(L)' no no IVCHTTATSPISAVTCPPGENLCYRKMWCDAFCSSRGKVVELGCAATCPSKKPYEEVTCCSTDKCNPHPKQRPG 
IVCHTTATSPISAVTCPPGENLCYRKMWCDAFCSSRGKVVELGCAATCPSKKPYEEVTCCSTDKCNPHPKQRPG A ? 
2 'polypeptide(L)' no no HRYYESSLEPWYPD                                                             HRYYESSLEPWYPD B ? 
# 
loop_
_entity_poly_seq.entity_id 
_entity_poly_seq.num 
_entity_poly_seq.mon_id 
_entity_poly_seq.hetero 
1 1  ILE n 
1 2  VAL n 
1 3  CYS n 
1 4  HIS n 
1 5  THR n 
1 6  THR n 
1 7  ALA n 
1 8  THR n 
1 9  SER n 
1 10 PRO n 
1 11 ILE n 
1 12 SER n 
1 13 ALA n 
1 14 VAL n 
1 15 THR n 
1 16 CYS n 
1 17 PRO n 
1 18 PRO n 
1 19 GLY n 
1 20 GLU n 
1 21 ASN n 
1 22 LEU n 
1 23 CYS n 
1 24 TYR n 
1 25 ARG n 
1 26 LYS n 
1 27 MET n 
1 28 TRP n 
1 29 CYS n 
1 30 ASP n 
1 31 ALA n 
1 32 PHE n 
1 33 CYS n 
1 34 SER n 
1 35 SER n 
1 36 ARG n 
1 37 GLY n 
1 38 LYS n 
1 39 VAL n 
1 40 VAL n 
1 41 GLU n 
1 42 LEU n 
1 43 GLY n 
1 44 CYS n 
1 45 ALA n 
1 46 ALA n 
1 47 THR n 
1 48 CYS n 
1 49 PRO n 
1 50 SER n 
1 51 LYS n 
1 52 LYS n 
1 53 PRO n 
1 54 TYR n 
1 55 GLU n 
1 56 GLU n 
1 57 VAL n 
1 58 THR n 
1 59 CYS n 
1 60 CYS n 
1 61 SER n 
1 62 THR n 
1 63 ASP n 
1 64 LYS n 
1 65 CYS n 
1 66 ASN n 
1 67 PRO n 
1 68 HIS n 
1 69 PRO n 
1 70 LYS n 
1 71 GLN n 
1 72 ARG n 
1 73 PRO n 
1 74 GLY n 
2 1  HIS n 
2 2  ARG n 
2 3  TYR n 
2 4  TYR n 
2 5  GLU n 
2 6  SER n 
2 7  SER n 
2 8  LEU n 
2 9  GLU n 
2 10 PRO n 
2 11 TRP n 
2 12 TYR n 
2 13 PRO n 
2 14 ASP n 
# 
_entity_src_nat.entity_id                  1 
_entity_src_nat.pdbx_src_id                1 
_entity_src_nat.pdbx_alt_source_flag       sample 
_entity_src_nat.pdbx_beg_seq_num           ? 
_entity_src_nat.pdbx_end_seq_num           ? 
_entity_src_nat.common_name                'many-banded krait' 
_entity_src_nat.pdbx_organism_scientific   'Bungarus multicinctus' 
_entity_src_nat.pdbx_ncbi_taxonomy_id      8616 
_entity_src_nat.genus                      Bungarus 
_entity_src_nat.species                    ? 
_entity_src_nat.strain                     ? 
_entity_src_nat.tissue                     ? 
_entity_src_nat.tissue_fraction            ? 
_entity_src_nat.pdbx_secretion             venom 
_entity_src_nat.pdbx_fragment              ? 
_entity_src_nat.pdbx_variant               ? 
_entity_src_nat.pdbx_cell_line             ? 
_entity_src_nat.pdbx_atcc                  ? 
_entity_src_nat.pdbx_cellular_location     ? 
_entity_src_nat.pdbx_organ                 ? 
_entity_src_nat.pdbx_organelle             ? 
_entity_src_nat.pdbx_cell                  ? 
_entity_src_nat.pdbx_plasmid_name          ? 
_entity_src_nat.pdbx_plasmid_details       ? 
_entity_src_nat.details                    ? 
# 
_pdbx_entity_src_syn.entity_id              2 
_pdbx_entity_src_syn.pdbx_src_id            1 
_pdbx_entity_src_syn.pdbx_alt_source_flag   sample 
_pdbx_entity_src_syn.pdbx_beg_seq_num       ? 
_pdbx_entity_src_syn.pdbx_end_seq_num       ? 
_pdbx_entity_src_syn.organism_scientific    ? 
_pdbx_entity_src_syn.organism_common_name   ? 
_pdbx_entity_src_syn.ncbi_taxonomy_id       ? 
_pdbx_entity_src_syn.details                'this peptide was chemically synthesized' 
# 
loop_
_chem_comp.id 
_chem_comp.type 
_chem_comp.mon_nstd_flag 
_chem_comp.name 
_chem_comp.pdbx_synonyms 
_chem_comp.formula 
_chem_comp.formula_weight 
ALA 'L-peptide linking' y ALANINE         ? 'C3 H7 N O2'     89.093  
ARG 'L-peptide linking' y ARGININE        ? 'C6 H15 N4 O2 1' 175.209 
ASN 'L-peptide linking' y ASPARAGINE      ? 'C4 H8 N2 O3'    132.118 
ASP 'L-peptide linking' y 'ASPARTIC ACID' ? 'C4 H7 N O4'     133.103 
CYS 'L-peptide linking' y CYSTEINE        ? 'C3 H7 N O2 S'   121.158 
GLN 'L-peptide linking' y GLUTAMINE       ? 'C5 H10 N2 O3'   146.144 
GLU 'L-peptide linking' y 'GLUTAMIC ACID' ? 'C5 H9 N O4'     147.129 
GLY 'peptide linking'   y GLYCINE         ? 'C2 H5 N O2'     75.067  
HIS 'L-peptide linking' y HISTIDINE       ? 'C6 H10 N3 O2 1' 156.162 
ILE 'L-peptide linking' y ISOLEUCINE      ? 'C6 H13 N O2'    131.173 
LEU 'L-peptide linking' y LEUCINE         ? 'C6 H13 N O2'    131.173 
LYS 'L-peptide linking' y LYSINE          ? 'C6 H15 N2 O2 1' 147.195 
MET 'L-peptide linking' y METHIONINE      ? 'C5 H11 N O2 S'  149.211 
PHE 'L-peptide linking' y PHENYLALANINE   ? 'C9 H11 N O2'    165.189 
PRO 'L-peptide linking' y PROLINE         ? 'C5 H9 N O2'     115.130 
SER 'L-peptide linking' y SERINE          ? 'C3 H7 N O3'     105.093 
THR 'L-peptide linking' y THREONINE       ? 'C4 H9 N O3'     119.119 
TRP 'L-peptide linking' y TRYPTOPHAN      ? 'C11 H12 N2 O2'  204.225 
TYR 'L-peptide linking' y TYROSINE        ? 'C9 H11 N O3'    181.189 
VAL 'L-peptide linking' y VALINE          ? 'C5 H11 N O2'    117.146 
# 
loop_
_pdbx_poly_seq_scheme.asym_id 
_pdbx_poly_seq_scheme.entity_id 
_pdbx_poly_seq_scheme.seq_id 
_pdbx_poly_seq_scheme.mon_id 
_pdbx_poly_seq_scheme.ndb_seq_num 
_pdbx_poly_seq_scheme.pdb_seq_num 
_pdbx_poly_seq_scheme.auth_seq_num 
_pdbx_poly_seq_scheme.pdb_mon_id 
_pdbx_poly_seq_scheme.auth_mon_id 
_pdbx_poly_seq_scheme.pdb_strand_id 
_pdbx_poly_seq_scheme.pdb_ins_code 
_pdbx_poly_seq_scheme.hetero 
A 1 1  ILE 1  1  1  ILE ILE A . n 
A 1 2  VAL 2  2  2  VAL VAL A . n 
A 1 3  CYS 3  3  3  CYS CYS A . n 
A 1 4  HIS 4  4  4  HIS HIS A . n 
A 1 5  THR 5  5  5  THR THR A . n 
A 1 6  THR 6  6  6  THR THR A . n 
A 1 7  ALA 7  7  7  ALA ALA A . n 
A 1 8  THR 8  8  8  THR THR A . n 
A 1 9  SER 9  9  9  SER SER A . n 
A 1 10 PRO 10 10 10 PRO PRO A . n 
A 1 11 ILE 11 11 11 ILE ILE A . n 
A 1 12 SER 12 12 12 SER SER A . n 
A 1 13 ALA 13 13 13 ALA ALA A . n 
A 1 14 VAL 14 14 14 VAL VAL A . n 
A 1 15 THR 15 15 15 THR THR A . n 
A 1 16 CYS 16 16 16 CYS CYS A . n 
A 1 17 PRO 17 17 17 PRO PRO A . n 
A 1 18 PRO 18 18 18 PRO PRO A . n 
A 1 19 GLY 19 19 19 GLY GLY A . n 
A 1 20 GLU 20 20 20 GLU GLU A . n 
A 1 21 ASN 21 21 21 ASN ASN A . n 
A 1 22 LEU 22 22 22 LEU LEU A . n 
A 1 23 CYS 23 23 23 CYS CYS A . n 
A 1 24 TYR 24 24 24 TYR TYR A . n 
A 1 25 ARG 25 25 25 ARG ARG A . n 
A 1 26 LYS 26 26 26 LYS LYS A . n 
A 1 27 MET 27 27 27 MET MET A . n 
A 1 28 TRP 28 28 28 TRP TRP A . n 
A 1 29 CYS 29 29 29 CYS CYS A . n 
A 1 30 ASP 30 30 30 ASP ASP A . n 
A 1 31 ALA 31 31 31 ALA ALA A . n 
A 1 32 PHE 32 32 32 PHE PHE A . n 
A 1 33 CYS 33 33 33 CYS CYS A . n 
A 1 34 SER 34 34 34 SER SER A . n 
A 1 35 SER 35 35 35 SER SER A . n 
A 1 36 ARG 36 36 36 ARG ARG A . n 
A 1 37 GLY 37 37 37 GLY GLY A . n 
A 1 38 LYS 38 38 38 LYS LYS A . n 
A 1 39 VAL 39 39 39 VAL VAL A . n 
A 1 40 VAL 40 40 40 VAL VAL A . n 
A 1 41 GLU 41 41 41 GLU GLU A . n 
A 1 42 LEU 42 42 42 LEU LEU A . n 
A 1 43 GLY 43 43 43 GLY GLY A . n 
A 1 44 CYS 44 44 44 CYS CYS A . n 
A 1 45 ALA 45 45 45 ALA ALA A . n 
A 1 46 ALA 46 46 46 ALA ALA A . n 
A 1 47 THR 47 47 47 THR THR A . n 
A 1 48 CYS 48 48 48 CYS CYS A . n 
A 1 49 PRO 49 49 49 PRO PRO A . n 
A 1 50 SER 50 50 50 SER SER A . n 
A 1 51 LYS 51 51 51 LYS LYS A . n 
A 1 52 LYS 52 52 52 LYS LYS A . n 
A 1 53 PRO 53 53 53 PRO PRO A . n 
A 1 54 TYR 54 54 54 TYR TYR A . n 
A 1 55 GLU 55 55 55 GLU GLU A . n 
A 1 56 GLU 56 56 56 GLU GLU A . n 
A 1 57 VAL 57 57 57 VAL VAL A . n 
A 1 58 THR 58 58 58 THR THR A . n 
A 1 59 CYS 59 59 59 CYS CYS A . n 
A 1 60 CYS 60 60 60 CYS CYS A . n 
A 1 61 SER 61 61 61 SER SER A . n 
A 1 62 THR 62 62 62 THR THR A . n 
A 1 63 ASP 63 63 63 ASP ASP A . n 
A 1 64 LYS 64 64 64 LYS LYS A . n 
A 1 65 CYS 65 65 65 CYS CYS A . n 
A 1 66 ASN 66 66 66 ASN ASN A . n 
A 1 67 PRO 67 67 67 PRO PRO A . n 
A 1 68 HIS 68 68 68 HIS HIS A . n 
A 1 69 PRO 69 69 69 PRO PRO A . n 
A 1 70 LYS 70 70 70 LYS LYS A . n 
A 1 71 GLN 71 71 71 GLN GLN A . n 
A 1 72 ARG 72 72 72 ARG ARG A . n 
A 1 73 PRO 73 73 73 PRO PRO A . n 
A 1 74 GLY 74 74 74 GLY GLY A . n 
B 2 1  HIS 1  1  1  HIS HIS B . n 
B 2 2  ARG 2  2  2  ARG ARG B . n 
B 2 3  TYR 3  3  3  TYR TYR B . n 
B 2 4  TYR 4  4  4  TYR TYR B . n 
B 2 5  GLU 5  5  5  GLU GLU B . n 
B 2 6  SER 6  6  6  SER SER B . n 
B 2 7  SER 7  7  7  SER SER B . n 
B 2 8  LEU 8  8  8  LEU LEU B . n 
B 2 9  GLU 9  9  9  GLU GLU B . n 
B 2 10 PRO 10 10 10 PRO PRO B . n 
B 2 11 TRP 11 11 11 TRP TRP B . n 
B 2 12 TYR 12 12 12 TYR TYR B . n 
B 2 13 PRO 13 13 13 PRO PRO B . n 
B 2 14 ASP 14 14 14 ASP ASP B . n 
# 
_exptl.entry_id          1JBD 
_exptl.method            'SOLUTION NMR' 
_exptl.crystals_number   ? 
# 
_struct.entry_id                  1JBD 
_struct.title                     
'NMR Structure of the Complex Between alpha-bungarotoxin and a Mimotope of the Nicotinic Acetylcholine Receptor' 
_struct.pdbx_model_details        ? 
_struct.pdbx_CASP_flag            ? 
_struct.pdbx_model_type_details   'minimized average' 
# 
_struct_keywords.entry_id        1JBD 
_struct_keywords.pdbx_keywords   TOXIN 
_struct_keywords.text            'ALPHA-BUNGAROTOXIN, PROTEIN-PEPTIDE COMPLEX, ACHR, toxin' 
# 
loop_
_struct_asym.id 
_struct_asym.pdbx_blank_PDB_chainid_flag 
_struct_asym.pdbx_modified 
_struct_asym.entity_id 
_struct_asym.details 
A N N 1 ? 
B N N 2 ? 
# 
loop_
_struct_ref.id 
_struct_ref.db_name 
_struct_ref.db_code 
_struct_ref.entity_id 
_struct_ref.pdbx_seq_one_letter_code 
_struct_ref.pdbx_align_begin 
_struct_ref.pdbx_db_accession 
_struct_ref.pdbx_db_isoform 
1 UNP NXL1A_BUNMU 1 IVCHTTATSPISAVTCPPGENLCYRKMWCDAFCSSRGKVVELGCAATCPSKKPYEEVTCCSTDKCNPHPKQRPG 1 P60615 ? 
2 PDB 1JBD        2 ?                                                                          ? 1JBD   ? 
# 
loop_
_struct_ref_seq.align_id 
_struct_ref_seq.ref_id 
_struct_ref_seq.pdbx_PDB_id_code 
_struct_ref_seq.pdbx_strand_id 
_struct_ref_seq.seq_align_beg 
_struct_ref_seq.pdbx_seq_align_beg_ins_code 
_struct_ref_seq.seq_align_end 
_struct_ref_seq.pdbx_seq_align_end_ins_code 
_struct_ref_seq.pdbx_db_accession 
_struct_ref_seq.db_align_beg 
_struct_ref_seq.pdbx_db_align_beg_ins_code 
_struct_ref_seq.db_align_end 
_struct_ref_seq.pdbx_db_align_end_ins_code 
_struct_ref_seq.pdbx_auth_seq_align_beg 
_struct_ref_seq.pdbx_auth_seq_align_end 
1 1 1JBD A 1 ? 74 ? P60615 1 ? 74 ? 1 74 
2 2 1JBD B 1 ? 14 ? 1JBD   1 ? 14 ? 1 14 
# 
_pdbx_struct_assembly.id                   1 
_pdbx_struct_assembly.details              author_defined_assembly 
_pdbx_struct_assembly.method_details       ? 
_pdbx_struct_assembly.oligomeric_details   dimeric 
_pdbx_struct_assembly.oligomeric_count     2 
# 
_pdbx_struct_assembly_gen.assembly_id       1 
_pdbx_struct_assembly_gen.oper_expression   1 
_pdbx_struct_assembly_gen.asym_id_list      A,B 
# 
_pdbx_struct_oper_list.id                   1 
_pdbx_struct_oper_list.type                 'identity operation' 
_pdbx_struct_oper_list.name                 1_555 
_pdbx_struct_oper_list.symmetry_operation   x,y,z 
_pdbx_struct_oper_list.matrix[1][1]         1.0000000000 
_pdbx_struct_oper_list.matrix[1][2]         0.0000000000 
_pdbx_struct_oper_list.matrix[1][3]         0.0000000000 
_pdbx_struct_oper_list.vector[1]            0.0000000000 
_pdbx_struct_oper_list.matrix[2][1]         0.0000000000 
_pdbx_struct_oper_list.matrix[2][2]         1.0000000000 
_pdbx_struct_oper_list.matrix[2][3]         0.0000000000 
_pdbx_struct_oper_list.vector[2]            0.0000000000 
_pdbx_struct_oper_list.matrix[3][1]         0.0000000000 
_pdbx_struct_oper_list.matrix[3][2]         0.0000000000 
_pdbx_struct_oper_list.matrix[3][3]         1.0000000000 
_pdbx_struct_oper_list.vector[3]            0.0000000000 
# 
_struct_biol.id   1 
# 
loop_
_struct_conn.id 
_struct_conn.conn_type_id 
_struct_conn.pdbx_leaving_atom_flag 
_struct_conn.pdbx_PDB_id 
_struct_conn.ptnr1_label_asym_id 
_struct_conn.ptnr1_label_comp_id 
_struct_conn.ptnr1_label_seq_id 
_struct_conn.ptnr1_label_atom_id 
_struct_conn.pdbx_ptnr1_label_alt_id 
_struct_conn.pdbx_ptnr1_PDB_ins_code 
_struct_conn.pdbx_ptnr1_standard_comp_id 
_struct_conn.ptnr1_symmetry 
_struct_conn.ptnr2_label_asym_id 
_struct_conn.ptnr2_label_comp_id 
_struct_conn.ptnr2_label_seq_id 
_struct_conn.ptnr2_label_atom_id 
_struct_conn.pdbx_ptnr2_label_alt_id 
_struct_conn.pdbx_ptnr2_PDB_ins_code 
_struct_conn.ptnr1_auth_asym_id 
_struct_conn.ptnr1_auth_comp_id 
_struct_conn.ptnr1_auth_seq_id 
_struct_conn.ptnr2_auth_asym_id 
_struct_conn.ptnr2_auth_comp_id 
_struct_conn.ptnr2_auth_seq_id 
_struct_conn.ptnr2_symmetry 
_struct_conn.pdbx_ptnr3_label_atom_id 
_struct_conn.pdbx_ptnr3_label_seq_id 
_struct_conn.pdbx_ptnr3_label_comp_id 
_struct_conn.pdbx_ptnr3_label_asym_id 
_struct_conn.pdbx_ptnr3_label_alt_id 
_struct_conn.pdbx_ptnr3_PDB_ins_code 
_struct_conn.details 
_struct_conn.pdbx_dist_value 
_struct_conn.pdbx_value_order 
_struct_conn.pdbx_role 
disulf1 disulf ? ? A CYS 3  SG ? ? ? 1_555 A CYS 23 SG ? ? A CYS 3  A CYS 23 1_555 ? ? ? ? ? ? ? 2.046 ? ? 
disulf2 disulf ? ? A CYS 16 SG ? ? ? 1_555 A CYS 44 SG ? ? A CYS 16 A CYS 44 1_555 ? ? ? ? ? ? ? 2.040 ? ? 
disulf3 disulf ? ? A CYS 29 SG ? ? ? 1_555 A CYS 33 SG ? ? A CYS 29 A CYS 33 1_555 ? ? ? ? ? ? ? 2.045 ? ? 
disulf4 disulf ? ? A CYS 48 SG ? ? ? 1_555 A CYS 59 SG ? ? A CYS 48 A CYS 59 1_555 ? ? ? ? ? ? ? 2.041 ? ? 
disulf5 disulf ? ? A CYS 60 SG ? ? ? 1_555 A CYS 65 SG ? ? A CYS 60 A CYS 65 1_555 ? ? ? ? ? ? ? 2.032 ? ? 
# 
_struct_conn_type.id          disulf 
_struct_conn_type.criteria    ? 
_struct_conn_type.reference   ? 
# 
loop_
_pdbx_modification_feature.ordinal 
_pdbx_modification_feature.label_comp_id 
_pdbx_modification_feature.label_asym_id 
_pdbx_modification_feature.label_seq_id 
_pdbx_modification_feature.label_alt_id 
_pdbx_modification_feature.modified_residue_label_comp_id 
_pdbx_modification_feature.modified_residue_label_asym_id 
_pdbx_modification_feature.modified_residue_label_seq_id 
_pdbx_modification_feature.modified_residue_label_alt_id 
_pdbx_modification_feature.auth_comp_id 
_pdbx_modification_feature.auth_asym_id 
_pdbx_modification_feature.auth_seq_id 
_pdbx_modification_feature.PDB_ins_code 
_pdbx_modification_feature.symmetry 
_pdbx_modification_feature.modified_residue_auth_comp_id 
_pdbx_modification_feature.modified_residue_auth_asym_id 
_pdbx_modification_feature.modified_residue_auth_seq_id 
_pdbx_modification_feature.modified_residue_PDB_ins_code 
_pdbx_modification_feature.modified_residue_symmetry 
_pdbx_modification_feature.comp_id_linking_atom 
_pdbx_modification_feature.modified_residue_id_linking_atom 
_pdbx_modification_feature.modified_residue_id 
_pdbx_modification_feature.ref_pcm_id 
_pdbx_modification_feature.ref_comp_id 
_pdbx_modification_feature.type 
_pdbx_modification_feature.category 
1 CYS A 3  ? CYS A 23 ? CYS A 3  ? 1_555 CYS A 23 ? 1_555 SG SG . . . None 'Disulfide bridge' 
2 CYS A 16 ? CYS A 44 ? CYS A 16 ? 1_555 CYS A 44 ? 1_555 SG SG . . . None 'Disulfide bridge' 
3 CYS A 29 ? CYS A 33 ? CYS A 29 ? 1_555 CYS A 33 ? 1_555 SG SG . . . None 'Disulfide bridge' 
4 CYS A 48 ? CYS A 59 ? CYS A 48 ? 1_555 CYS A 59 ? 1_555 SG SG . . . None 'Disulfide bridge' 
5 CYS A 60 ? CYS A 65 ? CYS A 60 ? 1_555 CYS A 65 ? 1_555 SG SG . . . None 'Disulfide bridge' 
# 
_struct_sheet.id               A 
_struct_sheet.type             ? 
_struct_sheet.number_strands   3 
_struct_sheet.details          ? 
# 
loop_
_struct_sheet_order.sheet_id 
_struct_sheet_order.range_id_1 
_struct_sheet_order.range_id_2 
_struct_sheet_order.offset 
_struct_sheet_order.sense 
A 1 2 ? anti-parallel 
A 2 3 ? anti-parallel 
# 
loop_
_struct_sheet_range.sheet_id 
_struct_sheet_range.id 
_struct_sheet_range.beg_label_comp_id 
_struct_sheet_range.beg_label_asym_id 
_struct_sheet_range.beg_label_seq_id 
_struct_sheet_range.pdbx_beg_PDB_ins_code 
_struct_sheet_range.end_label_comp_id 
_struct_sheet_range.end_label_asym_id 
_struct_sheet_range.end_label_seq_id 
_struct_sheet_range.pdbx_end_PDB_ins_code 
_struct_sheet_range.beg_auth_comp_id 
_struct_sheet_range.beg_auth_asym_id 
_struct_sheet_range.beg_auth_seq_id 
_struct_sheet_range.end_auth_comp_id 
_struct_sheet_range.end_auth_asym_id 
_struct_sheet_range.end_auth_seq_id 
A 1 VAL A 39 ? ALA A 45 ? VAL A 39 ALA A 45 
A 2 LEU A 22 ? TRP A 28 ? LEU A 22 TRP A 28 
A 3 VAL A 57 ? CYS A 60 ? VAL A 57 CYS A 60 
# 
loop_
_pdbx_struct_sheet_hbond.sheet_id 
_pdbx_struct_sheet_hbond.range_id_1 
_pdbx_struct_sheet_hbond.range_id_2 
_pdbx_struct_sheet_hbond.range_1_label_atom_id 
_pdbx_struct_sheet_hbond.range_1_label_comp_id 
_pdbx_struct_sheet_hbond.range_1_label_asym_id 
_pdbx_struct_sheet_hbond.range_1_label_seq_id 
_pdbx_struct_sheet_hbond.range_1_PDB_ins_code 
_pdbx_struct_sheet_hbond.range_1_auth_atom_id 
_pdbx_struct_sheet_hbond.range_1_auth_comp_id 
_pdbx_struct_sheet_hbond.range_1_auth_asym_id 
_pdbx_struct_sheet_hbond.range_1_auth_seq_id 
_pdbx_struct_sheet_hbond.range_2_label_atom_id 
_pdbx_struct_sheet_hbond.range_2_label_comp_id 
_pdbx_struct_sheet_hbond.range_2_label_asym_id 
_pdbx_struct_sheet_hbond.range_2_label_seq_id 
_pdbx_struct_sheet_hbond.range_2_PDB_ins_code 
_pdbx_struct_sheet_hbond.range_2_auth_atom_id 
_pdbx_struct_sheet_hbond.range_2_auth_comp_id 
_pdbx_struct_sheet_hbond.range_2_auth_asym_id 
_pdbx_struct_sheet_hbond.range_2_auth_seq_id 
A 1 2 N ALA A 45 ? N ALA A 45 O LEU A 22 ? O LEU A 22 
A 2 3 N ARG A 25 ? N ARG A 25 O THR A 58 ? O THR A 58 
# 
_pdbx_entry_details.entry_id                   1JBD 
_pdbx_entry_details.compound_details           ? 
_pdbx_entry_details.source_details             ? 
_pdbx_entry_details.nonpolymer_details         ? 
_pdbx_entry_details.sequence_details           ? 
_pdbx_entry_details.has_ligand_of_interest     ? 
_pdbx_entry_details.has_protein_modification   Y 
# 
loop_
_pdbx_validate_close_contact.id 
_pdbx_validate_close_contact.PDB_model_num 
_pdbx_validate_close_contact.auth_atom_id_1 
_pdbx_validate_close_contact.auth_asym_id_1 
_pdbx_validate_close_contact.auth_comp_id_1 
_pdbx_validate_close_contact.auth_seq_id_1 
_pdbx_validate_close_contact.PDB_ins_code_1 
_pdbx_validate_close_contact.label_alt_id_1 
_pdbx_validate_close_contact.auth_atom_id_2 
_pdbx_validate_close_contact.auth_asym_id_2 
_pdbx_validate_close_contact.auth_comp_id_2 
_pdbx_validate_close_contact.auth_seq_id_2 
_pdbx_validate_close_contact.PDB_ins_code_2 
_pdbx_validate_close_contact.label_alt_id_2 
_pdbx_validate_close_contact.dist 
1  1 HD2 A ASP 63 ? ? HZ1  A LYS 64 ? ? 0.83 
2  1 HG1 A THR 5  ? ? HG   A SER 12 ? ? 0.94 
3  1 O   A SER 9  ? ? HE2  B TYR 3  ? ? 1.21 
4  1 HZ1 A LYS 26 ? ? HE2  A GLU 55 ? ? 1.21 
5  1 O   A ALA 7  ? ? OH   B TYR 3  ? ? 1.27 
6  1 O   A ILE 1  ? ? HG21 A VAL 2  ? ? 1.30 
7  1 O   B GLU 9  ? ? CD   B PRO 13 ? ? 1.35 
8  1 O   B GLU 9  ? ? HD2  B PRO 13 ? ? 1.44 
9  1 O   B GLU 9  ? ? HD3  B PRO 13 ? ? 1.55 
10 1 O   B GLU 9  ? ? CG   B PRO 13 ? ? 1.56 
11 1 O   A ALA 7  ? ? CZ   B TYR 3  ? ? 1.99 
12 1 O   A SER 9  ? ? CE2  B TYR 3  ? ? 2.15 
13 1 C   A ALA 7  ? ? OH   B TYR 3  ? ? 2.17 
# 
_pdbx_validate_rmsd_angle.id                         1 
_pdbx_validate_rmsd_angle.PDB_model_num              1 
_pdbx_validate_rmsd_angle.auth_atom_id_1             CA 
_pdbx_validate_rmsd_angle.auth_asym_id_1             A 
_pdbx_validate_rmsd_angle.auth_comp_id_1             CYS 
_pdbx_validate_rmsd_angle.auth_seq_id_1              23 
_pdbx_validate_rmsd_angle.PDB_ins_code_1             ? 
_pdbx_validate_rmsd_angle.label_alt_id_1             ? 
_pdbx_validate_rmsd_angle.auth_atom_id_2             CB 
_pdbx_validate_rmsd_angle.auth_asym_id_2             A 
_pdbx_validate_rmsd_angle.auth_comp_id_2             CYS 
_pdbx_validate_rmsd_angle.auth_seq_id_2              23 
_pdbx_validate_rmsd_angle.PDB_ins_code_2             ? 
_pdbx_validate_rmsd_angle.label_alt_id_2             ? 
_pdbx_validate_rmsd_angle.auth_atom_id_3             SG 
_pdbx_validate_rmsd_angle.auth_asym_id_3             A 
_pdbx_validate_rmsd_angle.auth_comp_id_3             CYS 
_pdbx_validate_rmsd_angle.auth_seq_id_3              23 
_pdbx_validate_rmsd_angle.PDB_ins_code_3             ? 
_pdbx_validate_rmsd_angle.label_alt_id_3             ? 
_pdbx_validate_rmsd_angle.angle_value                120.82 
_pdbx_validate_rmsd_angle.angle_target_value         114.20 
_pdbx_validate_rmsd_angle.angle_deviation            6.62 
_pdbx_validate_rmsd_angle.angle_standard_deviation   1.10 
_pdbx_validate_rmsd_angle.linker_flag                N 
# 
loop_
_pdbx_validate_torsion.id 
_pdbx_validate_torsion.PDB_model_num 
_pdbx_validate_torsion.auth_comp_id 
_pdbx_validate_torsion.auth_asym_id 
_pdbx_validate_torsion.auth_seq_id 
_pdbx_validate_torsion.PDB_ins_code 
_pdbx_validate_torsion.label_alt_id 
_pdbx_validate_torsion.phi 
_pdbx_validate_torsion.psi 
1  1 VAL A 2  ? ? -179.94 -179.93 
2  1 ALA A 7  ? ? -166.64 -115.44 
3  1 PRO A 18 ? ? -58.98  102.57  
4  1 TRP A 28 ? ? -152.97 -138.46 
5  1 CYS A 33 ? ? 15.93   64.40   
6  1 SER A 35 ? ? -67.84  50.35   
7  1 PRO A 49 ? ? -66.66  15.85   
8  1 LYS A 51 ? ? -108.95 -161.70 
9  1 LYS A 52 ? ? -131.74 -47.00  
10 1 TYR A 54 ? ? -157.89 -51.00  
11 1 LYS A 64 ? ? 49.45   -23.59  
12 1 LYS A 70 ? ? -167.31 -61.55  
13 1 PRO A 73 ? ? -63.28  98.18   
14 1 TYR B 4  ? ? -58.97  -165.33 
15 1 GLU B 5  ? ? -106.63 40.10   
16 1 SER B 6  ? ? -148.77 -4.46   
17 1 PRO B 10 ? ? -74.81  24.87   
# 
loop_
_pdbx_validate_peptide_omega.id 
_pdbx_validate_peptide_omega.PDB_model_num 
_pdbx_validate_peptide_omega.auth_comp_id_1 
_pdbx_validate_peptide_omega.auth_asym_id_1 
_pdbx_validate_peptide_omega.auth_seq_id_1 
_pdbx_validate_peptide_omega.PDB_ins_code_1 
_pdbx_validate_peptide_omega.label_alt_id_1 
_pdbx_validate_peptide_omega.auth_comp_id_2 
_pdbx_validate_peptide_omega.auth_asym_id_2 
_pdbx_validate_peptide_omega.auth_seq_id_2 
_pdbx_validate_peptide_omega.PDB_ins_code_2 
_pdbx_validate_peptide_omega.label_alt_id_2 
_pdbx_validate_peptide_omega.omega 
1 1 THR A 5  ? ? THR A 6  ? ? 140.52 
2 1 PRO A 10 ? ? ILE A 11 ? ? 145.78 
3 1 CYS A 59 ? ? CYS A 60 ? ? 148.52 
# 
loop_
_pdbx_validate_planes.id 
_pdbx_validate_planes.PDB_model_num 
_pdbx_validate_planes.auth_comp_id 
_pdbx_validate_planes.auth_asym_id 
_pdbx_validate_planes.auth_seq_id 
_pdbx_validate_planes.PDB_ins_code 
_pdbx_validate_planes.label_alt_id 
_pdbx_validate_planes.rmsd 
_pdbx_validate_planes.type 
1 1 TYR A 24 ? ? 0.126 'SIDE CHAIN' 
2 1 ARG A 25 ? ? 0.089 'SIDE CHAIN' 
3 1 TYR A 54 ? ? 0.077 'SIDE CHAIN' 
# 
_pdbx_nmr_ensemble.entry_id                                      1JBD 
_pdbx_nmr_ensemble.conformers_calculated_total_number            100 
_pdbx_nmr_ensemble.conformers_submitted_total_number             1 
_pdbx_nmr_ensemble.conformer_selection_criteria                  'structures with the lowest energy' 
_pdbx_nmr_ensemble.average_constraints_per_residue               ? 
_pdbx_nmr_ensemble.average_constraint_violations_per_residue     ? 
_pdbx_nmr_ensemble.maximum_distance_constraint_violation         ? 
_pdbx_nmr_ensemble.average_distance_constraint_violation         ? 
_pdbx_nmr_ensemble.maximum_upper_distance_constraint_violation   ? 
_pdbx_nmr_ensemble.maximum_lower_distance_constraint_violation   ? 
_pdbx_nmr_ensemble.distance_constraint_violation_method          ? 
_pdbx_nmr_ensemble.maximum_torsion_angle_constraint_violation    ? 
_pdbx_nmr_ensemble.average_torsion_angle_constraint_violation    ? 
_pdbx_nmr_ensemble.torsion_angle_constraint_violation_method     ? 
# 
_pdbx_nmr_representative.entry_id             1JBD 
_pdbx_nmr_representative.conformer_id         1 
_pdbx_nmr_representative.selection_criteria   'minimized average structure' 
# 
_pdbx_nmr_sample_details.solution_id      1 
_pdbx_nmr_sample_details.contents         '0.5MM ALPHA-BUNGAROTOXIN; 90% H2O, 10% D2O' 
_pdbx_nmr_sample_details.solvent_system   '90% H2O/10% D2O' 
# 
_pdbx_nmr_exptl_sample_conditions.conditions_id       1 
_pdbx_nmr_exptl_sample_conditions.temperature         300 
_pdbx_nmr_exptl_sample_conditions.pressure            ambient 
_pdbx_nmr_exptl_sample_conditions.pH                  5.67 
_pdbx_nmr_exptl_sample_conditions.ionic_strength      ? 
_pdbx_nmr_exptl_sample_conditions.pressure_units      ? 
_pdbx_nmr_exptl_sample_conditions.temperature_units   K 
# 
_pdbx_nmr_exptl.experiment_id   1 
_pdbx_nmr_exptl.solution_id     1 
_pdbx_nmr_exptl.conditions_id   1 
_pdbx_nmr_exptl.type            '2D NOESY' 
# 
_pdbx_nmr_refine.entry_id           1JBD 
_pdbx_nmr_refine.method             'molecular dynamics' 
_pdbx_nmr_refine.details            
;the structures are based on a total of 1606 restraints,  
1475 are intra-molecular protein NOEs (759 long-range protein NOEs), 74 intra-molecular peptide NOEs (27 long-range peptide NOEs), 
57 intermolecular protein-peptide restraints.
;
_pdbx_nmr_refine.software_ordinal   1 
# 
loop_
_pdbx_nmr_software.name 
_pdbx_nmr_software.version 
_pdbx_nmr_software.classification 
_pdbx_nmr_software.authors 
_pdbx_nmr_software.ordinal 
XwinNMR 2.1 collection           Bruker                                         1 
XwinNMR 2.1 processing           Bruker                                         2 
NMRView 4.1 'data analysis'      'Johnson, B.A. and Blevins, R.A.'              3 
DIANA   1.5 'structure solution' 'Guntert, P, Mumenthaler, C. and Wuthrich, K.' 4 
DIANA   1.5 refinement           'Guntert, P, Mumenthaler, C. and Wuthrich, K.' 5 
# 
loop_
_chem_comp_atom.comp_id 
_chem_comp_atom.atom_id 
_chem_comp_atom.type_symbol 
_chem_comp_atom.pdbx_aromatic_flag 
_chem_comp_atom.pdbx_stereo_config 
_chem_comp_atom.pdbx_ordinal 
ALA N    N N N 1   
ALA CA   C N S 2   
ALA C    C N N 3   
ALA O    O N N 4   
ALA CB   C N N 5   
ALA OXT  O N N 6   
ALA H    H N N 7   
ALA H2   H N N 8   
ALA HA   H N N 9   
ALA HB1  H N N 10  
ALA HB2  H N N 11  
ALA HB3  H N N 12  
ALA HXT  H N N 13  
ARG N    N N N 14  
ARG CA   C N S 15  
ARG C    C N N 16  
ARG O    O N N 17  
ARG CB   C N N 18  
ARG CG   C N N 19  
ARG CD   C N N 20  
ARG NE   N N N 21  
ARG CZ   C N N 22  
ARG NH1  N N N 23  
ARG NH2  N N N 24  
ARG OXT  O N N 25  
ARG H    H N N 26  
ARG H2   H N N 27  
ARG HA   H N N 28  
ARG HB2  H N N 29  
ARG HB3  H N N 30  
ARG HG2  H N N 31  
ARG HG3  H N N 32  
ARG HD2  H N N 33  
ARG HD3  H N N 34  
ARG HE   H N N 35  
ARG HH11 H N N 36  
ARG HH12 H N N 37  
ARG HH21 H N N 38  
ARG HH22 H N N 39  
ARG HXT  H N N 40  
ASN N    N N N 41  
ASN CA   C N S 42  
ASN C    C N N 43  
ASN O    O N N 44  
ASN CB   C N N 45  
ASN CG   C N N 46  
ASN OD1  O N N 47  
ASN ND2  N N N 48  
ASN OXT  O N N 49  
ASN H    H N N 50  
ASN H2   H N N 51  
ASN HA   H N N 52  
ASN HB2  H N N 53  
ASN HB3  H N N 54  
ASN HD21 H N N 55  
ASN HD22 H N N 56  
ASN HXT  H N N 57  
ASP N    N N N 58  
ASP CA   C N S 59  
ASP C    C N N 60  
ASP O    O N N 61  
ASP CB   C N N 62  
ASP CG   C N N 63  
ASP OD1  O N N 64  
ASP OD2  O N N 65  
ASP OXT  O N N 66  
ASP H    H N N 67  
ASP H2   H N N 68  
ASP HA   H N N 69  
ASP HB2  H N N 70  
ASP HB3  H N N 71  
ASP HD2  H N N 72  
ASP HXT  H N N 73  
CYS N    N N N 74  
CYS CA   C N R 75  
CYS C    C N N 76  
CYS O    O N N 77  
CYS CB   C N N 78  
CYS SG   S N N 79  
CYS OXT  O N N 80  
CYS H    H N N 81  
CYS H2   H N N 82  
CYS HA   H N N 83  
CYS HB2  H N N 84  
CYS HB3  H N N 85  
CYS HG   H N N 86  
CYS HXT  H N N 87  
GLN N    N N N 88  
GLN CA   C N S 89  
GLN C    C N N 90  
GLN O    O N N 91  
GLN CB   C N N 92  
GLN CG   C N N 93  
GLN CD   C N N 94  
GLN OE1  O N N 95  
GLN NE2  N N N 96  
GLN OXT  O N N 97  
GLN H    H N N 98  
GLN H2   H N N 99  
GLN HA   H N N 100 
GLN HB2  H N N 101 
GLN HB3  H N N 102 
GLN HG2  H N N 103 
GLN HG3  H N N 104 
GLN HE21 H N N 105 
GLN HE22 H N N 106 
GLN HXT  H N N 107 
GLU N    N N N 108 
GLU CA   C N S 109 
GLU C    C N N 110 
GLU O    O N N 111 
GLU CB   C N N 112 
GLU CG   C N N 113 
GLU CD   C N N 114 
GLU OE1  O N N 115 
GLU OE2  O N N 116 
GLU OXT  O N N 117 
GLU H    H N N 118 
GLU H2   H N N 119 
GLU HA   H N N 120 
GLU HB2  H N N 121 
GLU HB3  H N N 122 
GLU HG2  H N N 123 
GLU HG3  H N N 124 
GLU HE2  H N N 125 
GLU HXT  H N N 126 
GLY N    N N N 127 
GLY CA   C N N 128 
GLY C    C N N 129 
GLY O    O N N 130 
GLY OXT  O N N 131 
GLY H    H N N 132 
GLY H2   H N N 133 
GLY HA2  H N N 134 
GLY HA3  H N N 135 
GLY HXT  H N N 136 
HIS N    N N N 137 
HIS CA   C N S 138 
HIS C    C N N 139 
HIS O    O N N 140 
HIS CB   C N N 141 
HIS CG   C Y N 142 
HIS ND1  N Y N 143 
HIS CD2  C Y N 144 
HIS CE1  C Y N 145 
HIS NE2  N Y N 146 
HIS OXT  O N N 147 
HIS H    H N N 148 
HIS H2   H N N 149 
HIS HA   H N N 150 
HIS HB2  H N N 151 
HIS HB3  H N N 152 
HIS HD1  H N N 153 
HIS HD2  H N N 154 
HIS HE1  H N N 155 
HIS HE2  H N N 156 
HIS HXT  H N N 157 
ILE N    N N N 158 
ILE CA   C N S 159 
ILE C    C N N 160 
ILE O    O N N 161 
ILE CB   C N S 162 
ILE CG1  C N N 163 
ILE CG2  C N N 164 
ILE CD1  C N N 165 
ILE OXT  O N N 166 
ILE H    H N N 167 
ILE H2   H N N 168 
ILE HA   H N N 169 
ILE HB   H N N 170 
ILE HG12 H N N 171 
ILE HG13 H N N 172 
ILE HG21 H N N 173 
ILE HG22 H N N 174 
ILE HG23 H N N 175 
ILE HD11 H N N 176 
ILE HD12 H N N 177 
ILE HD13 H N N 178 
ILE HXT  H N N 179 
LEU N    N N N 180 
LEU CA   C N S 181 
LEU C    C N N 182 
LEU O    O N N 183 
LEU CB   C N N 184 
LEU CG   C N N 185 
LEU CD1  C N N 186 
LEU CD2  C N N 187 
LEU OXT  O N N 188 
LEU H    H N N 189 
LEU H2   H N N 190 
LEU HA   H N N 191 
LEU HB2  H N N 192 
LEU HB3  H N N 193 
LEU HG   H N N 194 
LEU HD11 H N N 195 
LEU HD12 H N N 196 
LEU HD13 H N N 197 
LEU HD21 H N N 198 
LEU HD22 H N N 199 
LEU HD23 H N N 200 
LEU HXT  H N N 201 
LYS N    N N N 202 
LYS CA   C N S 203 
LYS C    C N N 204 
LYS O    O N N 205 
LYS CB   C N N 206 
LYS CG   C N N 207 
LYS CD   C N N 208 
LYS CE   C N N 209 
LYS NZ   N N N 210 
LYS OXT  O N N 211 
LYS H    H N N 212 
LYS H2   H N N 213 
LYS HA   H N N 214 
LYS HB2  H N N 215 
LYS HB3  H N N 216 
LYS HG2  H N N 217 
LYS HG3  H N N 218 
LYS HD2  H N N 219 
LYS HD3  H N N 220 
LYS HE2  H N N 221 
LYS HE3  H N N 222 
LYS HZ1  H N N 223 
LYS HZ2  H N N 224 
LYS HZ3  H N N 225 
LYS HXT  H N N 226 
MET N    N N N 227 
MET CA   C N S 228 
MET C    C N N 229 
MET O    O N N 230 
MET CB   C N N 231 
MET CG   C N N 232 
MET SD   S N N 233 
MET CE   C N N 234 
MET OXT  O N N 235 
MET H    H N N 236 
MET H2   H N N 237 
MET HA   H N N 238 
MET HB2  H N N 239 
MET HB3  H N N 240 
MET HG2  H N N 241 
MET HG3  H N N 242 
MET HE1  H N N 243 
MET HE2  H N N 244 
MET HE3  H N N 245 
MET HXT  H N N 246 
PHE N    N N N 247 
PHE CA   C N S 248 
PHE C    C N N 249 
PHE O    O N N 250 
PHE CB   C N N 251 
PHE CG   C Y N 252 
PHE CD1  C Y N 253 
PHE CD2  C Y N 254 
PHE CE1  C Y N 255 
PHE CE2  C Y N 256 
PHE CZ   C Y N 257 
PHE OXT  O N N 258 
PHE H    H N N 259 
PHE H2   H N N 260 
PHE HA   H N N 261 
PHE HB2  H N N 262 
PHE HB3  H N N 263 
PHE HD1  H N N 264 
PHE HD2  H N N 265 
PHE HE1  H N N 266 
PHE HE2  H N N 267 
PHE HZ   H N N 268 
PHE HXT  H N N 269 
PRO N    N N N 270 
PRO CA   C N S 271 
PRO C    C N N 272 
PRO O    O N N 273 
PRO CB   C N N 274 
PRO CG   C N N 275 
PRO CD   C N N 276 
PRO OXT  O N N 277 
PRO H    H N N 278 
PRO HA   H N N 279 
PRO HB2  H N N 280 
PRO HB3  H N N 281 
PRO HG2  H N N 282 
PRO HG3  H N N 283 
PRO HD2  H N N 284 
PRO HD3  H N N 285 
PRO HXT  H N N 286 
SER N    N N N 287 
SER CA   C N S 288 
SER C    C N N 289 
SER O    O N N 290 
SER CB   C N N 291 
SER OG   O N N 292 
SER OXT  O N N 293 
SER H    H N N 294 
SER H2   H N N 295 
SER HA   H N N 296 
SER HB2  H N N 297 
SER HB3  H N N 298 
SER HG   H N N 299 
SER HXT  H N N 300 
THR N    N N N 301 
THR CA   C N S 302 
THR C    C N N 303 
THR O    O N N 304 
THR CB   C N R 305 
THR OG1  O N N 306 
THR CG2  C N N 307 
THR OXT  O N N 308 
THR H    H N N 309 
THR H2   H N N 310 
THR HA   H N N 311 
THR HB   H N N 312 
THR HG1  H N N 313 
THR HG21 H N N 314 
THR HG22 H N N 315 
THR HG23 H N N 316 
THR HXT  H N N 317 
TRP N    N N N 318 
TRP CA   C N S 319 
TRP C    C N N 320 
TRP O    O N N 321 
TRP CB   C N N 322 
TRP CG   C Y N 323 
TRP CD1  C Y N 324 
TRP CD2  C Y N 325 
TRP NE1  N Y N 326 
TRP CE2  C Y N 327 
TRP CE3  C Y N 328 
TRP CZ2  C Y N 329 
TRP CZ3  C Y N 330 
TRP CH2  C Y N 331 
TRP OXT  O N N 332 
TRP H    H N N 333 
TRP H2   H N N 334 
TRP HA   H N N 335 
TRP HB2  H N N 336 
TRP HB3  H N N 337 
TRP HD1  H N N 338 
TRP HE1  H N N 339 
TRP HE3  H N N 340 
TRP HZ2  H N N 341 
TRP HZ3  H N N 342 
TRP HH2  H N N 343 
TRP HXT  H N N 344 
TYR N    N N N 345 
TYR CA   C N S 346 
TYR C    C N N 347 
TYR O    O N N 348 
TYR CB   C N N 349 
TYR CG   C Y N 350 
TYR CD1  C Y N 351 
TYR CD2  C Y N 352 
TYR CE1  C Y N 353 
TYR CE2  C Y N 354 
TYR CZ   C Y N 355 
TYR OH   O N N 356 
TYR OXT  O N N 357 
TYR H    H N N 358 
TYR H2   H N N 359 
TYR HA   H N N 360 
TYR HB2  H N N 361 
TYR HB3  H N N 362 
TYR HD1  H N N 363 
TYR HD2  H N N 364 
TYR HE1  H N N 365 
TYR HE2  H N N 366 
TYR HH   H N N 367 
TYR HXT  H N N 368 
VAL N    N N N 369 
VAL CA   C N S 370 
VAL C    C N N 371 
VAL O    O N N 372 
VAL CB   C N N 373 
VAL CG1  C N N 374 
VAL CG2  C N N 375 
VAL OXT  O N N 376 
VAL H    H N N 377 
VAL H2   H N N 378 
VAL HA   H N N 379 
VAL HB   H N N 380 
VAL HG11 H N N 381 
VAL HG12 H N N 382 
VAL HG13 H N N 383 
VAL HG21 H N N 384 
VAL HG22 H N N 385 
VAL HG23 H N N 386 
VAL HXT  H N N 387 
# 
loop_
_chem_comp_bond.comp_id 
_chem_comp_bond.atom_id_1 
_chem_comp_bond.atom_id_2 
_chem_comp_bond.value_order 
_chem_comp_bond.pdbx_aromatic_flag 
_chem_comp_bond.pdbx_stereo_config 
_chem_comp_bond.pdbx_ordinal 
ALA N   CA   sing N N 1   
ALA N   H    sing N N 2   
ALA N   H2   sing N N 3   
ALA CA  C    sing N N 4   
ALA CA  CB   sing N N 5   
ALA CA  HA   sing N N 6   
ALA C   O    doub N N 7   
ALA C   OXT  sing N N 8   
ALA CB  HB1  sing N N 9   
ALA CB  HB2  sing N N 10  
ALA CB  HB3  sing N N 11  
ALA OXT HXT  sing N N 12  
ARG N   CA   sing N N 13  
ARG N   H    sing N N 14  
ARG N   H2   sing N N 15  
ARG CA  C    sing N N 16  
ARG CA  CB   sing N N 17  
ARG CA  HA   sing N N 18  
ARG C   O    doub N N 19  
ARG C   OXT  sing N N 20  
ARG CB  CG   sing N N 21  
ARG CB  HB2  sing N N 22  
ARG CB  HB3  sing N N 23  
ARG CG  CD   sing N N 24  
ARG CG  HG2  sing N N 25  
ARG CG  HG3  sing N N 26  
ARG CD  NE   sing N N 27  
ARG CD  HD2  sing N N 28  
ARG CD  HD3  sing N N 29  
ARG NE  CZ   sing N N 30  
ARG NE  HE   sing N N 31  
ARG CZ  NH1  sing N N 32  
ARG CZ  NH2  doub N N 33  
ARG NH1 HH11 sing N N 34  
ARG NH1 HH12 sing N N 35  
ARG NH2 HH21 sing N N 36  
ARG NH2 HH22 sing N N 37  
ARG OXT HXT  sing N N 38  
ASN N   CA   sing N N 39  
ASN N   H    sing N N 40  
ASN N   H2   sing N N 41  
ASN CA  C    sing N N 42  
ASN CA  CB   sing N N 43  
ASN CA  HA   sing N N 44  
ASN C   O    doub N N 45  
ASN C   OXT  sing N N 46  
ASN CB  CG   sing N N 47  
ASN CB  HB2  sing N N 48  
ASN CB  HB3  sing N N 49  
ASN CG  OD1  doub N N 50  
ASN CG  ND2  sing N N 51  
ASN ND2 HD21 sing N N 52  
ASN ND2 HD22 sing N N 53  
ASN OXT HXT  sing N N 54  
ASP N   CA   sing N N 55  
ASP N   H    sing N N 56  
ASP N   H2   sing N N 57  
ASP CA  C    sing N N 58  
ASP CA  CB   sing N N 59  
ASP CA  HA   sing N N 60  
ASP C   O    doub N N 61  
ASP C   OXT  sing N N 62  
ASP CB  CG   sing N N 63  
ASP CB  HB2  sing N N 64  
ASP CB  HB3  sing N N 65  
ASP CG  OD1  doub N N 66  
ASP CG  OD2  sing N N 67  
ASP OD2 HD2  sing N N 68  
ASP OXT HXT  sing N N 69  
CYS N   CA   sing N N 70  
CYS N   H    sing N N 71  
CYS N   H2   sing N N 72  
CYS CA  C    sing N N 73  
CYS CA  CB   sing N N 74  
CYS CA  HA   sing N N 75  
CYS C   O    doub N N 76  
CYS C   OXT  sing N N 77  
CYS CB  SG   sing N N 78  
CYS CB  HB2  sing N N 79  
CYS CB  HB3  sing N N 80  
CYS SG  HG   sing N N 81  
CYS OXT HXT  sing N N 82  
GLN N   CA   sing N N 83  
GLN N   H    sing N N 84  
GLN N   H2   sing N N 85  
GLN CA  C    sing N N 86  
GLN CA  CB   sing N N 87  
GLN CA  HA   sing N N 88  
GLN C   O    doub N N 89  
GLN C   OXT  sing N N 90  
GLN CB  CG   sing N N 91  
GLN CB  HB2  sing N N 92  
GLN CB  HB3  sing N N 93  
GLN CG  CD   sing N N 94  
GLN CG  HG2  sing N N 95  
GLN CG  HG3  sing N N 96  
GLN CD  OE1  doub N N 97  
GLN CD  NE2  sing N N 98  
GLN NE2 HE21 sing N N 99  
GLN NE2 HE22 sing N N 100 
GLN OXT HXT  sing N N 101 
GLU N   CA   sing N N 102 
GLU N   H    sing N N 103 
GLU N   H2   sing N N 104 
GLU CA  C    sing N N 105 
GLU CA  CB   sing N N 106 
GLU CA  HA   sing N N 107 
GLU C   O    doub N N 108 
GLU C   OXT  sing N N 109 
GLU CB  CG   sing N N 110 
GLU CB  HB2  sing N N 111 
GLU CB  HB3  sing N N 112 
GLU CG  CD   sing N N 113 
GLU CG  HG2  sing N N 114 
GLU CG  HG3  sing N N 115 
GLU CD  OE1  doub N N 116 
GLU CD  OE2  sing N N 117 
GLU OE2 HE2  sing N N 118 
GLU OXT HXT  sing N N 119 
GLY N   CA   sing N N 120 
GLY N   H    sing N N 121 
GLY N   H2   sing N N 122 
GLY CA  C    sing N N 123 
GLY CA  HA2  sing N N 124 
GLY CA  HA3  sing N N 125 
GLY C   O    doub N N 126 
GLY C   OXT  sing N N 127 
GLY OXT HXT  sing N N 128 
HIS N   CA   sing N N 129 
HIS N   H    sing N N 130 
HIS N   H2   sing N N 131 
HIS CA  C    sing N N 132 
HIS CA  CB   sing N N 133 
HIS CA  HA   sing N N 134 
HIS C   O    doub N N 135 
HIS C   OXT  sing N N 136 
HIS CB  CG   sing N N 137 
HIS CB  HB2  sing N N 138 
HIS CB  HB3  sing N N 139 
HIS CG  ND1  sing Y N 140 
HIS CG  CD2  doub Y N 141 
HIS ND1 CE1  doub Y N 142 
HIS ND1 HD1  sing N N 143 
HIS CD2 NE2  sing Y N 144 
HIS CD2 HD2  sing N N 145 
HIS CE1 NE2  sing Y N 146 
HIS CE1 HE1  sing N N 147 
HIS NE2 HE2  sing N N 148 
HIS OXT HXT  sing N N 149 
ILE N   CA   sing N N 150 
ILE N   H    sing N N 151 
ILE N   H2   sing N N 152 
ILE CA  C    sing N N 153 
ILE CA  CB   sing N N 154 
ILE CA  HA   sing N N 155 
ILE C   O    doub N N 156 
ILE C   OXT  sing N N 157 
ILE CB  CG1  sing N N 158 
ILE CB  CG2  sing N N 159 
ILE CB  HB   sing N N 160 
ILE CG1 CD1  sing N N 161 
ILE CG1 HG12 sing N N 162 
ILE CG1 HG13 sing N N 163 
ILE CG2 HG21 sing N N 164 
ILE CG2 HG22 sing N N 165 
ILE CG2 HG23 sing N N 166 
ILE CD1 HD11 sing N N 167 
ILE CD1 HD12 sing N N 168 
ILE CD1 HD13 sing N N 169 
ILE OXT HXT  sing N N 170 
LEU N   CA   sing N N 171 
LEU N   H    sing N N 172 
LEU N   H2   sing N N 173 
LEU CA  C    sing N N 174 
LEU CA  CB   sing N N 175 
LEU CA  HA   sing N N 176 
LEU C   O    doub N N 177 
LEU C   OXT  sing N N 178 
LEU CB  CG   sing N N 179 
LEU CB  HB2  sing N N 180 
LEU CB  HB3  sing N N 181 
LEU CG  CD1  sing N N 182 
LEU CG  CD2  sing N N 183 
LEU CG  HG   sing N N 184 
LEU CD1 HD11 sing N N 185 
LEU CD1 HD12 sing N N 186 
LEU CD1 HD13 sing N N 187 
LEU CD2 HD21 sing N N 188 
LEU CD2 HD22 sing N N 189 
LEU CD2 HD23 sing N N 190 
LEU OXT HXT  sing N N 191 
LYS N   CA   sing N N 192 
LYS N   H    sing N N 193 
LYS N   H2   sing N N 194 
LYS CA  C    sing N N 195 
LYS CA  CB   sing N N 196 
LYS CA  HA   sing N N 197 
LYS C   O    doub N N 198 
LYS C   OXT  sing N N 199 
LYS CB  CG   sing N N 200 
LYS CB  HB2  sing N N 201 
LYS CB  HB3  sing N N 202 
LYS CG  CD   sing N N 203 
LYS CG  HG2  sing N N 204 
LYS CG  HG3  sing N N 205 
LYS CD  CE   sing N N 206 
LYS CD  HD2  sing N N 207 
LYS CD  HD3  sing N N 208 
LYS CE  NZ   sing N N 209 
LYS CE  HE2  sing N N 210 
LYS CE  HE3  sing N N 211 
LYS NZ  HZ1  sing N N 212 
LYS NZ  HZ2  sing N N 213 
LYS NZ  HZ3  sing N N 214 
LYS OXT HXT  sing N N 215 
MET N   CA   sing N N 216 
MET N   H    sing N N 217 
MET N   H2   sing N N 218 
MET CA  C    sing N N 219 
MET CA  CB   sing N N 220 
MET CA  HA   sing N N 221 
MET C   O    doub N N 222 
MET C   OXT  sing N N 223 
MET CB  CG   sing N N 224 
MET CB  HB2  sing N N 225 
MET CB  HB3  sing N N 226 
MET CG  SD   sing N N 227 
MET CG  HG2  sing N N 228 
MET CG  HG3  sing N N 229 
MET SD  CE   sing N N 230 
MET CE  HE1  sing N N 231 
MET CE  HE2  sing N N 232 
MET CE  HE3  sing N N 233 
MET OXT HXT  sing N N 234 
PHE N   CA   sing N N 235 
PHE N   H    sing N N 236 
PHE N   H2   sing N N 237 
PHE CA  C    sing N N 238 
PHE CA  CB   sing N N 239 
PHE CA  HA   sing N N 240 
PHE C   O    doub N N 241 
PHE C   OXT  sing N N 242 
PHE CB  CG   sing N N 243 
PHE CB  HB2  sing N N 244 
PHE CB  HB3  sing N N 245 
PHE CG  CD1  doub Y N 246 
PHE CG  CD2  sing Y N 247 
PHE CD1 CE1  sing Y N 248 
PHE CD1 HD1  sing N N 249 
PHE CD2 CE2  doub Y N 250 
PHE CD2 HD2  sing N N 251 
PHE CE1 CZ   doub Y N 252 
PHE CE1 HE1  sing N N 253 
PHE CE2 CZ   sing Y N 254 
PHE CE2 HE2  sing N N 255 
PHE CZ  HZ   sing N N 256 
PHE OXT HXT  sing N N 257 
PRO N   CA   sing N N 258 
PRO N   CD   sing N N 259 
PRO N   H    sing N N 260 
PRO CA  C    sing N N 261 
PRO CA  CB   sing N N 262 
PRO CA  HA   sing N N 263 
PRO C   O    doub N N 264 
PRO C   OXT  sing N N 265 
PRO CB  CG   sing N N 266 
PRO CB  HB2  sing N N 267 
PRO CB  HB3  sing N N 268 
PRO CG  CD   sing N N 269 
PRO CG  HG2  sing N N 270 
PRO CG  HG3  sing N N 271 
PRO CD  HD2  sing N N 272 
PRO CD  HD3  sing N N 273 
PRO OXT HXT  sing N N 274 
SER N   CA   sing N N 275 
SER N   H    sing N N 276 
SER N   H2   sing N N 277 
SER CA  C    sing N N 278 
SER CA  CB   sing N N 279 
SER CA  HA   sing N N 280 
SER C   O    doub N N 281 
SER C   OXT  sing N N 282 
SER CB  OG   sing N N 283 
SER CB  HB2  sing N N 284 
SER CB  HB3  sing N N 285 
SER OG  HG   sing N N 286 
SER OXT HXT  sing N N 287 
THR N   CA   sing N N 288 
THR N   H    sing N N 289 
THR N   H2   sing N N 290 
THR CA  C    sing N N 291 
THR CA  CB   sing N N 292 
THR CA  HA   sing N N 293 
THR C   O    doub N N 294 
THR C   OXT  sing N N 295 
THR CB  OG1  sing N N 296 
THR CB  CG2  sing N N 297 
THR CB  HB   sing N N 298 
THR OG1 HG1  sing N N 299 
THR CG2 HG21 sing N N 300 
THR CG2 HG22 sing N N 301 
THR CG2 HG23 sing N N 302 
THR OXT HXT  sing N N 303 
TRP N   CA   sing N N 304 
TRP N   H    sing N N 305 
TRP N   H2   sing N N 306 
TRP CA  C    sing N N 307 
TRP CA  CB   sing N N 308 
TRP CA  HA   sing N N 309 
TRP C   O    doub N N 310 
TRP C   OXT  sing N N 311 
TRP CB  CG   sing N N 312 
TRP CB  HB2  sing N N 313 
TRP CB  HB3  sing N N 314 
TRP CG  CD1  doub Y N 315 
TRP CG  CD2  sing Y N 316 
TRP CD1 NE1  sing Y N 317 
TRP CD1 HD1  sing N N 318 
TRP CD2 CE2  doub Y N 319 
TRP CD2 CE3  sing Y N 320 
TRP NE1 CE2  sing Y N 321 
TRP NE1 HE1  sing N N 322 
TRP CE2 CZ2  sing Y N 323 
TRP CE3 CZ3  doub Y N 324 
TRP CE3 HE3  sing N N 325 
TRP CZ2 CH2  doub Y N 326 
TRP CZ2 HZ2  sing N N 327 
TRP CZ3 CH2  sing Y N 328 
TRP CZ3 HZ3  sing N N 329 
TRP CH2 HH2  sing N N 330 
TRP OXT HXT  sing N N 331 
TYR N   CA   sing N N 332 
TYR N   H    sing N N 333 
TYR N   H2   sing N N 334 
TYR CA  C    sing N N 335 
TYR CA  CB   sing N N 336 
TYR CA  HA   sing N N 337 
TYR C   O    doub N N 338 
TYR C   OXT  sing N N 339 
TYR CB  CG   sing N N 340 
TYR CB  HB2  sing N N 341 
TYR CB  HB3  sing N N 342 
TYR CG  CD1  doub Y N 343 
TYR CG  CD2  sing Y N 344 
TYR CD1 CE1  sing Y N 345 
TYR CD1 HD1  sing N N 346 
TYR CD2 CE2  doub Y N 347 
TYR CD2 HD2  sing N N 348 
TYR CE1 CZ   doub Y N 349 
TYR CE1 HE1  sing N N 350 
TYR CE2 CZ   sing Y N 351 
TYR CE2 HE2  sing N N 352 
TYR CZ  OH   sing N N 353 
TYR OH  HH   sing N N 354 
TYR OXT HXT  sing N N 355 
VAL N   CA   sing N N 356 
VAL N   H    sing N N 357 
VAL N   H2   sing N N 358 
VAL CA  C    sing N N 359 
VAL CA  CB   sing N N 360 
VAL CA  HA   sing N N 361 
VAL C   O    doub N N 362 
VAL C   OXT  sing N N 363 
VAL CB  CG1  sing N N 364 
VAL CB  CG2  sing N N 365 
VAL CB  HB   sing N N 366 
VAL CG1 HG11 sing N N 367 
VAL CG1 HG12 sing N N 368 
VAL CG1 HG13 sing N N 369 
VAL CG2 HG21 sing N N 370 
VAL CG2 HG22 sing N N 371 
VAL CG2 HG23 sing N N 372 
VAL OXT HXT  sing N N 373 
# 
_pdbx_nmr_spectrometer.spectrometer_id   1 
_pdbx_nmr_spectrometer.type              ? 
_pdbx_nmr_spectrometer.manufacturer      Bruker 
_pdbx_nmr_spectrometer.model             DRX 
_pdbx_nmr_spectrometer.field_strength    600 
# 
_atom_sites.entry_id                    1JBD 
_atom_sites.fract_transf_matrix[1][1]   1.000000 
_atom_sites.fract_transf_matrix[1][2]   0.000000 
_atom_sites.fract_transf_matrix[1][3]   0.000000 
_atom_sites.fract_transf_matrix[2][1]   0.000000 
_atom_sites.fract_transf_matrix[2][2]   1.000000 
_atom_sites.fract_transf_matrix[2][3]   0.000000 
_atom_sites.fract_transf_matrix[3][1]   0.000000 
_atom_sites.fract_transf_matrix[3][2]   0.000000 
_atom_sites.fract_transf_matrix[3][3]   1.000000 
_atom_sites.fract_transf_vector[1]      0.00000 
_atom_sites.fract_transf_vector[2]      0.00000 
_atom_sites.fract_transf_vector[3]      0.00000 
# 
loop_
_atom_type.symbol 
C 
H 
N 
O 
S 
# 
loop_
_atom_site.group_PDB 
_atom_site.id 
_atom_site.type_symbol 
_atom_site.label_atom_id 
_atom_site.label_alt_id 
_atom_site.label_comp_id 
_atom_site.label_asym_id 
_atom_site.label_entity_id 
_atom_site.label_seq_id 
_atom_site.pdbx_PDB_ins_code 
_atom_site.Cartn_x 
_atom_site.Cartn_y 
_atom_site.Cartn_z 
_atom_site.occupancy 
_atom_site.B_iso_or_equiv 
_atom_site.pdbx_formal_charge 
_atom_site.auth_seq_id 
_atom_site.auth_comp_id 
_atom_site.auth_asym_id 
_atom_site.auth_atom_id 
_atom_site.pdbx_PDB_model_num 
ATOM 1    N N    . ILE A 1 1  ? -7.583  13.544  11.763  1.00 0.00  ? 1  ILE A N    1 
ATOM 2    C CA   . ILE A 1 1  ? -7.711  12.360  10.937  1.00 0.00  ? 1  ILE A CA   1 
ATOM 3    C C    . ILE A 1 1  ? -6.397  12.091  10.219  1.00 0.00  ? 1  ILE A C    1 
ATOM 4    O O    . ILE A 1 1  ? -5.431  12.829  10.385  1.00 0.00  ? 1  ILE A O    1 
ATOM 5    C CB   . ILE A 1 1  ? -8.845  12.560  9.936   1.00 0.00  ? 1  ILE A CB   1 
ATOM 6    C CG1  . ILE A 1 1  ? -8.994  11.308  9.078   1.00 0.00  ? 1  ILE A CG1  1 
ATOM 7    C CG2  . ILE A 1 1  ? -8.530  13.754  9.041   1.00 0.00  ? 1  ILE A CG2  1 
ATOM 8    C CD1  . ILE A 1 1  ? -10.127 11.505  8.078   1.00 0.00  ? 1  ILE A CD1  1 
ATOM 9    H H1   . ILE A 1 1  ? -6.659  13.916  11.673  1.00 99.99 ? 1  ILE A H1   1 
ATOM 10   H H2   . ILE A 1 1  ? -8.211  14.288  11.537  1.00 99.99 ? 1  ILE A H2   1 
ATOM 11   H H3   . ILE A 1 1  ? -7.737  13.397  12.739  1.00 99.99 ? 1  ILE A H3   1 
ATOM 12   H HA   . ILE A 1 1  ? -7.947  11.507  11.574  1.00 0.00  ? 1  ILE A HA   1 
ATOM 13   H HB   . ILE A 1 1  ? -9.775  12.745  10.473  1.00 0.00  ? 1  ILE A HB   1 
ATOM 14   H HG12 . ILE A 1 1  ? -8.064  11.123  8.539   1.00 0.00  ? 1  ILE A HG12 1 
ATOM 15   H HG13 . ILE A 1 1  ? -9.219  10.454  9.717   1.00 0.00  ? 1  ILE A HG13 1 
ATOM 16   H HG21 . ILE A 1 1  ? -7.601  13.570  8.502   1.00 0.00  ? 1  ILE A HG21 1 
ATOM 17   H HG22 . ILE A 1 1  ? -9.341  13.899  8.328   1.00 0.00  ? 1  ILE A HG22 1 
ATOM 18   H HG23 . ILE A 1 1  ? -8.422  14.649  9.654   1.00 0.00  ? 1  ILE A HG23 1 
ATOM 19   N N    . VAL A 1 2  ? -6.362  11.024  9.416   1.00 0.00  ? 2  VAL A N    1 
ATOM 20   C CA   . VAL A 1 2  ? -5.170  10.661  8.676   1.00 0.00  ? 2  VAL A CA   1 
ATOM 21   C C    . VAL A 1 2  ? -5.436  9.408   7.852   1.00 0.00  ? 2  VAL A C    1 
ATOM 22   O O    . VAL A 1 2  ? -6.536  8.863   7.887   1.00 0.00  ? 2  VAL A O    1 
ATOM 23   C CB   . VAL A 1 2  ? -4.018  10.436  9.651   1.00 0.00  ? 2  VAL A CB   1 
ATOM 24   C CG1  . VAL A 1 2  ? -2.758  10.071  8.871   1.00 0.00  ? 2  VAL A CG1  1 
ATOM 25   C CG2  . VAL A 1 2  ? -3.771  11.711  10.451  1.00 0.00  ? 2  VAL A CG2  1 
ATOM 26   H H    . VAL A 1 2  ? -7.132  10.394  9.314   1.00 99.99 ? 2  VAL A H    1 
ATOM 27   H HA   . VAL A 1 2  ? -4.909  11.477  8.003   1.00 0.00  ? 2  VAL A HA   1 
ATOM 28   H HB   . VAL A 1 2  ? -4.272  9.623   10.332  1.00 0.00  ? 2  VAL A HB   1 
ATOM 29   H HG11 . VAL A 1 2  ? -1.935  9.910   9.567   1.00 0.00  ? 2  VAL A HG11 1 
ATOM 30   H HG12 . VAL A 1 2  ? -2.935  9.160   8.301   1.00 0.00  ? 2  VAL A HG12 1 
ATOM 31   H HG13 . VAL A 1 2  ? -2.504  10.883  8.191   1.00 0.00  ? 2  VAL A HG13 1 
ATOM 32   H HG21 . VAL A 1 2  ? -4.673  11.970  11.007  1.00 0.00  ? 2  VAL A HG21 1 
ATOM 33   H HG22 . VAL A 1 2  ? -2.949  11.550  11.147  1.00 0.00  ? 2  VAL A HG22 1 
ATOM 34   H HG23 . VAL A 1 2  ? -3.519  12.524  9.770   1.00 0.00  ? 2  VAL A HG23 1 
ATOM 35   N N    . CYS A 1 3  ? -4.450  8.907   7.095   1.00 0.00  ? 3  CYS A N    1 
ATOM 36   C CA   . CYS A 1 3  ? -4.444  7.574   6.450   1.00 0.00  ? 3  CYS A CA   1 
ATOM 37   C C    . CYS A 1 3  ? -3.075  6.905   6.674   1.00 0.00  ? 3  CYS A C    1 
ATOM 38   O O    . CYS A 1 3  ? -2.139  7.549   7.144   1.00 0.00  ? 3  CYS A O    1 
ATOM 39   C CB   . CYS A 1 3  ? -4.746  7.669   4.933   1.00 0.00  ? 3  CYS A CB   1 
ATOM 40   S SG   . CYS A 1 3  ? -6.468  7.445   4.396   1.00 0.00  ? 3  CYS A SG   1 
ATOM 41   H H    . CYS A 1 3  ? -3.646  9.486   6.951   1.00 99.99 ? 3  CYS A H    1 
ATOM 42   H HA   . CYS A 1 3  ? -5.217  6.964   6.918   1.00 0.00  ? 3  CYS A HA   1 
ATOM 43   H HB2  . CYS A 1 3  ? -4.422  8.657   4.607   1.00 0.00  ? 3  CYS A HB2  1 
ATOM 44   H HB3  . CYS A 1 3  ? -4.142  6.906   4.441   1.00 0.00  ? 3  CYS A HB3  1 
ATOM 45   N N    . HIS A 1 4  ? -2.925  5.622   6.311   1.00 0.00  ? 4  HIS A N    1 
ATOM 46   C CA   . HIS A 1 4  ? -1.608  4.970   6.174   1.00 0.00  ? 4  HIS A CA   1 
ATOM 47   C C    . HIS A 1 4  ? -0.942  5.361   4.843   1.00 0.00  ? 4  HIS A C    1 
ATOM 48   O O    . HIS A 1 4  ? -1.623  5.758   3.897   1.00 0.00  ? 4  HIS A O    1 
ATOM 49   C CB   . HIS A 1 4  ? -1.765  3.434   6.218   1.00 0.00  ? 4  HIS A CB   1 
ATOM 50   C CG   . HIS A 1 4  ? -2.116  2.867   7.573   1.00 0.00  ? 4  HIS A CG   1 
ATOM 51   N ND1  . HIS A 1 4  ? -1.421  3.069   8.755   1.00 0.00  ? 4  HIS A ND1  1 
ATOM 52   C CD2  . HIS A 1 4  ? -3.104  1.959   7.820   1.00 0.00  ? 4  HIS A CD2  1 
ATOM 53   C CE1  . HIS A 1 4  ? -1.989  2.291   9.701   1.00 0.00  ? 4  HIS A CE1  1 
ATOM 54   N NE2  . HIS A 1 4  ? -3.013  1.602   9.146   1.00 0.00  ? 4  HIS A NE2  1 
ATOM 55   H H    . HIS A 1 4  ? -3.745  5.081   6.125   1.00 99.99 ? 4  HIS A H    1 
ATOM 56   H HA   . HIS A 1 4  ? -0.973  5.289   7.000   1.00 0.00  ? 4  HIS A HA   1 
ATOM 57   H HB2  . HIS A 1 4  ? -2.550  3.151   5.517   1.00 0.00  ? 4  HIS A HB2  1 
ATOM 58   H HB3  . HIS A 1 4  ? -0.825  2.987   5.895   1.00 0.00  ? 4  HIS A HB3  1 
ATOM 59   H HD2  . HIS A 1 4  ? -3.824  1.588   7.105   1.00 0.00  ? 4  HIS A HD2  1 
ATOM 60   H HE1  . HIS A 1 4  ? -1.677  2.229   10.733  1.00 0.00  ? 4  HIS A HE1  1 
ATOM 61   H HE2  . HIS A 1 4  ? -3.609  0.940   9.623   1.00 0.00  ? 4  HIS A HE2  1 
ATOM 62   N N    . THR A 1 5  ? 0.372   5.142   4.745   1.00 0.00  ? 5  THR A N    1 
ATOM 63   C CA   . THR A 1 5  ? 1.123   5.115   3.487   1.00 0.00  ? 5  THR A CA   1 
ATOM 64   C C    . THR A 1 5  ? 1.851   3.778   3.315   1.00 0.00  ? 5  THR A C    1 
ATOM 65   O O    . THR A 1 5  ? 2.102   3.075   4.290   1.00 0.00  ? 5  THR A O    1 
ATOM 66   C CB   . THR A 1 5  ? 2.174   6.240   3.410   1.00 0.00  ? 5  THR A CB   1 
ATOM 67   O OG1  . THR A 1 5  ? 3.272   5.899   4.222   1.00 0.00  ? 5  THR A OG1  1 
ATOM 68   C CG2  . THR A 1 5  ? 1.648   7.617   3.818   1.00 0.00  ? 5  THR A CG2  1 
ATOM 69   H H    . THR A 1 5  ? 0.880   4.986   5.592   1.00 99.99 ? 5  THR A H    1 
ATOM 70   H HA   . THR A 1 5  ? 0.413   5.244   2.670   1.00 0.00  ? 5  THR A HA   1 
ATOM 71   H HB   . THR A 1 5  ? 2.514   6.307   2.377   1.00 0.00  ? 5  THR A HB   1 
ATOM 72   H HG1  . THR A 1 5  ? 3.959   6.625   4.179   1.00 99.99 ? 5  THR A HG1  1 
ATOM 73   H HG21 . THR A 1 5  ? 1.304   7.579   4.852   1.00 0.00  ? 5  THR A HG21 1 
ATOM 74   H HG22 . THR A 1 5  ? 2.433   8.369   3.731   1.00 0.00  ? 5  THR A HG22 1 
ATOM 75   H HG23 . THR A 1 5  ? 0.817   7.892   3.168   1.00 0.00  ? 5  THR A HG23 1 
ATOM 76   N N    . THR A 1 6  ? 2.274   3.495   2.083   1.00 0.00  ? 6  THR A N    1 
ATOM 77   C CA   . THR A 1 6  ? 3.556   2.854   1.758   1.00 0.00  ? 6  THR A CA   1 
ATOM 78   C C    . THR A 1 6  ? 4.040   3.478   0.454   1.00 0.00  ? 6  THR A C    1 
ATOM 79   O O    . THR A 1 6  ? 3.244   3.651   -0.462  1.00 0.00  ? 6  THR A O    1 
ATOM 80   C CB   . THR A 1 6  ? 3.491   1.317   1.604   1.00 0.00  ? 6  THR A CB   1 
ATOM 81   O OG1  . THR A 1 6  ? 2.287   0.889   1.014   1.00 0.00  ? 6  THR A OG1  1 
ATOM 82   C CG2  . THR A 1 6  ? 3.633   0.570   2.931   1.00 0.00  ? 6  THR A CG2  1 
ATOM 83   H H    . THR A 1 6  ? 1.672   3.737   1.321   1.00 99.99 ? 6  THR A H    1 
ATOM 84   H HA   . THR A 1 6  ? 4.263   3.082   2.556   1.00 0.00  ? 6  THR A HA   1 
ATOM 85   H HB   . THR A 1 6  ? 4.315   1.020   0.956   1.00 0.00  ? 6  THR A HB   1 
ATOM 86   H HG1  . THR A 1 6  ? 2.290   -0.109  0.935   1.00 99.99 ? 6  THR A HG1  1 
ATOM 87   H HG21 . THR A 1 6  ? 2.811   0.851   3.591   1.00 0.00  ? 6  THR A HG21 1 
ATOM 88   H HG22 . THR A 1 6  ? 3.609   -0.507  2.773   1.00 0.00  ? 6  THR A HG22 1 
ATOM 89   H HG23 . THR A 1 6  ? 4.581   0.841   3.397   1.00 0.00  ? 6  THR A HG23 1 
ATOM 90   N N    . ALA A 1 7  ? 5.322   3.851   0.394   1.00 0.00  ? 7  ALA A N    1 
ATOM 91   C CA   . ALA A 1 7  ? 5.981   4.406   -0.792  1.00 0.00  ? 7  ALA A CA   1 
ATOM 92   C C    . ALA A 1 7  ? 7.501   4.382   -0.547  1.00 0.00  ? 7  ALA A C    1 
ATOM 93   O O    . ALA A 1 7  ? 8.072   3.311   -0.359  1.00 0.00  ? 7  ALA A O    1 
ATOM 94   C CB   . ALA A 1 7  ? 5.424   5.814   -1.096  1.00 0.00  ? 7  ALA A CB   1 
ATOM 95   H H    . ALA A 1 7  ? 5.875   3.743   1.220   1.00 99.99 ? 7  ALA A H    1 
ATOM 96   H HA   . ALA A 1 7  ? 5.762   3.767   -1.648  1.00 0.00  ? 7  ALA A HA   1 
ATOM 97   H HB1  . ALA A 1 7  ? 5.622   6.473   -0.252  1.00 0.00  ? 7  ALA A HB1  1 
ATOM 98   H HB2  . ALA A 1 7  ? 5.912   6.208   -1.989  1.00 0.00  ? 7  ALA A HB2  1 
ATOM 99   H HB3  . ALA A 1 7  ? 4.350   5.752   -1.266  1.00 0.00  ? 7  ALA A HB3  1 
ATOM 100  N N    . THR A 1 8  ? 8.150   5.551   -0.477  1.00 0.00  ? 8  THR A N    1 
ATOM 101  C CA   . THR A 1 8  ? 9.552   5.721   -0.070  1.00 0.00  ? 8  THR A CA   1 
ATOM 102  C C    . THR A 1 8  ? 9.760   5.650   1.448   1.00 0.00  ? 8  THR A C    1 
ATOM 103  O O    . THR A 1 8  ? 10.885  5.423   1.893   1.00 0.00  ? 8  THR A O    1 
ATOM 104  C CB   . THR A 1 8  ? 10.076  7.072   -0.578  1.00 0.00  ? 8  THR A CB   1 
ATOM 105  O OG1  . THR A 1 8  ? 9.188   8.102   -0.202  1.00 0.00  ? 8  THR A OG1  1 
ATOM 106  C CG2  . THR A 1 8  ? 10.202  7.091   -2.101  1.00 0.00  ? 8  THR A CG2  1 
ATOM 107  H H    . THR A 1 8  ? 7.640   6.377   -0.720  1.00 99.99 ? 8  THR A H    1 
ATOM 108  H HA   . THR A 1 8  ? 10.131  4.921   -0.532  1.00 0.00  ? 8  THR A HA   1 
ATOM 109  H HB   . THR A 1 8  ? 11.055  7.256   -0.136  1.00 0.00  ? 8  THR A HB   1 
ATOM 110  H HG1  . THR A 1 8  ? 9.534   8.980   -0.536  1.00 99.99 ? 8  THR A HG1  1 
ATOM 111  H HG21 . THR A 1 8  ? 9.224   6.913   -2.547  1.00 0.00  ? 8  THR A HG21 1 
ATOM 112  H HG22 . THR A 1 8  ? 10.579  8.059   -2.434  1.00 0.00  ? 8  THR A HG22 1 
ATOM 113  H HG23 . THR A 1 8  ? 10.893  6.310   -2.417  1.00 0.00  ? 8  THR A HG23 1 
ATOM 114  N N    . SER A 1 9  ? 8.701   5.814   2.250   1.00 0.00  ? 9  SER A N    1 
ATOM 115  C CA   . SER A 1 9  ? 8.724   5.581   3.696   1.00 0.00  ? 9  SER A CA   1 
ATOM 116  C C    . SER A 1 9  ? 8.997   4.104   4.021   1.00 0.00  ? 9  SER A C    1 
ATOM 117  O O    . SER A 1 9  ? 8.517   3.243   3.281   1.00 0.00  ? 9  SER A O    1 
ATOM 118  C CB   . SER A 1 9  ? 7.360   5.928   4.308   1.00 0.00  ? 9  SER A CB   1 
ATOM 119  O OG   . SER A 1 9  ? 6.911   7.215   3.939   1.00 0.00  ? 9  SER A OG   1 
ATOM 120  H H    . SER A 1 9  ? 7.842   6.113   1.836   1.00 99.99 ? 9  SER A H    1 
ATOM 121  H HA   . SER A 1 9  ? 9.499   6.204   4.141   1.00 0.00  ? 9  SER A HA   1 
ATOM 122  H HB2  . SER A 1 9  ? 6.628   5.194   3.971   1.00 0.00  ? 9  SER A HB2  1 
ATOM 123  H HB3  . SER A 1 9  ? 7.443   5.887   5.394   1.00 0.00  ? 9  SER A HB3  1 
ATOM 124  H HG   . SER A 1 9  ? 6.022   7.394   4.361   1.00 99.99 ? 9  SER A HG   1 
ATOM 125  N N    . PRO A 1 10 ? 9.621   3.774   5.171   1.00 0.00  ? 10 PRO A N    1 
ATOM 126  C CA   . PRO A 1 10 ? 9.628   2.404   5.701   1.00 0.00  ? 10 PRO A CA   1 
ATOM 127  C C    . PRO A 1 10 ? 8.184   1.970   5.989   1.00 0.00  ? 10 PRO A C    1 
ATOM 128  O O    . PRO A 1 10 ? 7.707   0.968   5.468   1.00 0.00  ? 10 PRO A O    1 
ATOM 129  C CB   . PRO A 1 10 ? 10.519  2.449   6.949   1.00 0.00  ? 10 PRO A CB   1 
ATOM 130  C CG   . PRO A 1 10 ? 10.456  3.906   7.409   1.00 0.00  ? 10 PRO A CG   1 
ATOM 131  C CD   . PRO A 1 10 ? 10.251  4.693   6.111   1.00 0.00  ? 10 PRO A CD   1 
ATOM 132  H HA   . PRO A 1 10 ? 10.062  1.717   4.975   1.00 0.00  ? 10 PRO A HA   1 
ATOM 133  H HB2  . PRO A 1 10 ? 10.174  1.761   7.721   1.00 0.00  ? 10 PRO A HB2  1 
ATOM 134  H HB3  . PRO A 1 10 ? 11.544  2.218   6.657   1.00 0.00  ? 10 PRO A HB3  1 
ATOM 135  H HG2  . PRO A 1 10 ? 9.580   4.037   8.044   1.00 0.00  ? 10 PRO A HG2  1 
ATOM 136  H HG3  . PRO A 1 10 ? 11.362  4.211   7.933   1.00 0.00  ? 10 PRO A HG3  1 
ATOM 137  H HD2  . PRO A 1 10 ? 9.624   5.566   6.290   1.00 0.00  ? 10 PRO A HD2  1 
ATOM 138  H HD3  . PRO A 1 10 ? 11.219  4.995   5.713   1.00 0.00  ? 10 PRO A HD3  1 
ATOM 139  N N    . ILE A 1 11 ? 7.476   2.806   6.747   1.00 0.00  ? 11 ILE A N    1 
ATOM 140  C CA   . ILE A 1 11 ? 6.042   3.073   6.636   1.00 0.00  ? 11 ILE A CA   1 
ATOM 141  C C    . ILE A 1 11 ? 5.807   4.526   7.109   1.00 0.00  ? 11 ILE A C    1 
ATOM 142  O O    . ILE A 1 11 ? 6.668   5.093   7.784   1.00 0.00  ? 11 ILE A O    1 
ATOM 143  C CB   . ILE A 1 11 ? 5.240   2.016   7.434   1.00 0.00  ? 11 ILE A CB   1 
ATOM 144  C CG1  . ILE A 1 11 ? 3.762   2.039   6.995   1.00 0.00  ? 11 ILE A CG1  1 
ATOM 145  C CG2  . ILE A 1 11 ? 5.414   2.156   8.957   1.00 0.00  ? 11 ILE A CG2  1 
ATOM 146  C CD1  . ILE A 1 11 ? 2.953   0.814   7.440   1.00 0.00  ? 11 ILE A CD1  1 
ATOM 147  H H    . ILE A 1 11 ? 7.973   3.299   7.461   1.00 99.99 ? 11 ILE A H    1 
ATOM 148  H HA   . ILE A 1 11 ? 5.745   3.000   5.590   1.00 0.00  ? 11 ILE A HA   1 
ATOM 149  H HB   . ILE A 1 11 ? 5.641   1.039   7.164   1.00 0.00  ? 11 ILE A HB   1 
ATOM 150  H HG12 . ILE A 1 11 ? 3.349   3.012   7.259   1.00 0.00  ? 11 ILE A HG12 1 
ATOM 151  H HG13 . ILE A 1 11 ? 3.694   1.884   5.918   1.00 0.00  ? 11 ILE A HG13 1 
ATOM 152  H HG21 . ILE A 1 11 ? 5.034   3.127   9.276   1.00 0.00  ? 11 ILE A HG21 1 
ATOM 153  H HG22 . ILE A 1 11 ? 4.866   1.369   9.475   1.00 0.00  ? 11 ILE A HG22 1 
ATOM 154  H HG23 . ILE A 1 11 ? 6.473   2.080   9.208   1.00 0.00  ? 11 ILE A HG23 1 
ATOM 155  N N    . SER A 1 12 ? 4.684   5.157   6.753   1.00 0.00  ? 12 SER A N    1 
ATOM 156  C CA   . SER A 1 12 ? 4.266   6.445   7.322   1.00 0.00  ? 12 SER A CA   1 
ATOM 157  C C    . SER A 1 12 ? 2.734   6.572   7.375   1.00 0.00  ? 12 SER A C    1 
ATOM 158  O O    . SER A 1 12 ? 2.008   5.624   7.059   1.00 0.00  ? 12 SER A O    1 
ATOM 159  C CB   . SER A 1 12 ? 4.965   7.639   6.628   1.00 0.00  ? 12 SER A CB   1 
ATOM 160  O OG   . SER A 1 12 ? 4.633   7.830   5.259   1.00 0.00  ? 12 SER A OG   1 
ATOM 161  H H    . SER A 1 12 ? 4.099   4.732   6.063   1.00 99.99 ? 12 SER A H    1 
ATOM 162  H HA   . SER A 1 12 ? 4.610   6.448   8.356   1.00 0.00  ? 12 SER A HA   1 
ATOM 163  H HB2  . SER A 1 12 ? 4.697   8.548   7.167   1.00 0.00  ? 12 SER A HB2  1 
ATOM 164  H HB3  . SER A 1 12 ? 6.043   7.484   6.691   1.00 0.00  ? 12 SER A HB3  1 
ATOM 165  H HG   . SER A 1 12 ? 3.979   7.131   4.973   1.00 99.99 ? 12 SER A HG   1 
ATOM 166  N N    . ALA A 1 13 ? 2.233   7.727   7.833   1.00 0.00  ? 13 ALA A N    1 
ATOM 167  C CA   . ALA A 1 13 ? 0.808   7.979   7.992   1.00 0.00  ? 13 ALA A CA   1 
ATOM 168  C C    . ALA A 1 13 ? 0.464   9.428   7.605   1.00 0.00  ? 13 ALA A C    1 
ATOM 169  O O    . ALA A 1 13 ? 0.776   10.356  8.348   1.00 0.00  ? 13 ALA A O    1 
ATOM 170  C CB   . ALA A 1 13 ? 0.398   7.648   9.432   1.00 0.00  ? 13 ALA A CB   1 
ATOM 171  H H    . ALA A 1 13 ? 2.872   8.453   8.082   1.00 99.99 ? 13 ALA A H    1 
ATOM 172  H HA   . ALA A 1 13 ? 0.265   7.314   7.321   1.00 0.00  ? 13 ALA A HA   1 
ATOM 173  H HB1  . ALA A 1 13 ? 0.937   8.297   10.122  1.00 0.00  ? 13 ALA A HB1  1 
ATOM 174  H HB2  . ALA A 1 13 ? -0.674  7.804   9.548   1.00 0.00  ? 13 ALA A HB2  1 
ATOM 175  H HB3  . ALA A 1 13 ? 0.639   6.607   9.648   1.00 0.00  ? 13 ALA A HB3  1 
ATOM 176  N N    . VAL A 1 14 ? -0.160  9.611   6.437   1.00 0.00  ? 14 VAL A N    1 
ATOM 177  C CA   . VAL A 1 14 ? -0.814  10.851  6.005   1.00 0.00  ? 14 VAL A CA   1 
ATOM 178  C C    . VAL A 1 14 ? -2.070  10.520  5.196   1.00 0.00  ? 14 VAL A C    1 
ATOM 179  O O    . VAL A 1 14 ? -2.182  9.446   4.615   1.00 0.00  ? 14 VAL A O    1 
ATOM 180  C CB   . VAL A 1 14 ? 0.099   11.778  5.160   1.00 0.00  ? 14 VAL A CB   1 
ATOM 181  C CG1  . VAL A 1 14 ? 1.373   12.212  5.892   1.00 0.00  ? 14 VAL A CG1  1 
ATOM 182  C CG2  . VAL A 1 14 ? 0.490   11.209  3.785   1.00 0.00  ? 14 VAL A CG2  1 
ATOM 183  H H    . VAL A 1 14 ? -0.185  8.836   5.805   1.00 99.99 ? 14 VAL A H    1 
ATOM 184  H HA   . VAL A 1 14 ? -1.108  11.395  6.902   1.00 0.00  ? 14 VAL A HA   1 
ATOM 185  H HB   . VAL A 1 14 ? -0.483  12.680  4.974   1.00 0.00  ? 14 VAL A HB   1 
ATOM 186  H HG11 . VAL A 1 14 ? 1.953   12.911  5.290   1.00 0.00  ? 14 VAL A HG11 1 
ATOM 187  H HG12 . VAL A 1 14 ? 1.101   12.695  6.831   1.00 0.00  ? 14 VAL A HG12 1 
ATOM 188  H HG13 . VAL A 1 14 ? 1.985   11.333  6.099   1.00 0.00  ? 14 VAL A HG13 1 
ATOM 189  H HG21 . VAL A 1 14 ? -0.416  10.973  3.225   1.00 0.00  ? 14 VAL A HG21 1 
ATOM 190  H HG22 . VAL A 1 14 ? 1.081   11.925  3.214   1.00 0.00  ? 14 VAL A HG22 1 
ATOM 191  H HG23 . VAL A 1 14 ? 1.076   10.301  3.926   1.00 0.00  ? 14 VAL A HG23 1 
ATOM 192  N N    . THR A 1 15 ? -2.980  11.487  5.093   1.00 0.00  ? 15 THR A N    1 
ATOM 193  C CA   . THR A 1 15 ? -4.036  11.594  4.087   1.00 0.00  ? 15 THR A CA   1 
ATOM 194  C C    . THR A 1 15 ? -3.971  12.998  3.471   1.00 0.00  ? 15 THR A C    1 
ATOM 195  O O    . THR A 1 15 ? -3.311  13.904  3.984   1.00 0.00  ? 15 THR A O    1 
ATOM 196  C CB   . THR A 1 15 ? -5.398  11.375  4.737   1.00 99.99 ? 15 THR A CB   1 
ATOM 197  O OG1  . THR A 1 15 ? -5.546  9.994   5.078   1.00 99.99 ? 15 THR A OG1  1 
ATOM 198  C CG2  . THR A 1 15 ? -6.497  11.776  3.761   1.00 99.99 ? 15 THR A CG2  1 
ATOM 199  H H    . THR A 1 15 ? -2.935  12.217  5.776   1.00 99.99 ? 15 THR A H    1 
ATOM 200  H HA   . THR A 1 15 ? -3.881  10.843  3.312   1.00 0.00  ? 15 THR A HA   1 
ATOM 201  H HB   . THR A 1 15 ? -5.472  11.982  5.639   1.00 0.00  ? 15 THR A HB   1 
ATOM 202  H HG1  . THR A 1 15 ? -6.437  9.849   5.505   1.00 99.99 ? 15 THR A HG1  1 
ATOM 203  H HG21 . THR A 1 15 ? -6.423  11.169  2.859   1.00 0.00  ? 15 THR A HG21 1 
ATOM 204  H HG22 . THR A 1 15 ? -7.471  11.619  4.225   1.00 0.00  ? 15 THR A HG22 1 
ATOM 205  H HG23 . THR A 1 15 ? -6.385  12.828  3.500   1.00 0.00  ? 15 THR A HG23 1 
ATOM 206  N N    . CYS A 1 16 ? -4.655  13.146  2.344   1.00 0.00  ? 16 CYS A N    1 
ATOM 207  C CA   . CYS A 1 16 ? -4.783  14.366  1.562   1.00 0.00  ? 16 CYS A CA   1 
ATOM 208  C C    . CYS A 1 16 ? -5.840  15.315  2.179   1.00 0.00  ? 16 CYS A C    1 
ATOM 209  O O    . CYS A 1 16 ? -6.571  14.896  3.090   1.00 0.00  ? 16 CYS A O    1 
ATOM 210  C CB   . CYS A 1 16 ? -5.084  13.847  0.149   1.00 0.00  ? 16 CYS A CB   1 
ATOM 211  S SG   . CYS A 1 16 ? -3.673  12.866  -0.452  1.00 0.00  ? 16 CYS A SG   1 
ATOM 212  H H    . CYS A 1 16 ? -5.132  12.339  1.997   1.00 99.99 ? 16 CYS A H    1 
ATOM 213  H HA   . CYS A 1 16 ? -3.831  14.898  1.547   1.00 0.00  ? 16 CYS A HA   1 
ATOM 214  H HB2  . CYS A 1 16 ? -5.977  13.221  0.177   1.00 0.00  ? 16 CYS A HB2  1 
ATOM 215  H HB3  . CYS A 1 16 ? -5.251  14.692  -0.520  1.00 0.00  ? 16 CYS A HB3  1 
ATOM 216  N N    . PRO A 1 17 ? -5.916  16.600  1.755   1.00 0.00  ? 17 PRO A N    1 
ATOM 217  C CA   . PRO A 1 17 ? -6.868  17.546  2.345   1.00 0.00  ? 17 PRO A CA   1 
ATOM 218  C C    . PRO A 1 17 ? -8.333  17.135  2.076   1.00 0.00  ? 17 PRO A C    1 
ATOM 219  O O    . PRO A 1 17 ? -8.581  16.280  1.225   1.00 0.00  ? 17 PRO A O    1 
ATOM 220  C CB   . PRO A 1 17 ? -6.506  18.913  1.744   1.00 0.00  ? 17 PRO A CB   1 
ATOM 221  C CG   . PRO A 1 17 ? -5.819  18.575  0.428   1.00 0.00  ? 17 PRO A CG   1 
ATOM 222  C CD   . PRO A 1 17 ? -5.098  17.266  0.738   1.00 0.00  ? 17 PRO A CD   1 
ATOM 223  H HA   . PRO A 1 17 ? -6.721  17.583  3.424   1.00 0.00  ? 17 PRO A HA   1 
ATOM 224  H HB2  . PRO A 1 17 ? -7.386  19.539  1.597   1.00 0.00  ? 17 PRO A HB2  1 
ATOM 225  H HB3  . PRO A 1 17 ? -5.788  19.407  2.398   1.00 0.00  ? 17 PRO A HB3  1 
ATOM 226  H HG2  . PRO A 1 17 ? -6.578  18.393  -0.333  1.00 0.00  ? 17 PRO A HG2  1 
ATOM 227  H HG3  . PRO A 1 17 ? -5.131  19.358  0.108   1.00 0.00  ? 17 PRO A HG3  1 
ATOM 228  H HD2  . PRO A 1 17 ? -5.003  16.655  -0.159  1.00 0.00  ? 17 PRO A HD2  1 
ATOM 229  H HD3  . PRO A 1 17 ? -4.114  17.478  1.159   1.00 0.00  ? 17 PRO A HD3  1 
ATOM 230  N N    . PRO A 1 18 ? -9.315  17.716  2.799   1.00 0.00  ? 18 PRO A N    1 
ATOM 231  C CA   . PRO A 1 18 ? -10.703 17.253  2.787   1.00 0.00  ? 18 PRO A CA   1 
ATOM 232  C C    . PRO A 1 18 ? -11.330 17.281  1.386   1.00 0.00  ? 18 PRO A C    1 
ATOM 233  O O    . PRO A 1 18 ? -11.711 18.329  0.865   1.00 0.00  ? 18 PRO A O    1 
ATOM 234  C CB   . PRO A 1 18 ? -11.444 18.091  3.836   1.00 0.00  ? 18 PRO A CB   1 
ATOM 235  C CG   . PRO A 1 18 ? -10.554 19.311  4.047   1.00 0.00  ? 18 PRO A CG   1 
ATOM 236  C CD   . PRO A 1 18 ? -9.153  18.769  3.791   1.00 0.00  ? 18 PRO A CD   1 
ATOM 237  H HA   . PRO A 1 18 ? -10.722 16.214  3.119   1.00 0.00  ? 18 PRO A HA   1 
ATOM 238  H HB2  . PRO A 1 18 ? -12.444 18.368  3.501   1.00 0.00  ? 18 PRO A HB2  1 
ATOM 239  H HB3  . PRO A 1 18 ? -11.491 17.527  4.767   1.00 0.00  ? 18 PRO A HB3  1 
ATOM 240  H HG2  . PRO A 1 18 ? -10.791 20.059  3.291   1.00 0.00  ? 18 PRO A HG2  1 
ATOM 241  H HG3  . PRO A 1 18 ? -10.657 19.729  5.049   1.00 0.00  ? 18 PRO A HG3  1 
ATOM 242  H HD2  . PRO A 1 18 ? -8.494  19.559  3.430   1.00 0.00  ? 18 PRO A HD2  1 
ATOM 243  H HD3  . PRO A 1 18 ? -8.755  18.333  4.707   1.00 0.00  ? 18 PRO A HD3  1 
ATOM 244  N N    . GLY A 1 19 ? -11.408 16.086  0.797   1.00 0.00  ? 19 GLY A N    1 
ATOM 245  C CA   . GLY A 1 19 ? -11.761 15.785  -0.586  1.00 0.00  ? 19 GLY A CA   1 
ATOM 246  C C    . GLY A 1 19 ? -11.699 14.270  -0.759  1.00 0.00  ? 19 GLY A C    1 
ATOM 247  O O    . GLY A 1 19 ? -12.726 13.627  -0.969  1.00 0.00  ? 19 GLY A O    1 
ATOM 248  H H    . GLY A 1 19 ? -11.197 15.300  1.377   1.00 99.99 ? 19 GLY A H    1 
ATOM 249  H HA2  . GLY A 1 19 ? -12.769 16.142  -0.800  1.00 0.00  ? 19 GLY A HA2  1 
ATOM 250  H HA3  . GLY A 1 19 ? -11.057 16.267  -1.264  1.00 0.00  ? 19 GLY A HA3  1 
ATOM 251  N N    . GLU A 1 20 ? -10.511 13.689  -0.542  1.00 0.00  ? 20 GLU A N    1 
ATOM 252  C CA   . GLU A 1 20 ? -10.351 12.278  -0.164  1.00 0.00  ? 20 GLU A CA   1 
ATOM 253  C C    . GLU A 1 20 ? -11.080 11.954  1.153   1.00 0.00  ? 20 GLU A C    1 
ATOM 254  O O    . GLU A 1 20 ? -11.298 12.823  2.003   1.00 0.00  ? 20 GLU A O    1 
ATOM 255  C CB   . GLU A 1 20 ? -8.857  11.917  -0.067  1.00 0.00  ? 20 GLU A CB   1 
ATOM 256  C CG   . GLU A 1 20 ? -8.153  11.885  -1.436  1.00 0.00  ? 20 GLU A CG   1 
ATOM 257  C CD   . GLU A 1 20 ? -7.954  13.265  -2.091  1.00 0.00  ? 20 GLU A CD   1 
ATOM 258  O OE1  . GLU A 1 20 ? -7.899  13.296  -3.341  1.00 0.00  ? 20 GLU A OE1  1 
ATOM 259  O OE2  . GLU A 1 20 ? -7.864  14.258  -1.339  1.00 0.00  ? 20 GLU A OE2  1 
ATOM 260  H H    . GLU A 1 20 ? -9.687  14.246  -0.641  1.00 99.99 ? 20 GLU A H    1 
ATOM 261  H HA   . GLU A 1 20 ? -10.796 11.671  -0.953  1.00 0.00  ? 20 GLU A HA   1 
ATOM 262  H HB2  . GLU A 1 20 ? -8.362  12.659  0.560   1.00 0.00  ? 20 GLU A HB2  1 
ATOM 263  H HB3  . GLU A 1 20 ? -8.767  10.933  0.392   1.00 0.00  ? 20 GLU A HB3  1 
ATOM 264  H HG2  . GLU A 1 20 ? -7.173  11.427  -1.305  1.00 0.00  ? 20 GLU A HG2  1 
ATOM 265  H HG3  . GLU A 1 20 ? -8.749  11.271  -2.112  1.00 0.00  ? 20 GLU A HG3  1 
ATOM 266  H HE2  . GLU A 1 20 ? -7.742  15.083  -1.814  1.00 0.00  ? 20 GLU A HE2  1 
ATOM 267  N N    . ASN A 1 21 ? -11.513 10.694  1.314   1.00 0.00  ? 21 ASN A N    1 
ATOM 268  C CA   . ASN A 1 21 ? -12.376 10.233  2.419   1.00 0.00  ? 21 ASN A CA   1 
ATOM 269  C C    . ASN A 1 21 ? -11.972 8.859   2.987   1.00 0.00  ? 21 ASN A C    1 
ATOM 270  O O    . ASN A 1 21 ? -12.500 8.455   4.021   1.00 0.00  ? 21 ASN A O    1 
ATOM 271  C CB   . ASN A 1 21 ? -13.852 10.156  1.964   1.00 0.00  ? 21 ASN A CB   1 
ATOM 272  C CG   . ASN A 1 21 ? -14.412 11.319  1.146   1.00 0.00  ? 21 ASN A CG   1 
ATOM 273  O OD1  . ASN A 1 21 ? -15.242 11.120  0.273   1.00 0.00  ? 21 ASN A OD1  1 
ATOM 274  N ND2  . ASN A 1 21 ? -13.997 12.545  1.376   1.00 0.00  ? 21 ASN A ND2  1 
ATOM 275  H H    . ASN A 1 21 ? -11.232 10.017  0.633   1.00 99.99 ? 21 ASN A H    1 
ATOM 276  H HA   . ASN A 1 21 ? -12.297 10.967  3.221   1.00 0.00  ? 21 ASN A HA   1 
ATOM 277  H HB2  . ASN A 1 21 ? -13.961 9.253   1.363   1.00 0.00  ? 21 ASN A HB2  1 
ATOM 278  H HB3  . ASN A 1 21 ? -14.466 10.066  2.861   1.00 0.00  ? 21 ASN A HB3  1 
ATOM 279  H HD21 . ASN A 1 21 ? -13.317 12.718  2.088   1.00 99.99 ? 21 ASN A HD21 1 
ATOM 280  H HD22 . ASN A 1 21 ? -14.363 13.305  0.841   1.00 99.99 ? 21 ASN A HD22 1 
ATOM 281  N N    . LEU A 1 22 ? -11.082 8.125   2.307   1.00 0.00  ? 22 LEU A N    1 
ATOM 282  C CA   . LEU A 1 22 ? -10.691 6.752   2.617   1.00 0.00  ? 22 LEU A CA   1 
ATOM 283  C C    . LEU A 1 22 ? -9.237  6.492   2.189   1.00 0.00  ? 22 LEU A C    1 
ATOM 284  O O    . LEU A 1 22 ? -8.536  7.420   1.770   1.00 0.00  ? 22 LEU A O    1 
ATOM 285  C CB   . LEU A 1 22 ? -11.681 5.778   1.943   1.00 0.00  ? 22 LEU A CB   1 
ATOM 286  C CG   . LEU A 1 22 ? -11.664 5.814   0.399   1.00 0.00  ? 22 LEU A CG   1 
ATOM 287  C CD1  . LEU A 1 22 ? -11.773 4.403   -0.170  1.00 0.00  ? 22 LEU A CD1  1 
ATOM 288  C CD2  . LEU A 1 22 ? -12.807 6.647   -0.181  1.00 0.00  ? 22 LEU A CD2  1 
ATOM 289  H H    . LEU A 1 22 ? -10.644 8.556   1.518   1.00 99.99 ? 22 LEU A H    1 
ATOM 290  H HA   . LEU A 1 22 ? -10.756 6.612   3.696   1.00 0.00  ? 22 LEU A HA   1 
ATOM 291  H HB2  . LEU A 1 22 ? -11.436 4.766   2.264   1.00 0.00  ? 22 LEU A HB2  1 
ATOM 292  H HB3  . LEU A 1 22 ? -12.688 6.031   2.279   1.00 0.00  ? 22 LEU A HB3  1 
ATOM 293  H HG   . LEU A 1 22 ? -10.719 6.252   0.081   1.00 0.00  ? 22 LEU A HG   1 
ATOM 294  H HD11 . LEU A 1 22 ? -11.732 4.434   -1.259  1.00 0.00  ? 22 LEU A HD11 1 
ATOM 295  H HD12 . LEU A 1 22 ? -10.946 3.797   0.203   1.00 0.00  ? 22 LEU A HD12 1 
ATOM 296  H HD13 . LEU A 1 22 ? -12.718 3.958   0.143   1.00 0.00  ? 22 LEU A HD13 1 
ATOM 297  H HD21 . LEU A 1 22 ? -12.736 7.668   0.194   1.00 0.00  ? 22 LEU A HD21 1 
ATOM 298  H HD22 . LEU A 1 22 ? -12.753 6.661   -1.269  1.00 0.00  ? 22 LEU A HD22 1 
ATOM 299  H HD23 . LEU A 1 22 ? -13.760 6.214   0.124   1.00 0.00  ? 22 LEU A HD23 1 
ATOM 300  N N    . CYS A 1 23 ? -8.791  5.232   2.266   1.00 0.00  ? 23 CYS A N    1 
ATOM 301  C CA   . CYS A 1 23 ? -7.441  4.829   1.876   1.00 0.00  ? 23 CYS A CA   1 
ATOM 302  C C    . CYS A 1 23 ? -7.458  3.622   0.900   1.00 0.00  ? 23 CYS A C    1 
ATOM 303  O O    . CYS A 1 23 ? -8.397  2.816   0.923   1.00 0.00  ? 23 CYS A O    1 
ATOM 304  C CB   . CYS A 1 23 ? -6.608  4.550   3.145   1.00 0.00  ? 23 CYS A CB   1 
ATOM 305  S SG   . CYS A 1 23 ? -6.924  5.473   4.694   1.00 0.00  ? 23 CYS A SG   1 
ATOM 306  H H    . CYS A 1 23 ? -9.415  4.529   2.608   1.00 99.99 ? 23 CYS A H    1 
ATOM 307  H HA   . CYS A 1 23 ? -6.982  5.667   1.351   1.00 0.00  ? 23 CYS A HA   1 
ATOM 308  H HB2  . CYS A 1 23 ? -6.746  3.493   3.369   1.00 0.00  ? 23 CYS A HB2  1 
ATOM 309  H HB3  . CYS A 1 23 ? -5.570  4.735   2.870   1.00 0.00  ? 23 CYS A HB3  1 
ATOM 310  N N    . TYR A 1 24 ? -6.423  3.481   0.051   1.00 0.00  ? 24 TYR A N    1 
ATOM 311  C CA   . TYR A 1 24 ? -6.387  2.551   -1.102  1.00 0.00  ? 24 TYR A CA   1 
ATOM 312  C C    . TYR A 1 24 ? -5.153  1.611   -1.132  1.00 0.00  ? 24 TYR A C    1 
ATOM 313  O O    . TYR A 1 24 ? -4.228  1.795   -0.344  1.00 0.00  ? 24 TYR A O    1 
ATOM 314  C CB   . TYR A 1 24 ? -6.487  3.371   -2.404  1.00 0.00  ? 24 TYR A CB   1 
ATOM 315  C CG   . TYR A 1 24 ? -5.181  4.053   -2.774  1.00 0.00  ? 24 TYR A CG   1 
ATOM 316  C CD1  . TYR A 1 24 ? -4.186  3.313   -3.427  1.00 0.00  ? 24 TYR A CD1  1 
ATOM 317  C CD2  . TYR A 1 24 ? -4.890  5.361   -2.348  1.00 0.00  ? 24 TYR A CD2  1 
ATOM 318  C CE1  . TYR A 1 24 ? -2.878  3.803   -3.506  1.00 0.00  ? 24 TYR A CE1  1 
ATOM 319  C CE2  . TYR A 1 24 ? -3.598  5.898   -2.511  1.00 0.00  ? 24 TYR A CE2  1 
ATOM 320  C CZ   . TYR A 1 24 ? -2.564  5.079   -3.021  1.00 0.00  ? 24 TYR A CZ   1 
ATOM 321  O OH   . TYR A 1 24 ? -1.261  5.460   -2.975  1.00 0.00  ? 24 TYR A OH   1 
ATOM 322  H H    . TYR A 1 24 ? -5.616  4.050   0.210   1.00 99.99 ? 24 TYR A H    1 
ATOM 323  H HA   . TYR A 1 24 ? -7.272  1.919   -1.032  1.00 0.00  ? 24 TYR A HA   1 
ATOM 324  H HB2  . TYR A 1 24 ? -6.778  2.705   -3.216  1.00 0.00  ? 24 TYR A HB2  1 
ATOM 325  H HB3  . TYR A 1 24 ? -7.258  4.131   -2.282  1.00 0.00  ? 24 TYR A HB3  1 
ATOM 326  H HD1  . TYR A 1 24 ? -4.431  2.350   -3.875  1.00 99.99 ? 24 TYR A HD1  1 
ATOM 327  H HD2  . TYR A 1 24 ? -5.672  5.965   -1.888  1.00 99.99 ? 24 TYR A HD2  1 
ATOM 328  H HE1  . TYR A 1 24 ? -2.096  3.189   -3.951  1.00 99.99 ? 24 TYR A HE1  1 
ATOM 329  H HE2  . TYR A 1 24 ? -3.365  6.886   -2.115  1.00 99.99 ? 24 TYR A HE2  1 
ATOM 330  H HH   . TYR A 1 24 ? -0.692  4.747   -3.384  1.00 99.99 ? 24 TYR A HH   1 
ATOM 331  N N    . ARG A 1 25 ? -5.119  0.633   -2.067  1.00 0.00  ? 25 ARG A N    1 
ATOM 332  C CA   . ARG A 1 25 ? -4.026  -0.341  -2.307  1.00 0.00  ? 25 ARG A CA   1 
ATOM 333  C C    . ARG A 1 25 ? -3.500  -0.386  -3.764  1.00 0.00  ? 25 ARG A C    1 
ATOM 334  O O    . ARG A 1 25 ? -3.935  -1.238  -4.525  1.00 0.00  ? 25 ARG A O    1 
ATOM 335  C CB   . ARG A 1 25 ? -4.509  -1.764  -1.941  1.00 0.00  ? 25 ARG A CB   1 
ATOM 336  C CG   . ARG A 1 25 ? -5.056  -1.971  -0.529  1.00 0.00  ? 25 ARG A CG   1 
ATOM 337  C CD   . ARG A 1 25 ? -5.357  -3.467  -0.338  1.00 0.00  ? 25 ARG A CD   1 
ATOM 338  N NE   . ARG A 1 25 ? -6.210  -3.681  0.838   1.00 0.00  ? 25 ARG A NE   1 
ATOM 339  C CZ   . ARG A 1 25 ? -7.505  -3.418  0.899   1.00 0.00  ? 25 ARG A CZ   1 
ATOM 340  N NH1  . ARG A 1 25 ? -8.244  -3.241  -0.167  1.00 0.00  ? 25 ARG A NH1  1 
ATOM 341  N NH2  . ARG A 1 25 ? -8.100  -3.291  2.062   1.00 0.00  ? 25 ARG A NH2  1 
ATOM 342  H H    . ARG A 1 25 ? -5.918  0.559   -2.663  1.00 99.99 ? 25 ARG A H    1 
ATOM 343  H HA   . ARG A 1 25 ? -3.197  -0.068  -1.655  1.00 0.00  ? 25 ARG A HA   1 
ATOM 344  H HB2  . ARG A 1 25 ? -5.299  -2.034  -2.642  1.00 0.00  ? 25 ARG A HB2  1 
ATOM 345  H HB3  . ARG A 1 25 ? -3.663  -2.441  -2.067  1.00 0.00  ? 25 ARG A HB3  1 
ATOM 346  H HG2  . ARG A 1 25 ? -4.315  -1.648  0.203   1.00 0.00  ? 25 ARG A HG2  1 
ATOM 347  H HG3  . ARG A 1 25 ? -5.970  -1.391  -0.400  1.00 0.00  ? 25 ARG A HG3  1 
ATOM 348  H HD2  . ARG A 1 25 ? -5.867  -3.845  -1.224  1.00 0.00  ? 25 ARG A HD2  1 
ATOM 349  H HD3  . ARG A 1 25 ? -4.420  -4.007  -0.205  1.00 0.00  ? 25 ARG A HD3  1 
ATOM 350  H HE   . ARG A 1 25 ? -5.776  -4.055  1.660   1.00 99.99 ? 25 ARG A HE   1 
ATOM 351  H HH11 . ARG A 1 25 ? -7.831  -3.301  -1.076  1.00 99.99 ? 25 ARG A HH11 1 
ATOM 352  H HH12 . ARG A 1 25 ? -9.220  -3.043  -0.073  1.00 99.99 ? 25 ARG A HH12 1 
ATOM 353  H HH21 . ARG A 1 25 ? -7.573  -3.391  2.906   1.00 99.99 ? 25 ARG A HH21 1 
ATOM 354  H HH22 . ARG A 1 25 ? -9.079  -3.092  2.103   1.00 99.99 ? 25 ARG A HH22 1 
ATOM 355  N N    . LYS A 1 26 ? -2.541  0.458   -4.181  1.00 0.00  ? 26 LYS A N    1 
ATOM 356  C CA   . LYS A 1 26 ? -1.912  0.341   -5.524  1.00 0.00  ? 26 LYS A CA   1 
ATOM 357  C C    . LYS A 1 26 ? -0.980  -0.871  -5.591  1.00 0.00  ? 26 LYS A C    1 
ATOM 358  O O    . LYS A 1 26 ? 0.153   -0.771  -5.121  1.00 0.00  ? 26 LYS A O    1 
ATOM 359  C CB   . LYS A 1 26 ? -1.117  1.604   -5.917  1.00 0.00  ? 26 LYS A CB   1 
ATOM 360  C CG   . LYS A 1 26 ? -1.981  2.670   -6.603  1.00 0.00  ? 26 LYS A CG   1 
ATOM 361  C CD   . LYS A 1 26 ? -1.214  3.995   -6.719  1.00 0.00  ? 26 LYS A CD   1 
ATOM 362  C CE   . LYS A 1 26 ? -2.019  5.066   -7.457  1.00 0.00  ? 26 LYS A CE   1 
ATOM 363  N NZ   . LYS A 1 26 ? -2.007  4.862   -8.925  1.00 0.00  ? 26 LYS A NZ   1 
ATOM 364  H H    . LYS A 1 26 ? -2.240  1.189   -3.569  1.00 99.99 ? 26 LYS A H    1 
ATOM 365  H HA   . LYS A 1 26 ? -2.713  0.203   -6.251  1.00 0.00  ? 26 LYS A HA   1 
ATOM 366  H HB2  . LYS A 1 26 ? -0.685  2.037   -5.014  1.00 0.00  ? 26 LYS A HB2  1 
ATOM 367  H HB3  . LYS A 1 26 ? -0.318  1.314   -6.599  1.00 0.00  ? 26 LYS A HB3  1 
ATOM 368  H HG2  . LYS A 1 26 ? -2.250  2.324   -7.602  1.00 0.00  ? 26 LYS A HG2  1 
ATOM 369  H HG3  . LYS A 1 26 ? -2.886  2.830   -6.018  1.00 0.00  ? 26 LYS A HG3  1 
ATOM 370  H HD2  . LYS A 1 26 ? -0.985  4.356   -5.717  1.00 0.00  ? 26 LYS A HD2  1 
ATOM 371  H HD3  . LYS A 1 26 ? -0.286  3.817   -7.262  1.00 0.00  ? 26 LYS A HD3  1 
ATOM 372  H HE2  . LYS A 1 26 ? -3.052  5.037   -7.106  1.00 0.00  ? 26 LYS A HE2  1 
ATOM 373  H HE3  . LYS A 1 26 ? -1.593  6.045   -7.233  1.00 0.00  ? 26 LYS A HE3  1 
ATOM 374  H HZ1  . LYS A 1 26 ? -2.404  3.971   -9.141  1.00 99.99 ? 26 LYS A HZ1  1 
ATOM 375  H HZ2  . LYS A 1 26 ? -2.543  5.583   -9.367  1.00 99.99 ? 26 LYS A HZ2  1 
ATOM 376  H HZ3  . LYS A 1 26 ? -1.065  4.897   -9.258  1.00 99.99 ? 26 LYS A HZ3  1 
ATOM 377  N N    . MET A 1 27 ? -1.440  -1.991  -6.161  1.00 0.00  ? 27 MET A N    1 
ATOM 378  C CA   . MET A 1 27 ? -0.586  -3.154  -6.447  1.00 0.00  ? 27 MET A CA   1 
ATOM 379  C C    . MET A 1 27 ? 0.225   -2.975  -7.741  1.00 0.00  ? 27 MET A C    1 
ATOM 380  O O    . MET A 1 27 ? -0.345  -2.828  -8.821  1.00 0.00  ? 27 MET A O    1 
ATOM 381  C CB   . MET A 1 27 ? -1.417  -4.443  -6.530  1.00 0.00  ? 27 MET A CB   1 
ATOM 382  C CG   . MET A 1 27 ? -1.319  -5.239  -5.225  1.00 0.00  ? 27 MET A CG   1 
ATOM 383  S SD   . MET A 1 27 ? -1.953  -6.932  -5.300  1.00 0.00  ? 27 MET A SD   1 
ATOM 384  C CE   . MET A 1 27 ? -1.735  -7.379  -3.560  1.00 0.00  ? 27 MET A CE   1 
ATOM 385  H H    . MET A 1 27 ? -2.409  -2.040  -6.403  1.00 99.99 ? 27 MET A H    1 
ATOM 386  H HA   . MET A 1 27 ? 0.116   -3.254  -5.619  1.00 0.00  ? 27 MET A HA   1 
ATOM 387  H HB2  . MET A 1 27 ? -2.460  -4.186  -6.715  1.00 0.00  ? 27 MET A HB2  1 
ATOM 388  H HB3  . MET A 1 27 ? -1.042  -5.056  -7.350  1.00 0.00  ? 27 MET A HB3  1 
ATOM 389  H HG2  . MET A 1 27 ? -0.270  -5.280  -4.932  1.00 0.00  ? 27 MET A HG2  1 
ATOM 390  H HG3  . MET A 1 27 ? -1.876  -4.700  -4.459  1.00 0.00  ? 27 MET A HG3  1 
ATOM 391  H HE1  . MET A 1 27 ? -2.320  -6.703  -2.934  1.00 0.00  ? 27 MET A HE1  1 
ATOM 392  H HE2  . MET A 1 27 ? -2.076  -8.403  -3.407  1.00 0.00  ? 27 MET A HE2  1 
ATOM 393  H HE3  . MET A 1 27 ? -0.682  -7.301  -3.292  1.00 0.00  ? 27 MET A HE3  1 
ATOM 394  N N    . TRP A 1 28 ? 1.556   -3.056  -7.631  1.00 0.00  ? 28 TRP A N    1 
ATOM 395  C CA   . TRP A 1 28 ? 2.490   -3.120  -8.765  1.00 0.00  ? 28 TRP A CA   1 
ATOM 396  C C    . TRP A 1 28 ? 3.803   -3.850  -8.400  1.00 0.00  ? 28 TRP A C    1 
ATOM 397  O O    . TRP A 1 28 ? 3.771   -4.918  -7.780  1.00 0.00  ? 28 TRP A O    1 
ATOM 398  C CB   . TRP A 1 28 ? 2.654   -1.718  -9.390  1.00 0.00  ? 28 TRP A CB   1 
ATOM 399  C CG   . TRP A 1 28 ? 3.018   -0.543  -8.524  1.00 0.00  ? 28 TRP A CG   1 
ATOM 400  C CD1  . TRP A 1 28 ? 3.952   -0.504  -7.540  1.00 0.00  ? 28 TRP A CD1  1 
ATOM 401  C CD2  . TRP A 1 28 ? 2.504   0.822   -8.629  1.00 0.00  ? 28 TRP A CD2  1 
ATOM 402  N NE1  . TRP A 1 28 ? 4.049   0.783   -7.051  1.00 0.00  ? 28 TRP A NE1  1 
ATOM 403  C CE2  . TRP A 1 28 ? 3.200   1.647   -7.701  1.00 0.00  ? 28 TRP A CE2  1 
ATOM 404  C CE3  . TRP A 1 28 ? 1.549   1.465   -9.451  1.00 0.00  ? 28 TRP A CE3  1 
ATOM 405  C CZ2  . TRP A 1 28 ? 2.990   3.028   -7.603  1.00 0.00  ? 28 TRP A CZ2  1 
ATOM 406  C CZ3  . TRP A 1 28 ? 1.340   2.853   -9.382  1.00 0.00  ? 28 TRP A CZ3  1 
ATOM 407  C CH2  . TRP A 1 28 ? 2.064   3.640   -8.467  1.00 0.00  ? 28 TRP A CH2  1 
ATOM 408  H H    . TRP A 1 28 ? 1.946   -3.071  -6.710  1.00 99.99 ? 28 TRP A H    1 
ATOM 409  H HA   . TRP A 1 28 ? 2.010   -3.735  -9.525  1.00 0.00  ? 28 TRP A HA   1 
ATOM 410  H HB2  . TRP A 1 28 ? 3.425   -1.799  -10.156 1.00 0.00  ? 28 TRP A HB2  1 
ATOM 411  H HB3  . TRP A 1 28 ? 1.709   -1.473  -9.876  1.00 0.00  ? 28 TRP A HB3  1 
ATOM 412  H HD1  . TRP A 1 28 ? 4.533   -1.358  -7.189  1.00 99.99 ? 28 TRP A HD1  1 
ATOM 413  H HE1  . TRP A 1 28 ? 4.665   1.056   -6.313  1.00 99.99 ? 28 TRP A HE1  1 
ATOM 414  H HE3  . TRP A 1 28 ? 0.964   0.870   -10.153 1.00 99.99 ? 28 TRP A HE3  1 
ATOM 415  H HZ2  . TRP A 1 28 ? 3.393   3.583   -6.756  1.00 99.99 ? 28 TRP A HZ2  1 
ATOM 416  H HZ3  . TRP A 1 28 ? 0.610   3.322   -10.041 1.00 99.99 ? 28 TRP A HZ3  1 
ATOM 417  H HH2  . TRP A 1 28 ? 1.832   4.698   -8.355  1.00 99.99 ? 28 TRP A HH2  1 
ATOM 418  N N    . CYS A 1 29 ? 4.968   -3.357  -8.839  1.00 0.00  ? 29 CYS A N    1 
ATOM 419  C CA   . CYS A 1 29 ? 6.281   -3.872  -8.446  1.00 0.00  ? 29 CYS A CA   1 
ATOM 420  C C    . CYS A 1 29 ? 7.291   -2.733  -8.245  1.00 0.00  ? 29 CYS A C    1 
ATOM 421  O O    . CYS A 1 29 ? 7.034   -1.598  -8.644  1.00 0.00  ? 29 CYS A O    1 
ATOM 422  C CB   . CYS A 1 29 ? 6.793   -4.886  -9.483  1.00 0.00  ? 29 CYS A CB   1 
ATOM 423  S SG   . CYS A 1 29 ? 7.597   -6.319  -8.723  1.00 0.00  ? 29 CYS A SG   1 
ATOM 424  H H    . CYS A 1 29 ? 4.941   -2.587  -9.477  1.00 99.99 ? 29 CYS A H    1 
ATOM 425  H HA   . CYS A 1 29 ? 6.164   -4.390  -7.494  1.00 0.00  ? 29 CYS A HA   1 
ATOM 426  H HB2  . CYS A 1 29 ? 5.945   -5.232  -10.074 1.00 0.00  ? 29 CYS A HB2  1 
ATOM 427  H HB3  . CYS A 1 29 ? 7.510   -4.383  -10.131 1.00 0.00  ? 29 CYS A HB3  1 
ATOM 428  N N    . ASP A 1 30 ? 8.439   -3.056  -7.651  1.00 0.00  ? 30 ASP A N    1 
ATOM 429  C CA   . ASP A 1 30 ? 9.608   -2.174  -7.569  1.00 0.00  ? 30 ASP A CA   1 
ATOM 430  C C    . ASP A 1 30 ? 10.313  -2.097  -8.942  1.00 0.00  ? 30 ASP A C    1 
ATOM 431  O O    . ASP A 1 30 ? 10.154  -2.993  -9.773  1.00 0.00  ? 30 ASP A O    1 
ATOM 432  C CB   . ASP A 1 30 ? 10.529  -2.748  -6.468  1.00 0.00  ? 30 ASP A CB   1 
ATOM 433  C CG   . ASP A 1 30 ? 11.557  -1.756  -5.920  1.00 0.00  ? 30 ASP A CG   1 
ATOM 434  O OD1  . ASP A 1 30 ? 11.633  -1.632  -4.680  1.00 0.00  ? 30 ASP A OD1  1 
ATOM 435  O OD2  . ASP A 1 30 ? 12.293  -1.174  -6.748  1.00 0.00  ? 30 ASP A OD2  1 
ATOM 436  H H    . ASP A 1 30 ? 8.509   -3.961  -7.233  1.00 99.99 ? 30 ASP A H    1 
ATOM 437  H HA   . ASP A 1 30 ? 9.289   -1.171  -7.283  1.00 0.00  ? 30 ASP A HA   1 
ATOM 438  H HB2  . ASP A 1 30 ? 9.905   -3.085  -5.640  1.00 0.00  ? 30 ASP A HB2  1 
ATOM 439  H HB3  . ASP A 1 30 ? 11.066  -3.601  -6.883  1.00 0.00  ? 30 ASP A HB3  1 
ATOM 440  H HD2  . ASP A 1 30 ? 12.924  -0.578  -6.339  1.00 0.00  ? 30 ASP A HD2  1 
ATOM 441  N N    . ALA A 1 31 ? 11.181  -1.105  -9.153  1.00 0.00  ? 31 ALA A N    1 
ATOM 442  C CA   . ALA A 1 31 ? 12.181  -1.123  -10.223 1.00 0.00  ? 31 ALA A CA   1 
ATOM 443  C C    . ALA A 1 31 ? 13.171  -2.292  -10.055 1.00 0.00  ? 31 ALA A C    1 
ATOM 444  O O    . ALA A 1 31 ? 13.630  -2.853  -11.045 1.00 0.00  ? 31 ALA A O    1 
ATOM 445  C CB   . ALA A 1 31 ? 12.909  0.226   -10.232 1.00 0.00  ? 31 ALA A CB   1 
ATOM 446  H H    . ALA A 1 31 ? 11.147  -0.307  -8.549  1.00 99.99 ? 31 ALA A H    1 
ATOM 447  H HA   . ALA A 1 31 ? 11.664  -1.248  -11.174 1.00 0.00  ? 31 ALA A HA   1 
ATOM 448  H HB1  . ALA A 1 31 ? 13.425  0.367   -9.283  1.00 0.00  ? 31 ALA A HB1  1 
ATOM 449  H HB2  . ALA A 1 31 ? 13.634  0.239   -11.046 1.00 0.00  ? 31 ALA A HB2  1 
ATOM 450  H HB3  . ALA A 1 31 ? 12.185  1.029   -10.376 1.00 0.00  ? 31 ALA A HB3  1 
ATOM 451  N N    . PHE A 1 32 ? 13.445  -2.711  -8.808  1.00 0.00  ? 32 PHE A N    1 
ATOM 452  C CA   . PHE A 1 32 ? 14.160  -3.950  -8.491  1.00 0.00  ? 32 PHE A CA   1 
ATOM 453  C C    . PHE A 1 32 ? 13.324  -5.233  -8.715  1.00 0.00  ? 32 PHE A C    1 
ATOM 454  O O    . PHE A 1 32 ? 13.891  -6.320  -8.691  1.00 0.00  ? 32 PHE A O    1 
ATOM 455  C CB   . PHE A 1 32 ? 14.621  -3.901  -7.022  1.00 0.00  ? 32 PHE A CB   1 
ATOM 456  C CG   . PHE A 1 32 ? 15.606  -2.796  -6.678  1.00 0.00  ? 32 PHE A CG   1 
ATOM 457  C CD1  . PHE A 1 32 ? 16.897  -2.801  -7.242  1.00 0.00  ? 32 PHE A CD1  1 
ATOM 458  C CD2  . PHE A 1 32 ? 15.254  -1.779  -5.768  1.00 0.00  ? 32 PHE A CD2  1 
ATOM 459  C CE1  . PHE A 1 32 ? 17.822  -1.793  -6.909  1.00 0.00  ? 32 PHE A CE1  1 
ATOM 460  C CE2  . PHE A 1 32 ? 16.174  -0.768  -5.439  1.00 0.00  ? 32 PHE A CE2  1 
ATOM 461  C CZ   . PHE A 1 32 ? 17.461  -0.775  -6.009  1.00 0.00  ? 32 PHE A CZ   1 
ATOM 462  H H    . PHE A 1 32 ? 13.140  -2.139  -8.046  1.00 99.99 ? 32 PHE A H    1 
ATOM 463  H HA   . PHE A 1 32 ? 15.038  -4.002  -9.136  1.00 0.00  ? 32 PHE A HA   1 
ATOM 464  H HB2  . PHE A 1 32 ? 13.738  -3.773  -6.395  1.00 0.00  ? 32 PHE A HB2  1 
ATOM 465  H HB3  . PHE A 1 32 ? 15.087  -4.856  -6.781  1.00 0.00  ? 32 PHE A HB3  1 
ATOM 466  H HD1  . PHE A 1 32 ? 17.182  -3.589  -7.940  1.00 99.99 ? 32 PHE A HD1  1 
ATOM 467  H HD2  . PHE A 1 32 ? 14.263  -1.776  -5.315  1.00 99.99 ? 32 PHE A HD2  1 
ATOM 468  H HE1  . PHE A 1 32 ? 18.820  -1.803  -7.349  1.00 99.99 ? 32 PHE A HE1  1 
ATOM 469  H HE2  . PHE A 1 32 ? 15.891  0.021   -4.743  1.00 99.99 ? 32 PHE A HE2  1 
ATOM 470  H HZ   . PHE A 1 32 ? 18.201  -0.040  -5.692  1.00 99.99 ? 32 PHE A HZ   1 
ATOM 471  N N    . CYS A 1 33 ? 11.997  -5.105  -8.892  1.00 0.00  ? 33 CYS A N    1 
ATOM 472  C CA   . CYS A 1 33 ? 10.939  -6.125  -8.827  1.00 0.00  ? 33 CYS A CA   1 
ATOM 473  C C    . CYS A 1 33 ? 11.335  -7.453  -8.146  1.00 0.00  ? 33 CYS A C    1 
ATOM 474  O O    . CYS A 1 33 ? 11.362  -8.516  -8.765  1.00 0.00  ? 33 CYS A O    1 
ATOM 475  C CB   . CYS A 1 33 ? 10.294  -6.300  -10.210 1.00 0.00  ? 33 CYS A CB   1 
ATOM 476  S SG   . CYS A 1 33 ? 8.698   -7.179  -10.216 1.00 0.00  ? 33 CYS A SG   1 
ATOM 477  H H    . CYS A 1 33 ? 11.684  -4.178  -9.098  1.00 99.99 ? 33 CYS A H    1 
ATOM 478  H HA   . CYS A 1 33 ? 10.168  -5.697  -8.187  1.00 0.00  ? 33 CYS A HA   1 
ATOM 479  H HB2  . CYS A 1 33 ? 10.138  -5.307  -10.631 1.00 0.00  ? 33 CYS A HB2  1 
ATOM 480  H HB3  . CYS A 1 33 ? 10.993  -6.858  -10.833 1.00 0.00  ? 33 CYS A HB3  1 
ATOM 481  N N    . SER A 1 34 ? 11.640  -7.370  -6.847  1.00 0.00  ? 34 SER A N    1 
ATOM 482  C CA   . SER A 1 34 ? 12.152  -8.466  -6.018  1.00 0.00  ? 34 SER A CA   1 
ATOM 483  C C    . SER A 1 34 ? 11.173  -9.644  -5.879  1.00 0.00  ? 34 SER A C    1 
ATOM 484  O O    . SER A 1 34 ? 9.961   -9.488  -6.024  1.00 0.00  ? 34 SER A O    1 
ATOM 485  C CB   . SER A 1 34 ? 12.472  -7.911  -4.625  1.00 0.00  ? 34 SER A CB   1 
ATOM 486  O OG   . SER A 1 34 ? 13.273  -6.748  -4.726  1.00 0.00  ? 34 SER A OG   1 
ATOM 487  H H    . SER A 1 34 ? 11.506  -6.486  -6.401  1.00 99.99 ? 34 SER A H    1 
ATOM 488  H HA   . SER A 1 34 ? 13.068  -8.836  -6.476  1.00 0.00  ? 34 SER A HA   1 
ATOM 489  H HB2  . SER A 1 34 ? 11.541  -7.663  -4.115  1.00 0.00  ? 34 SER A HB2  1 
ATOM 490  H HB3  . SER A 1 34 ? 13.009  -8.668  -4.053  1.00 0.00  ? 34 SER A HB3  1 
ATOM 491  H HG   . SER A 1 34 ? 13.472  -6.399  -3.810  1.00 99.99 ? 34 SER A HG   1 
ATOM 492  N N    . SER A 1 35 ? 11.698  -10.816 -5.487  1.00 0.00  ? 35 SER A N    1 
ATOM 493  C CA   . SER A 1 35 ? 10.997  -12.098 -5.272  1.00 0.00  ? 35 SER A CA   1 
ATOM 494  C C    . SER A 1 35 ? 10.024  -12.104 -4.068  1.00 0.00  ? 35 SER A C    1 
ATOM 495  O O    . SER A 1 35 ? 10.063  -12.994 -3.210  1.00 0.00  ? 35 SER A O    1 
ATOM 496  C CB   . SER A 1 35 ? 12.035  -13.223 -5.144  1.00 0.00  ? 35 SER A CB   1 
ATOM 497  O OG   . SER A 1 35 ? 12.930  -13.183 -6.239  1.00 0.00  ? 35 SER A OG   1 
ATOM 498  H H    . SER A 1 35 ? 12.683  -10.821 -5.319  1.00 99.99 ? 35 SER A H    1 
ATOM 499  H HA   . SER A 1 35 ? 10.402  -12.290 -6.165  1.00 0.00  ? 35 SER A HA   1 
ATOM 500  H HB2  . SER A 1 35 ? 12.595  -13.095 -4.217  1.00 0.00  ? 35 SER A HB2  1 
ATOM 501  H HB3  . SER A 1 35 ? 11.525  -14.187 -5.131  1.00 0.00  ? 35 SER A HB3  1 
ATOM 502  H HG   . SER A 1 35 ? 13.602  -13.919 -6.148  1.00 99.99 ? 35 SER A HG   1 
ATOM 503  N N    . ARG A 1 36 ? 9.143   -11.101 -4.003  1.00 0.00  ? 36 ARG A N    1 
ATOM 504  C CA   . ARG A 1 36 ? 8.084   -10.847 -3.010  1.00 0.00  ? 36 ARG A CA   1 
ATOM 505  C C    . ARG A 1 36 ? 6.696   -10.688 -3.662  1.00 0.00  ? 36 ARG A C    1 
ATOM 506  O O    . ARG A 1 36 ? 5.722   -10.363 -2.986  1.00 0.00  ? 36 ARG A O    1 
ATOM 507  C CB   . ARG A 1 36 ? 8.449   -9.605  -2.165  1.00 0.00  ? 36 ARG A CB   1 
ATOM 508  C CG   . ARG A 1 36 ? 9.781   -9.656  -1.387  1.00 0.00  ? 36 ARG A CG   1 
ATOM 509  C CD   . ARG A 1 36 ? 9.777   -10.629 -0.202  1.00 0.00  ? 36 ARG A CD   1 
ATOM 510  N NE   . ARG A 1 36 ? 9.839   -12.029 -0.640  1.00 0.00  ? 36 ARG A NE   1 
ATOM 511  C CZ   . ARG A 1 36 ? 9.622   -13.102 0.096   1.00 0.00  ? 36 ARG A CZ   1 
ATOM 512  N NH1  . ARG A 1 36 ? 9.358   -12.996 1.370   1.00 0.00  ? 36 ARG A NH1  1 
ATOM 513  N NH2  . ARG A 1 36 ? 9.662   -14.288 -0.461  1.00 0.00  ? 36 ARG A NH2  1 
ATOM 514  H H    . ARG A 1 36 ? 9.214   -10.421 -4.733  1.00 99.99 ? 36 ARG A H    1 
ATOM 515  H HA   . ARG A 1 36 ? 8.041   -11.710 -2.345  1.00 0.00  ? 36 ARG A HA   1 
ATOM 516  H HB2  . ARG A 1 36 ? 8.493   -8.749  -2.839  1.00 0.00  ? 36 ARG A HB2  1 
ATOM 517  H HB3  . ARG A 1 36 ? 7.651   -9.455  -1.439  1.00 0.00  ? 36 ARG A HB3  1 
ATOM 518  H HG2  . ARG A 1 36 ? 10.568  -9.960  -2.077  1.00 0.00  ? 36 ARG A HG2  1 
ATOM 519  H HG3  . ARG A 1 36 ? 9.995   -8.657  -1.009  1.00 0.00  ? 36 ARG A HG3  1 
ATOM 520  H HD2  . ARG A 1 36 ? 10.640  -10.420 0.431   1.00 0.00  ? 36 ARG A HD2  1 
ATOM 521  H HD3  . ARG A 1 36 ? 8.864   -10.480 0.375   1.00 0.00  ? 36 ARG A HD3  1 
ATOM 522  H HE   . ARG A 1 36 ? 10.069  -12.186 -1.600  1.00 99.99 ? 36 ARG A HE   1 
ATOM 523  H HH11 . ARG A 1 36 ? 9.320   -12.094 1.801   1.00 99.99 ? 36 ARG A HH11 1 
ATOM 524  H HH12 . ARG A 1 36 ? 9.197   -13.819 1.916   1.00 99.99 ? 36 ARG A HH12 1 
ATOM 525  H HH21 . ARG A 1 36 ? 9.854   -14.376 -1.437  1.00 99.99 ? 36 ARG A HH21 1 
ATOM 526  H HH22 . ARG A 1 36 ? 9.496   -15.105 0.093   1.00 99.99 ? 36 ARG A HH22 1 
ATOM 527  N N    . GLY A 1 37 ? 6.585   -10.932 -4.972  1.00 0.00  ? 37 GLY A N    1 
ATOM 528  C CA   . GLY A 1 37 ? 5.319   -10.986 -5.708  1.00 0.00  ? 37 GLY A CA   1 
ATOM 529  C C    . GLY A 1 37 ? 4.815   -9.610  -6.139  1.00 0.00  ? 37 GLY A C    1 
ATOM 530  O O    . GLY A 1 37 ? 4.938   -9.244  -7.311  1.00 0.00  ? 37 GLY A O    1 
ATOM 531  H H    . GLY A 1 37 ? 7.427   -11.088 -5.487  1.00 99.99 ? 37 GLY A H    1 
ATOM 532  H HA2  . GLY A 1 37 ? 5.463   -11.599 -6.599  1.00 0.00  ? 37 GLY A HA2  1 
ATOM 533  H HA3  . GLY A 1 37 ? 4.567   -11.449 -5.070  1.00 0.00  ? 37 GLY A HA3  1 
ATOM 534  N N    . LYS A 1 38 ? 4.222   -8.849  -5.208  1.00 0.00  ? 38 LYS A N    1 
ATOM 535  C CA   . LYS A 1 38 ? 3.583   -7.551  -5.473  1.00 0.00  ? 38 LYS A CA   1 
ATOM 536  C C    . LYS A 1 38 ? 3.986   -6.505  -4.438  1.00 0.00  ? 38 LYS A C    1 
ATOM 537  O O    . LYS A 1 38 ? 3.857   -6.729  -3.233  1.00 0.00  ? 38 LYS A O    1 
ATOM 538  C CB   . LYS A 1 38 ? 2.043   -7.700  -5.558  1.00 0.00  ? 38 LYS A CB   1 
ATOM 539  C CG   . LYS A 1 38 ? 1.465   -7.382  -6.951  1.00 0.00  ? 38 LYS A CG   1 
ATOM 540  C CD   . LYS A 1 38 ? 1.763   -8.445  -8.024  1.00 0.00  ? 38 LYS A CD   1 
ATOM 541  C CE   . LYS A 1 38 ? 2.445   -7.898  -9.287  1.00 0.00  ? 38 LYS A CE   1 
ATOM 542  N NZ   . LYS A 1 38 ? 3.820   -7.414  -9.023  1.00 0.00  ? 38 LYS A NZ   1 
ATOM 543  H H    . LYS A 1 38 ? 4.214   -9.188  -4.268  1.00 99.99 ? 38 LYS A H    1 
ATOM 544  H HA   . LYS A 1 38 ? 3.937   -7.206  -6.445  1.00 0.00  ? 38 LYS A HA   1 
ATOM 545  H HB2  . LYS A 1 38 ? 1.784   -8.728  -5.304  1.00 0.00  ? 38 LYS A HB2  1 
ATOM 546  H HB3  . LYS A 1 38 ? 1.592   -7.021  -4.836  1.00 0.00  ? 38 LYS A HB3  1 
ATOM 547  H HG2  . LYS A 1 38 ? 0.384   -7.287  -6.857  1.00 0.00  ? 38 LYS A HG2  1 
ATOM 548  H HG3  . LYS A 1 38 ? 1.886   -6.434  -7.286  1.00 0.00  ? 38 LYS A HG3  1 
ATOM 549  H HD2  . LYS A 1 38 ? 2.415   -9.201  -7.586  1.00 0.00  ? 38 LYS A HD2  1 
ATOM 550  H HD3  . LYS A 1 38 ? 0.820   -8.906  -8.319  1.00 0.00  ? 38 LYS A HD3  1 
ATOM 551  H HE2  . LYS A 1 38 ? 2.490   -8.690  -10.035 1.00 0.00  ? 38 LYS A HE2  1 
ATOM 552  H HE3  . LYS A 1 38 ? 1.852   -7.070  -9.676  1.00 0.00  ? 38 LYS A HE3  1 
ATOM 553  H HZ1  . LYS A 1 38 ? 4.377   -8.168  -8.673  1.00 99.99 ? 38 LYS A HZ1  1 
ATOM 554  H HZ2  . LYS A 1 38 ? 4.221   -7.069  -9.871  1.00 99.99 ? 38 LYS A HZ2  1 
ATOM 555  H HZ3  . LYS A 1 38 ? 3.792   -6.680  -8.345  1.00 99.99 ? 38 LYS A HZ3  1 
ATOM 556  N N    . VAL A 1 39 ? 4.444   -5.350  -4.921  1.00 0.00  ? 39 VAL A N    1 
ATOM 557  C CA   . VAL A 1 39 ? 4.577   -4.129  -4.117  1.00 0.00  ? 39 VAL A CA   1 
ATOM 558  C C    . VAL A 1 39 ? 3.197   -3.482  -4.017  1.00 0.00  ? 39 VAL A C    1 
ATOM 559  O O    . VAL A 1 39 ? 2.431   -3.518  -4.979  1.00 0.00  ? 39 VAL A O    1 
ATOM 560  C CB   . VAL A 1 39 ? 5.606   -3.172  -4.757  1.00 0.00  ? 39 VAL A CB   1 
ATOM 561  C CG1  . VAL A 1 39 ? 5.627   -1.777  -4.122  1.00 0.00  ? 39 VAL A CG1  1 
ATOM 562  C CG2  . VAL A 1 39 ? 7.010   -3.775  -4.624  1.00 0.00  ? 39 VAL A CG2  1 
ATOM 563  H H    . VAL A 1 39 ? 4.710   -5.312  -5.885  1.00 99.99 ? 39 VAL A H    1 
ATOM 564  H HA   . VAL A 1 39 ? 4.921   -4.394  -3.118  1.00 0.00  ? 39 VAL A HA   1 
ATOM 565  H HB   . VAL A 1 39 ? 5.358   -3.066  -5.814  1.00 0.00  ? 39 VAL A HB   1 
ATOM 566  H HG11 . VAL A 1 39 ? 6.363   -1.143  -4.615  1.00 0.00  ? 39 VAL A HG11 1 
ATOM 567  H HG12 . VAL A 1 39 ? 4.641   -1.322  -4.221  1.00 0.00  ? 39 VAL A HG12 1 
ATOM 568  H HG13 . VAL A 1 39 ? 5.882   -1.866  -3.067  1.00 0.00  ? 39 VAL A HG13 1 
ATOM 569  H HG21 . VAL A 1 39 ? 7.031   -4.754  -5.103  1.00 0.00  ? 39 VAL A HG21 1 
ATOM 570  H HG22 . VAL A 1 39 ? 7.741   -3.123  -5.102  1.00 0.00  ? 39 VAL A HG22 1 
ATOM 571  H HG23 . VAL A 1 39 ? 7.259   -3.883  -3.568  1.00 0.00  ? 39 VAL A HG23 1 
ATOM 572  N N    . VAL A 1 40 ? 2.890   -2.886  -2.858  1.00 0.00  ? 40 VAL A N    1 
ATOM 573  C CA   . VAL A 1 40 ? 1.611   -2.217  -2.590  1.00 0.00  ? 40 VAL A CA   1 
ATOM 574  C C    . VAL A 1 40 ? 1.884   -0.836  -1.995  1.00 0.00  ? 40 VAL A C    1 
ATOM 575  O O    . VAL A 1 40 ? 2.443   -0.755  -0.896  1.00 0.00  ? 40 VAL A O    1 
ATOM 576  C CB   . VAL A 1 40 ? 0.698   -3.043  -1.665  1.00 0.00  ? 40 VAL A CB   1 
ATOM 577  C CG1  . VAL A 1 40 ? -0.741  -2.501  -1.726  1.00 0.00  ? 40 VAL A CG1  1 
ATOM 578  C CG2  . VAL A 1 40 ? 0.664   -4.543  -1.997  1.00 0.00  ? 40 VAL A CG2  1 
ATOM 579  H H    . VAL A 1 40 ? 3.574   -2.898  -2.130  1.00 99.99 ? 40 VAL A H    1 
ATOM 580  H HA   . VAL A 1 40 ? 1.095   -2.089  -3.542  1.00 0.00  ? 40 VAL A HA   1 
ATOM 581  H HB   . VAL A 1 40 ? 1.072   -2.933  -0.648  1.00 0.00  ? 40 VAL A HB   1 
ATOM 582  H HG11 . VAL A 1 40 ? -1.381  -3.058  -1.041  1.00 0.00  ? 40 VAL A HG11 1 
ATOM 583  H HG12 . VAL A 1 40 ? -0.742  -1.448  -1.443  1.00 0.00  ? 40 VAL A HG12 1 
ATOM 584  H HG13 . VAL A 1 40 ? -1.124  -2.605  -2.741  1.00 0.00  ? 40 VAL A HG13 1 
ATOM 585  H HG21 . VAL A 1 40 ? 1.673   -4.949  -1.929  1.00 0.00  ? 40 VAL A HG21 1 
ATOM 586  H HG22 . VAL A 1 40 ? 0.017   -5.079  -1.303  1.00 0.00  ? 40 VAL A HG22 1 
ATOM 587  H HG23 . VAL A 1 40 ? 0.285   -4.678  -3.011  1.00 0.00  ? 40 VAL A HG23 1 
ATOM 588  N N    . GLU A 1 41 ? 1.505   0.236   -2.697  1.00 0.00  ? 41 GLU A N    1 
ATOM 589  C CA   . GLU A 1 41 ? 1.786   1.627   -2.292  1.00 0.00  ? 41 GLU A CA   1 
ATOM 590  C C    . GLU A 1 41 ? 0.528   2.360   -1.799  1.00 0.00  ? 41 GLU A C    1 
ATOM 591  O O    . GLU A 1 41 ? -0.137  3.085   -2.545  1.00 0.00  ? 41 GLU A O    1 
ATOM 592  C CB   . GLU A 1 41 ? 2.574   2.376   -3.378  1.00 0.00  ? 41 GLU A CB   1 
ATOM 593  C CG   . GLU A 1 41 ? 4.040   1.910   -3.348  1.00 0.00  ? 41 GLU A CG   1 
ATOM 594  C CD   . GLU A 1 41 ? 4.935   2.698   -4.307  1.00 0.00  ? 41 GLU A CD   1 
ATOM 595  O OE1  . GLU A 1 41 ? 5.036   3.930   -4.139  1.00 0.00  ? 41 GLU A OE1  1 
ATOM 596  O OE2  . GLU A 1 41 ? 5.514   2.039   -5.201  1.00 0.00  ? 41 GLU A OE2  1 
ATOM 597  H H    . GLU A 1 41 ? 0.998   0.087   -3.546  1.00 99.99 ? 41 GLU A H    1 
ATOM 598  H HA   . GLU A 1 41 ? 2.451   1.561   -1.431  1.00 0.00  ? 41 GLU A HA   1 
ATOM 599  H HB2  . GLU A 1 41 ? 2.142   2.162   -4.356  1.00 0.00  ? 41 GLU A HB2  1 
ATOM 600  H HB3  . GLU A 1 41 ? 2.529   3.449   -3.189  1.00 0.00  ? 41 GLU A HB3  1 
ATOM 601  H HG2  . GLU A 1 41 ? 4.424   2.029   -2.335  1.00 0.00  ? 41 GLU A HG2  1 
ATOM 602  H HG3  . GLU A 1 41 ? 4.077   0.855   -3.623  1.00 0.00  ? 41 GLU A HG3  1 
ATOM 603  H HE2  . GLU A 1 41 ? 6.063   2.583   -5.772  1.00 0.00  ? 41 GLU A HE2  1 
ATOM 604  N N    . LEU A 1 42 ? 0.200   2.129   -0.521  1.00 0.00  ? 42 LEU A N    1 
ATOM 605  C CA   . LEU A 1 42 ? -0.984  2.601   0.204   1.00 0.00  ? 42 LEU A CA   1 
ATOM 606  C C    . LEU A 1 42 ? -1.010  4.140   0.334   1.00 0.00  ? 42 LEU A C    1 
ATOM 607  O O    . LEU A 1 42 ? 0.045   4.774   0.371   1.00 0.00  ? 42 LEU A O    1 
ATOM 608  C CB   . LEU A 1 42 ? -0.973  1.960   1.612   1.00 0.00  ? 42 LEU A CB   1 
ATOM 609  C CG   . LEU A 1 42 ? -0.871  0.423   1.691   1.00 0.00  ? 42 LEU A CG   1 
ATOM 610  C CD1  . LEU A 1 42 ? -0.586  -0.015  3.130   1.00 0.00  ? 42 LEU A CD1  1 
ATOM 611  C CD2  . LEU A 1 42 ? -2.139  -0.278  1.233   1.00 0.00  ? 42 LEU A CD2  1 
ATOM 612  H H    . LEU A 1 42 ? 0.839   1.565   0.001   1.00 99.99 ? 42 LEU A H    1 
ATOM 613  H HA   . LEU A 1 42 ? -1.875  2.278   -0.333  1.00 0.00  ? 42 LEU A HA   1 
ATOM 614  H HB2  . LEU A 1 42 ? -0.121  2.373   2.153   1.00 0.00  ? 42 LEU A HB2  1 
ATOM 615  H HB3  . LEU A 1 42 ? -1.896  2.253   2.111   1.00 0.00  ? 42 LEU A HB3  1 
ATOM 616  H HG   . LEU A 1 42 ? -0.048  0.103   1.051   1.00 0.00  ? 42 LEU A HG   1 
ATOM 617  H HD11 . LEU A 1 42 ? -0.487  -1.099  3.177   1.00 0.00  ? 42 LEU A HD11 1 
ATOM 618  H HD12 . LEU A 1 42 ? 0.340   0.447   3.471   1.00 0.00  ? 42 LEU A HD12 1 
ATOM 619  H HD13 . LEU A 1 42 ? -1.408  0.300   3.772   1.00 0.00  ? 42 LEU A HD13 1 
ATOM 620  H HD21 . LEU A 1 42 ? -2.352  0.003   0.201   1.00 0.00  ? 42 LEU A HD21 1 
ATOM 621  H HD22 . LEU A 1 42 ? -2.020  -1.359  1.292   1.00 0.00  ? 42 LEU A HD22 1 
ATOM 622  H HD23 . LEU A 1 42 ? -2.969  0.026   1.870   1.00 0.00  ? 42 LEU A HD23 1 
ATOM 623  N N    . GLY A 1 43 ? -2.207  4.731   0.478   1.00 0.00  ? 43 GLY A N    1 
ATOM 624  C CA   . GLY A 1 43 ? -2.380  6.189   0.574   1.00 0.00  ? 43 GLY A CA   1 
ATOM 625  C C    . GLY A 1 43 ? -3.843  6.666   0.555   1.00 0.00  ? 43 GLY A C    1 
ATOM 626  O O    . GLY A 1 43 ? -4.765  5.859   0.658   1.00 0.00  ? 43 GLY A O    1 
ATOM 627  H H    . GLY A 1 43 ? -3.020  4.150   0.523   1.00 99.99 ? 43 GLY A H    1 
ATOM 628  H HA2  . GLY A 1 43 ? -1.925  6.523   1.507   1.00 0.00  ? 43 GLY A HA2  1 
ATOM 629  H HA3  . GLY A 1 43 ? -1.860  6.648   -0.266  1.00 0.00  ? 43 GLY A HA3  1 
ATOM 630  N N    . CYS A 1 44 ? -4.036  7.990   0.414   1.00 0.00  ? 44 CYS A N    1 
ATOM 631  C CA   . CYS A 1 44 ? -5.321  8.713   0.382   1.00 0.00  ? 44 CYS A CA   1 
ATOM 632  C C    . CYS A 1 44 ? -6.186  8.425   -0.863  1.00 0.00  ? 44 CYS A C    1 
ATOM 633  O O    . CYS A 1 44 ? -5.659  8.361   -1.972  1.00 0.00  ? 44 CYS A O    1 
ATOM 634  C CB   . CYS A 1 44 ? -5.019  10.225  0.474   1.00 0.00  ? 44 CYS A CB   1 
ATOM 635  S SG   . CYS A 1 44 ? -4.424  11.061  -1.033  1.00 0.00  ? 44 CYS A SG   1 
ATOM 636  H H    . CYS A 1 44 ? -3.213  8.549   0.320   1.00 99.99 ? 44 CYS A H    1 
ATOM 637  H HA   . CYS A 1 44 ? -5.893  8.412   1.260   1.00 0.00  ? 44 CYS A HA   1 
ATOM 638  H HB2  . CYS A 1 44 ? -5.941  10.716  0.784   1.00 0.00  ? 44 CYS A HB2  1 
ATOM 639  H HB3  . CYS A 1 44 ? -4.259  10.351  1.246   1.00 0.00  ? 44 CYS A HB3  1 
ATOM 640  N N    . ALA A 1 45 ? -7.515  8.302   -0.709  1.00 0.00  ? 45 ALA A N    1 
ATOM 641  C CA   . ALA A 1 45 ? -8.452  8.182   -1.834  1.00 0.00  ? 45 ALA A CA   1 
ATOM 642  C C    . ALA A 1 45 ? -9.837  8.803   -1.568  1.00 0.00  ? 45 ALA A C    1 
ATOM 643  O O    . ALA A 1 45 ? -10.299 8.883   -0.427  1.00 0.00  ? 45 ALA A O    1 
ATOM 644  C CB   . ALA A 1 45 ? -8.598  6.700   -2.199  1.00 0.00  ? 45 ALA A CB   1 
ATOM 645  H H    . ALA A 1 45 ? -7.887  8.292   0.220   1.00 99.99 ? 45 ALA A H    1 
ATOM 646  H HA   . ALA A 1 45 ? -8.013  8.706   -2.682  1.00 0.00  ? 45 ALA A HA   1 
ATOM 647  H HB1  . ALA A 1 45 ? -9.031  6.160   -1.357  1.00 0.00  ? 45 ALA A HB1  1 
ATOM 648  H HB2  . ALA A 1 45 ? -9.248  6.597   -3.068  1.00 0.00  ? 45 ALA A HB2  1 
ATOM 649  H HB3  . ALA A 1 45 ? -7.617  6.285   -2.431  1.00 0.00  ? 45 ALA A HB3  1 
ATOM 650  N N    . ALA A 1 46 ? -10.517 9.192   -2.654  1.00 0.00  ? 46 ALA A N    1 
ATOM 651  C CA   . ALA A 1 46 ? -11.916 9.636   -2.699  1.00 0.00  ? 46 ALA A CA   1 
ATOM 652  C C    . ALA A 1 46 ? -12.831 8.595   -3.371  1.00 0.00  ? 46 ALA A C    1 
ATOM 653  O O    . ALA A 1 46 ? -13.987 8.437   -2.992  1.00 0.00  ? 46 ALA A O    1 
ATOM 654  C CB   . ALA A 1 46 ? -11.980 10.967  -3.462  1.00 0.00  ? 46 ALA A CB   1 
ATOM 655  H H    . ALA A 1 46 ? -10.021 9.178   -3.524  1.00 99.99 ? 46 ALA A H    1 
ATOM 656  H HA   . ALA A 1 46 ? -12.262 9.795   -1.678  1.00 0.00  ? 46 ALA A HA   1 
ATOM 657  H HB1  . ALA A 1 46 ? -11.633 10.816  -4.484  1.00 0.00  ? 46 ALA A HB1  1 
ATOM 658  H HB2  . ALA A 1 46 ? -13.009 11.326  -3.478  1.00 0.00  ? 46 ALA A HB2  1 
ATOM 659  H HB3  . ALA A 1 46 ? -11.345 11.700  -2.966  1.00 0.00  ? 46 ALA A HB3  1 
ATOM 660  N N    . THR A 1 47 ? -12.293 7.849   -4.341  1.00 0.00  ? 47 THR A N    1 
ATOM 661  C CA   . THR A 1 47 ? -12.884 6.693   -5.023  1.00 0.00  ? 47 THR A CA   1 
ATOM 662  C C    . THR A 1 47 ? -11.786 5.639   -5.226  1.00 0.00  ? 47 THR A C    1 
ATOM 663  O O    . THR A 1 47 ? -10.608 5.968   -5.098  1.00 0.00  ? 47 THR A O    1 
ATOM 664  C CB   . THR A 1 47 ? -13.483 7.097   -6.387  1.00 0.00  ? 47 THR A CB   1 
ATOM 665  O OG1  . THR A 1 47 ? -12.479 7.607   -7.235  1.00 0.00  ? 47 THR A OG1  1 
ATOM 666  C CG2  . THR A 1 47 ? -14.578 8.161   -6.285  1.00 0.00  ? 47 THR A CG2  1 
ATOM 667  H H    . THR A 1 47 ? -11.375 8.112   -4.639  1.00 99.99 ? 47 THR A H    1 
ATOM 668  H HA   . THR A 1 47 ? -13.676 6.278   -4.399  1.00 0.00  ? 47 THR A HA   1 
ATOM 669  H HB   . THR A 1 47 ? -13.911 6.204   -6.842  1.00 0.00  ? 47 THR A HB   1 
ATOM 670  H HG1  . THR A 1 47 ? -12.881 7.864   -8.113  1.00 99.99 ? 47 THR A HG1  1 
ATOM 671  H HG21 . THR A 1 47 ? -14.161 9.064   -5.840  1.00 0.00  ? 47 THR A HG21 1 
ATOM 672  H HG22 . THR A 1 47 ? -14.975 8.400   -7.272  1.00 0.00  ? 47 THR A HG22 1 
ATOM 673  H HG23 . THR A 1 47 ? -15.387 7.785   -5.658  1.00 0.00  ? 47 THR A HG23 1 
ATOM 674  N N    . CYS A 1 48 ? -12.147 4.381   -5.512  1.00 0.00  ? 48 CYS A N    1 
ATOM 675  C CA   . CYS A 1 48 ? -11.199 3.270   -5.660  1.00 0.00  ? 48 CYS A CA   1 
ATOM 676  C C    . CYS A 1 48 ? -10.511 3.283   -7.044  1.00 0.00  ? 48 CYS A C    1 
ATOM 677  O O    . CYS A 1 48 ? -11.155 2.897   -8.023  1.00 0.00  ? 48 CYS A O    1 
ATOM 678  C CB   . CYS A 1 48 ? -11.914 1.947   -5.362  1.00 0.00  ? 48 CYS A CB   1 
ATOM 679  S SG   . CYS A 1 48 ? -12.529 1.870   -3.656  1.00 0.00  ? 48 CYS A SG   1 
ATOM 680  H H    . CYS A 1 48 ? -13.121 4.188   -5.633  1.00 99.99 ? 48 CYS A H    1 
ATOM 681  H HA   . CYS A 1 48 ? -10.419 3.400   -4.909  1.00 0.00  ? 48 CYS A HA   1 
ATOM 682  H HB2  . CYS A 1 48 ? -12.756 1.845   -6.046  1.00 0.00  ? 48 CYS A HB2  1 
ATOM 683  H HB3  . CYS A 1 48 ? -11.212 1.128   -5.523  1.00 0.00  ? 48 CYS A HB3  1 
ATOM 684  N N    . PRO A 1 49 ? -9.241  3.730   -7.180  1.00 0.00  ? 49 PRO A N    1 
ATOM 685  C CA   . PRO A 1 49 ? -8.595  4.074   -8.461  1.00 0.00  ? 49 PRO A CA   1 
ATOM 686  C C    . PRO A 1 49 ? -8.325  2.934   -9.470  1.00 0.00  ? 49 PRO A C    1 
ATOM 687  O O    . PRO A 1 49 ? -7.512  3.131   -10.375 1.00 0.00  ? 49 PRO A O    1 
ATOM 688  C CB   . PRO A 1 49 ? -7.269  4.760   -8.088  1.00 0.00  ? 49 PRO A CB   1 
ATOM 689  C CG   . PRO A 1 49 ? -7.443  5.193   -6.638  1.00 0.00  ? 49 PRO A CG   1 
ATOM 690  C CD   . PRO A 1 49 ? -8.337  4.093   -6.089  1.00 0.00  ? 49 PRO A CD   1 
ATOM 691  H HA   . PRO A 1 49 ? -9.239  4.796   -8.965  1.00 0.00  ? 49 PRO A HA   1 
ATOM 692  H HB2  . PRO A 1 49 ? -6.418  4.089   -8.212  1.00 0.00  ? 49 PRO A HB2  1 
ATOM 693  H HB3  . PRO A 1 49 ? -7.149  5.650   -8.705  1.00 0.00  ? 49 PRO A HB3  1 
ATOM 694  H HG2  . PRO A 1 49 ? -6.477  5.160   -6.135  1.00 0.00  ? 49 PRO A HG2  1 
ATOM 695  H HG3  . PRO A 1 49 ? -7.892  6.181   -6.547  1.00 0.00  ? 49 PRO A HG3  1 
ATOM 696  H HD2  . PRO A 1 49 ? -7.741  3.239   -5.765  1.00 0.00  ? 49 PRO A HD2  1 
ATOM 697  H HD3  . PRO A 1 49 ? -8.925  4.482   -5.257  1.00 0.00  ? 49 PRO A HD3  1 
ATOM 698  N N    . SER A 1 50 ? -8.939  1.751   -9.337  1.00 0.00  ? 50 SER A N    1 
ATOM 699  C CA   . SER A 1 50 ? -8.576  0.530   -10.073 1.00 0.00  ? 50 SER A CA   1 
ATOM 700  C C    . SER A 1 50 ? -8.477  0.719   -11.592 1.00 0.00  ? 50 SER A C    1 
ATOM 701  O O    . SER A 1 50 ? -9.274  1.424   -12.221 1.00 0.00  ? 50 SER A O    1 
ATOM 702  C CB   . SER A 1 50 ? -9.556  -0.607  -9.767  1.00 0.00  ? 50 SER A CB   1 
ATOM 703  O OG   . SER A 1 50 ? -9.244  -1.185  -8.514  1.00 0.00  ? 50 SER A OG   1 
ATOM 704  H H    . SER A 1 50 ? -9.699  1.692   -8.689  1.00 99.99 ? 50 SER A H    1 
ATOM 705  H HA   . SER A 1 50 ? -7.591  0.231   -9.717  1.00 0.00  ? 50 SER A HA   1 
ATOM 706  H HB2  . SER A 1 50 ? -10.571 -0.212  -9.740  1.00 0.00  ? 50 SER A HB2  1 
ATOM 707  H HB3  . SER A 1 50 ? -9.481  -1.367  -10.544 1.00 0.00  ? 50 SER A HB3  1 
ATOM 708  H HG   . SER A 1 50 ? -9.886  -1.927  -8.321  1.00 99.99 ? 50 SER A HG   1 
ATOM 709  N N    . LYS A 1 51 ? -7.497  0.036   -12.185 1.00 0.00  ? 51 LYS A N    1 
ATOM 710  C CA   . LYS A 1 51 ? -7.306  -0.145  -13.624 1.00 0.00  ? 51 LYS A CA   1 
ATOM 711  C C    . LYS A 1 51 ? -7.627  -1.610  -13.974 1.00 0.00  ? 51 LYS A C    1 
ATOM 712  O O    . LYS A 1 51 ? -8.370  -2.273  -13.251 1.00 0.00  ? 51 LYS A O    1 
ATOM 713  C CB   . LYS A 1 51 ? -5.877  0.300   -14.012 1.00 0.00  ? 51 LYS A CB   1 
ATOM 714  C CG   . LYS A 1 51 ? -5.464  1.732   -13.595 1.00 0.00  ? 51 LYS A CG   1 
ATOM 715  C CD   . LYS A 1 51 ? -6.035  2.861   -14.472 1.00 0.00  ? 51 LYS A CD   1 
ATOM 716  C CE   . LYS A 1 51 ? -7.501  3.234   -14.214 1.00 0.00  ? 51 LYS A CE   1 
ATOM 717  N NZ   . LYS A 1 51 ? -7.697  3.943   -12.928 1.00 0.00  ? 51 LYS A NZ   1 
ATOM 718  H H    . LYS A 1 51 ? -6.825  -0.397  -11.584 1.00 99.99 ? 51 LYS A H    1 
ATOM 719  H HA   . LYS A 1 51 ? -8.011  0.494   -14.158 1.00 0.00  ? 51 LYS A HA   1 
ATOM 720  H HB2  . LYS A 1 51 ? -5.176  -0.394  -13.548 1.00 0.00  ? 51 LYS A HB2  1 
ATOM 721  H HB3  . LYS A 1 51 ? -5.790  0.233   -15.096 1.00 0.00  ? 51 LYS A HB3  1 
ATOM 722  H HG2  . LYS A 1 51 ? -5.802  1.896   -12.572 1.00 0.00  ? 51 LYS A HG2  1 
ATOM 723  H HG3  . LYS A 1 51 ? -4.376  1.794   -13.633 1.00 0.00  ? 51 LYS A HG3  1 
ATOM 724  H HD2  . LYS A 1 51 ? -5.430  3.752   -14.304 1.00 0.00  ? 51 LYS A HD2  1 
ATOM 725  H HD3  . LYS A 1 51 ? -5.946  2.553   -15.513 1.00 0.00  ? 51 LYS A HD3  1 
ATOM 726  H HE2  . LYS A 1 51 ? -7.846  3.877   -15.024 1.00 0.00  ? 51 LYS A HE2  1 
ATOM 727  H HE3  . LYS A 1 51 ? -8.098  2.321   -14.204 1.00 0.00  ? 51 LYS A HE3  1 
ATOM 728  H HZ1  . LYS A 1 51 ? -7.162  4.788   -12.929 1.00 99.99 ? 51 LYS A HZ1  1 
ATOM 729  H HZ2  . LYS A 1 51 ? -8.665  4.161   -12.810 1.00 99.99 ? 51 LYS A HZ2  1 
ATOM 730  H HZ3  . LYS A 1 51 ? -7.392  3.357   -12.175 1.00 99.99 ? 51 LYS A HZ3  1 
ATOM 731  N N    . LYS A 1 52 ? -7.165  -2.078  -15.138 1.00 0.00  ? 52 LYS A N    1 
ATOM 732  C CA   . LYS A 1 52 ? -7.389  -3.437  -15.649 1.00 0.00  ? 52 LYS A CA   1 
ATOM 733  C C    . LYS A 1 52 ? -6.113  -4.139  -16.159 1.00 0.00  ? 52 LYS A C    1 
ATOM 734  O O    . LYS A 1 52 ? -5.919  -5.283  -15.761 1.00 0.00  ? 52 LYS A O    1 
ATOM 735  C CB   . LYS A 1 52 ? -8.532  -3.474  -16.689 1.00 0.00  ? 52 LYS A CB   1 
ATOM 736  C CG   . LYS A 1 52 ? -9.928  -3.315  -16.052 1.00 0.00  ? 52 LYS A CG   1 
ATOM 737  C CD   . LYS A 1 52 ? -10.416 -1.858  -15.920 1.00 0.00  ? 52 LYS A CD   1 
ATOM 738  C CE   . LYS A 1 52 ? -11.221 -1.627  -14.631 1.00 0.00  ? 52 LYS A CE   1 
ATOM 739  N NZ   . LYS A 1 52 ? -12.439 -2.467  -14.573 1.00 0.00  ? 52 LYS A NZ   1 
ATOM 740  H H    . LYS A 1 52 ? -6.625  -1.454  -15.703 1.00 99.99 ? 52 LYS A H    1 
ATOM 741  H HA   . LYS A 1 52 ? -7.732  -4.021  -14.795 1.00 0.00  ? 52 LYS A HA   1 
ATOM 742  H HB2  . LYS A 1 52 ? -8.380  -2.663  -17.400 1.00 0.00  ? 52 LYS A HB2  1 
ATOM 743  H HB3  . LYS A 1 52 ? -8.495  -4.429  -17.213 1.00 0.00  ? 52 LYS A HB3  1 
ATOM 744  H HG2  . LYS A 1 52 ? -10.645 -3.858  -16.668 1.00 0.00  ? 52 LYS A HG2  1 
ATOM 745  H HG3  . LYS A 1 52 ? -9.898  -3.755  -15.056 1.00 0.00  ? 52 LYS A HG3  1 
ATOM 746  H HD2  . LYS A 1 52 ? -9.549  -1.197  -15.915 1.00 0.00  ? 52 LYS A HD2  1 
ATOM 747  H HD3  . LYS A 1 52 ? -11.048 -1.621  -16.775 1.00 0.00  ? 52 LYS A HD3  1 
ATOM 748  H HE2  . LYS A 1 52 ? -10.589 -1.862  -13.775 1.00 0.00  ? 52 LYS A HE2  1 
ATOM 749  H HE3  . LYS A 1 52 ? -11.514 -0.578  -14.582 1.00 0.00  ? 52 LYS A HE3  1 
ATOM 750  H HZ1  . LYS A 1 52 ? -12.181 -3.433  -14.607 1.00 99.99 ? 52 LYS A HZ1  1 
ATOM 751  H HZ2  . LYS A 1 52 ? -12.930 -2.285  -13.720 1.00 99.99 ? 52 LYS A HZ2  1 
ATOM 752  H HZ3  . LYS A 1 52 ? -13.030 -2.253  -15.350 1.00 99.99 ? 52 LYS A HZ3  1 
ATOM 753  N N    . PRO A 1 53 ? -5.232  -3.526  -16.981 1.00 0.00  ? 53 PRO A N    1 
ATOM 754  C CA   . PRO A 1 53 ? -4.064  -4.239  -17.514 1.00 0.00  ? 53 PRO A CA   1 
ATOM 755  C C    . PRO A 1 53 ? -2.934  -4.488  -16.498 1.00 0.00  ? 53 PRO A C    1 
ATOM 756  O O    . PRO A 1 53 ? -2.051  -5.291  -16.791 1.00 0.00  ? 53 PRO A O    1 
ATOM 757  C CB   . PRO A 1 53 ? -3.583  -3.409  -18.710 1.00 0.00  ? 53 PRO A CB   1 
ATOM 758  C CG   . PRO A 1 53 ? -4.052  -1.995  -18.383 1.00 0.00  ? 53 PRO A CG   1 
ATOM 759  C CD   . PRO A 1 53 ? -5.357  -2.222  -17.626 1.00 0.00  ? 53 PRO A CD   1 
ATOM 760  H HA   . PRO A 1 53 ? -4.395  -5.214  -17.874 1.00 0.00  ? 53 PRO A HA   1 
ATOM 761  H HB2  . PRO A 1 53 ? -2.503  -3.465  -18.838 1.00 0.00  ? 53 PRO A HB2  1 
ATOM 762  H HB3  . PRO A 1 53 ? -4.098  -3.752  -19.609 1.00 0.00  ? 53 PRO A HB3  1 
ATOM 763  H HG2  . PRO A 1 53 ? -3.327  -1.528  -17.716 1.00 0.00  ? 53 PRO A HG2  1 
ATOM 764  H HG3  . PRO A 1 53 ? -4.195  -1.391  -19.279 1.00 0.00  ? 53 PRO A HG3  1 
ATOM 765  H HD2  . PRO A 1 53 ? -5.516  -1.431  -16.892 1.00 0.00  ? 53 PRO A HD2  1 
ATOM 766  H HD3  . PRO A 1 53 ? -6.186  -2.257  -18.331 1.00 0.00  ? 53 PRO A HD3  1 
ATOM 767  N N    . TYR A 1 54 ? -2.947  -3.838  -15.320 1.00 0.00  ? 54 TYR A N    1 
ATOM 768  C CA   . TYR A 1 54 ? -2.006  -4.124  -14.224 1.00 0.00  ? 54 TYR A CA   1 
ATOM 769  C C    . TYR A 1 54 ? -2.527  -3.675  -12.843 1.00 0.00  ? 54 TYR A C    1 
ATOM 770  O O    . TYR A 1 54 ? -2.495  -4.454  -11.896 1.00 0.00  ? 54 TYR A O    1 
ATOM 771  C CB   . TYR A 1 54 ? -0.616  -3.509  -14.525 1.00 0.00  ? 54 TYR A CB   1 
ATOM 772  C CG   . TYR A 1 54 ? -0.535  -1.993  -14.444 1.00 0.00  ? 54 TYR A CG   1 
ATOM 773  C CD1  . TYR A 1 54 ? -1.087  -1.193  -15.464 1.00 0.00  ? 54 TYR A CD1  1 
ATOM 774  C CD2  . TYR A 1 54 ? 0.036   -1.386  -13.307 1.00 0.00  ? 54 TYR A CD2  1 
ATOM 775  C CE1  . TYR A 1 54 ? -1.141  0.207   -15.316 1.00 0.00  ? 54 TYR A CE1  1 
ATOM 776  C CE2  . TYR A 1 54 ? 0.004   0.012   -13.169 1.00 0.00  ? 54 TYR A CE2  1 
ATOM 777  C CZ   . TYR A 1 54 ? -0.619  0.808   -14.150 1.00 0.00  ? 54 TYR A CZ   1 
ATOM 778  O OH   . TYR A 1 54 ? -0.788  2.139   -13.925 1.00 0.00  ? 54 TYR A OH   1 
ATOM 779  H H    . TYR A 1 54 ? -3.633  -3.124  -15.181 1.00 99.99 ? 54 TYR A H    1 
ATOM 780  H HA   . TYR A 1 54 ? -1.886  -5.206  -14.186 1.00 0.00  ? 54 TYR A HA   1 
ATOM 781  H HB2  . TYR A 1 54 ? 0.099   -3.925  -13.815 1.00 0.00  ? 54 TYR A HB2  1 
ATOM 782  H HB3  . TYR A 1 54 ? -0.325  -3.809  -15.532 1.00 0.00  ? 54 TYR A HB3  1 
ATOM 783  H HD1  . TYR A 1 54 ? -1.475  -1.657  -16.370 1.00 99.99 ? 54 TYR A HD1  1 
ATOM 784  H HD2  . TYR A 1 54 ? 0.461   -2.003  -12.515 1.00 99.99 ? 54 TYR A HD2  1 
ATOM 785  H HE1  . TYR A 1 54 ? -1.673  0.812   -16.050 1.00 99.99 ? 54 TYR A HE1  1 
ATOM 786  H HE2  . TYR A 1 54 ? 0.465   0.482   -12.300 1.00 99.99 ? 54 TYR A HE2  1 
ATOM 787  H HH   . TYR A 1 54 ? -0.357  2.388   -13.059 1.00 99.99 ? 54 TYR A HH   1 
ATOM 788  N N    . GLU A 1 55 ? -2.976  -2.418  -12.714 1.00 0.00  ? 55 GLU A N    1 
ATOM 789  C CA   . GLU A 1 55 ? -3.233  -1.771  -11.421 1.00 0.00  ? 55 GLU A CA   1 
ATOM 790  C C    . GLU A 1 55 ? -4.556  -2.208  -10.761 1.00 0.00  ? 55 GLU A C    1 
ATOM 791  O O    . GLU A 1 55 ? -5.614  -1.608  -10.970 1.00 0.00  ? 55 GLU A O    1 
ATOM 792  C CB   . GLU A 1 55 ? -3.131  -0.233  -11.573 1.00 0.00  ? 55 GLU A CB   1 
ATOM 793  C CG   . GLU A 1 55 ? -2.195  0.400   -10.537 1.00 0.00  ? 55 GLU A CG   1 
ATOM 794  C CD   . GLU A 1 55 ? -2.110  1.915   -10.742 1.00 0.00  ? 55 GLU A CD   1 
ATOM 795  O OE1  . GLU A 1 55 ? -1.291  2.368   -11.573 1.00 0.00  ? 55 GLU A OE1  1 
ATOM 796  O OE2  . GLU A 1 55 ? -2.861  2.653   -10.061 1.00 0.00  ? 55 GLU A OE2  1 
ATOM 797  H H    . GLU A 1 55 ? -3.147  -1.892  -13.547 1.00 99.99 ? 55 GLU A H    1 
ATOM 798  H HA   . GLU A 1 55 ? -2.432  -2.083  -10.750 1.00 0.00  ? 55 GLU A HA   1 
ATOM 799  H HB2  . GLU A 1 55 ? -2.754  -0.006  -12.571 1.00 0.00  ? 55 GLU A HB2  1 
ATOM 800  H HB3  . GLU A 1 55 ? -4.126  0.197   -11.455 1.00 0.00  ? 55 GLU A HB3  1 
ATOM 801  H HG2  . GLU A 1 55 ? -2.573  0.193   -9.537  1.00 0.00  ? 55 GLU A HG2  1 
ATOM 802  H HG3  . GLU A 1 55 ? -1.199  -0.032  -10.641 1.00 0.00  ? 55 GLU A HG3  1 
ATOM 803  H HE2  . GLU A 1 55 ? -2.754  3.590   -10.239 1.00 0.00  ? 55 GLU A HE2  1 
ATOM 804  N N    . GLU A 1 56 ? -4.497  -3.240  -9.914  1.00 0.00  ? 56 GLU A N    1 
ATOM 805  C CA   . GLU A 1 56 ? -5.462  -3.399  -8.822  1.00 0.00  ? 56 GLU A CA   1 
ATOM 806  C C    . GLU A 1 56 ? -5.313  -2.219  -7.851  1.00 0.00  ? 56 GLU A C    1 
ATOM 807  O O    . GLU A 1 56 ? -4.205  -1.960  -7.375  1.00 0.00  ? 56 GLU A O    1 
ATOM 808  C CB   . GLU A 1 56 ? -5.253  -4.758  -8.125  1.00 0.00  ? 56 GLU A CB   1 
ATOM 809  C CG   . GLU A 1 56 ? -6.169  -5.014  -6.908  1.00 0.00  ? 56 GLU A CG   1 
ATOM 810  C CD   . GLU A 1 56 ? -5.636  -4.485  -5.560  1.00 0.00  ? 56 GLU A CD   1 
ATOM 811  O OE1  . GLU A 1 56 ? -6.394  -3.751  -4.878  1.00 0.00  ? 56 GLU A OE1  1 
ATOM 812  O OE2  . GLU A 1 56 ? -4.523  -4.876  -5.165  1.00 0.00  ? 56 GLU A OE2  1 
ATOM 813  H H    . GLU A 1 56 ? -3.847  -3.993  -10.017 1.00 99.99 ? 56 GLU A H    1 
ATOM 814  H HA   . GLU A 1 56 ? -6.469  -3.380  -9.238  1.00 0.00  ? 56 GLU A HA   1 
ATOM 815  H HB2  . GLU A 1 56 ? -5.436  -5.545  -8.858  1.00 0.00  ? 56 GLU A HB2  1 
ATOM 816  H HB3  . GLU A 1 56 ? -4.219  -4.809  -7.787  1.00 0.00  ? 56 GLU A HB3  1 
ATOM 817  H HG2  . GLU A 1 56 ? -7.131  -4.538  -7.102  1.00 0.00  ? 56 GLU A HG2  1 
ATOM 818  H HG3  . GLU A 1 56 ? -6.315  -6.090  -6.814  1.00 0.00  ? 56 GLU A HG3  1 
ATOM 819  H HE2  . GLU A 1 56 ? -4.270  -4.524  -4.308  1.00 0.00  ? 56 GLU A HE2  1 
ATOM 820  N N    . VAL A 1 57 ? -6.415  -1.491  -7.600  1.00 0.00  ? 57 VAL A N    1 
ATOM 821  C CA   . VAL A 1 57 ? -6.455  -0.406  -6.613  1.00 0.00  ? 57 VAL A CA   1 
ATOM 822  C C    . VAL A 1 57 ? -7.751  -0.426  -5.787  1.00 0.00  ? 57 VAL A C    1 
ATOM 823  O O    . VAL A 1 57 ? -8.571  0.494   -5.819  1.00 0.00  ? 57 VAL A O    1 
ATOM 824  C CB   . VAL A 1 57 ? -6.148  0.986   -7.213  1.00 0.00  ? 57 VAL A CB   1 
ATOM 825  C CG1  . VAL A 1 57 ? -5.558  1.836   -6.092  1.00 0.00  ? 57 VAL A CG1  1 
ATOM 826  C CG2  . VAL A 1 57 ? -5.132  1.020   -8.360  1.00 0.00  ? 57 VAL A CG2  1 
ATOM 827  H H    . VAL A 1 57 ? -7.251  -1.698  -8.112  1.00 99.99 ? 57 VAL A H    1 
ATOM 828  H HA   . VAL A 1 57 ? -5.645  -0.617  -5.915  1.00 0.00  ? 57 VAL A HA   1 
ATOM 829  H HB   . VAL A 1 57 ? -7.083  1.420   -7.566  1.00 0.00  ? 57 VAL A HB   1 
ATOM 830  H HG11 . VAL A 1 57 ? -5.366  2.844   -6.462  1.00 0.00  ? 57 VAL A HG11 1 
ATOM 831  H HG12 . VAL A 1 57 ? -6.263  1.883   -5.263  1.00 0.00  ? 57 VAL A HG12 1 
ATOM 832  H HG13 . VAL A 1 57 ? -4.624  1.390   -5.752  1.00 0.00  ? 57 VAL A HG13 1 
ATOM 833  H HG21 . VAL A 1 57 ? -5.508  0.421   -9.189  1.00 0.00  ? 57 VAL A HG21 1 
ATOM 834  H HG22 . VAL A 1 57 ? -4.966  2.041   -8.707  1.00 0.00  ? 57 VAL A HG22 1 
ATOM 835  H HG23 . VAL A 1 57 ? -4.186  0.607   -8.012  1.00 0.00  ? 57 VAL A HG23 1 
ATOM 836  N N    . THR A 1 58 ? -7.920  -1.501  -5.015  1.00 0.00  ? 58 THR A N    1 
ATOM 837  C CA   . THR A 1 58 ? -8.953  -1.658  -3.983  1.00 0.00  ? 58 THR A CA   1 
ATOM 838  C C    . THR A 1 58 ? -8.732  -0.718  -2.787  1.00 0.00  ? 58 THR A C    1 
ATOM 839  O O    . THR A 1 58 ? -7.760  0.038   -2.719  1.00 0.00  ? 58 THR A O    1 
ATOM 840  C CB   . THR A 1 58 ? -9.041  -3.118  -3.489  1.00 0.00  ? 58 THR A CB   1 
ATOM 841  O OG1  . THR A 1 58 ? -7.800  -3.533  -2.955  1.00 0.00  ? 58 THR A OG1  1 
ATOM 842  C CG2  . THR A 1 58 ? -9.513  -4.088  -4.574  1.00 0.00  ? 58 THR A CG2  1 
ATOM 843  H H    . THR A 1 58 ? -7.290  -2.265  -5.151  1.00 99.99 ? 58 THR A H    1 
ATOM 844  H HA   . THR A 1 58 ? -9.908  -1.399  -4.440  1.00 0.00  ? 58 THR A HA   1 
ATOM 845  H HB   . THR A 1 58 ? -9.774  -3.146  -2.682  1.00 0.00  ? 58 THR A HB   1 
ATOM 846  H HG1  . THR A 1 58 ? -7.871  -4.479  -2.639  1.00 99.99 ? 58 THR A HG1  1 
ATOM 847  H HG21 . THR A 1 58 ? -8.800  -4.081  -5.399  1.00 0.00  ? 58 THR A HG21 1 
ATOM 848  H HG22 . THR A 1 58 ? -9.586  -5.099  -4.174  1.00 0.00  ? 58 THR A HG22 1 
ATOM 849  H HG23 . THR A 1 58 ? -10.492 -3.774  -4.936  1.00 0.00  ? 58 THR A HG23 1 
ATOM 850  N N    . CYS A 1 59 ? -9.663  -0.770  -1.830  1.00 0.00  ? 59 CYS A N    1 
ATOM 851  C CA   . CYS A 1 59 ? -9.829  0.201   -0.753  1.00 0.00  ? 59 CYS A CA   1 
ATOM 852  C C    . CYS A 1 59 ? -10.002 -0.453  0.626   1.00 0.00  ? 59 CYS A C    1 
ATOM 853  O O    . CYS A 1 59 ? -10.265 -1.656  0.728   1.00 0.00  ? 59 CYS A O    1 
ATOM 854  C CB   . CYS A 1 59 ? -11.067 1.025   -1.110  1.00 0.00  ? 59 CYS A CB   1 
ATOM 855  S SG   . CYS A 1 59 ? -10.836 2.108   -2.542  1.00 0.00  ? 59 CYS A SG   1 
ATOM 856  H H    . CYS A 1 59 ? -10.302 -1.539  -1.854  1.00 99.99 ? 59 CYS A H    1 
ATOM 857  H HA   . CYS A 1 59 ? -8.952  0.849   -0.721  1.00 0.00  ? 59 CYS A HA   1 
ATOM 858  H HB2  . CYS A 1 59 ? -11.883 0.336   -1.326  1.00 0.00  ? 59 CYS A HB2  1 
ATOM 859  H HB3  . CYS A 1 59 ? -11.326 1.640   -0.249  1.00 0.00  ? 59 CYS A HB3  1 
ATOM 860  N N    . CYS A 1 60 ? -9.946  0.366   1.682   1.00 0.00  ? 60 CYS A N    1 
ATOM 861  C CA   . CYS A 1 60 ? -10.712 0.102   2.901   1.00 0.00  ? 60 CYS A CA   1 
ATOM 862  C C    . CYS A 1 60 ? -11.442 1.378   3.350   1.00 0.00  ? 60 CYS A C    1 
ATOM 863  O O    . CYS A 1 60 ? -10.911 2.478   3.219   1.00 0.00  ? 60 CYS A O    1 
ATOM 864  C CB   . CYS A 1 60 ? -9.831  -0.484  4.004   1.00 0.00  ? 60 CYS A CB   1 
ATOM 865  S SG   . CYS A 1 60 ? -10.812 -1.441  5.189   1.00 0.00  ? 60 CYS A SG   1 
ATOM 866  H H    . CYS A 1 60 ? -9.471  1.246   1.664   1.00 99.99 ? 60 CYS A H    1 
ATOM 867  H HA   . CYS A 1 60 ? -11.469 -0.645  2.659   1.00 0.00  ? 60 CYS A HA   1 
ATOM 868  H HB2  . CYS A 1 60 ? -9.083  -1.136  3.551   1.00 0.00  ? 60 CYS A HB2  1 
ATOM 869  H HB3  . CYS A 1 60 ? -9.333  0.332   4.529   1.00 0.00  ? 60 CYS A HB3  1 
ATOM 870  N N    . SER A 1 61 ? -12.677 1.209   3.835   1.00 0.00  ? 61 SER A N    1 
ATOM 871  C CA   . SER A 1 61 ? -13.658 2.271   4.077   1.00 0.00  ? 61 SER A CA   1 
ATOM 872  C C    . SER A 1 61 ? -13.687 2.801   5.514   1.00 0.00  ? 61 SER A C    1 
ATOM 873  O O    . SER A 1 61 ? -14.424 3.747   5.787   1.00 0.00  ? 61 SER A O    1 
ATOM 874  C CB   . SER A 1 61 ? -15.045 1.737   3.703   1.00 0.00  ? 61 SER A CB   1 
ATOM 875  O OG   . SER A 1 61 ? -15.279 0.500   4.354   1.00 0.00  ? 61 SER A OG   1 
ATOM 876  H H    . SER A 1 61 ? -12.957 0.273   4.053   1.00 99.99 ? 61 SER A H    1 
ATOM 877  H HA   . SER A 1 61 ? -13.411 3.105   3.419   1.00 0.00  ? 61 SER A HA   1 
ATOM 878  H HB2  . SER A 1 61 ? -15.804 2.455   4.012   1.00 0.00  ? 61 SER A HB2  1 
ATOM 879  H HB3  . SER A 1 61 ? -15.099 1.593   2.625   1.00 0.00  ? 61 SER A HB3  1 
ATOM 880  H HG   . SER A 1 61 ? -16.185 0.157   4.105   1.00 99.99 ? 61 SER A HG   1 
ATOM 881  N N    . THR A 1 62 ? -12.904 2.222   6.432   1.00 0.00  ? 62 THR A N    1 
ATOM 882  C CA   . THR A 1 62 ? -12.817 2.634   7.840   1.00 0.00  ? 62 THR A CA   1 
ATOM 883  C C    . THR A 1 62 ? -11.355 2.797   8.286   1.00 0.00  ? 62 THR A C    1 
ATOM 884  O O    . THR A 1 62 ? -10.423 2.631   7.496   1.00 0.00  ? 62 THR A O    1 
ATOM 885  C CB   . THR A 1 62 ? -13.600 1.677   8.765   1.00 0.00  ? 62 THR A CB   1 
ATOM 886  O OG1  . THR A 1 62 ? -13.049 0.386   8.741   1.00 0.00  ? 62 THR A OG1  1 
ATOM 887  C CG2  . THR A 1 62 ? -15.082 1.555   8.398   1.00 0.00  ? 62 THR A CG2  1 
ATOM 888  H H    . THR A 1 62 ? -12.335 1.453   6.138   1.00 99.99 ? 62 THR A H    1 
ATOM 889  H HA   . THR A 1 62 ? -13.291 3.613   7.915   1.00 0.00  ? 62 THR A HA   1 
ATOM 890  H HB   . THR A 1 62 ? -13.530 2.067   9.780   1.00 0.00  ? 62 THR A HB   1 
ATOM 891  H HG1  . THR A 1 62 ? -12.263 0.369   8.123   1.00 99.99 ? 62 THR A HG1  1 
ATOM 892  H HG21 . THR A 1 62 ? -15.171 1.159   7.387   1.00 0.00  ? 62 THR A HG21 1 
ATOM 893  H HG22 . THR A 1 62 ? -15.594 0.886   9.090   1.00 0.00  ? 62 THR A HG22 1 
ATOM 894  H HG23 . THR A 1 62 ? -15.546 2.540   8.446   1.00 0.00  ? 62 THR A HG23 1 
ATOM 895  N N    . ASP A 1 63 ? -11.151 3.202   9.542   1.00 0.00  ? 63 ASP A N    1 
ATOM 896  C CA   . ASP A 1 63 ? -9.831  3.529   10.078  1.00 0.00  ? 63 ASP A CA   1 
ATOM 897  C C    . ASP A 1 63 ? -8.900  2.296   10.162  1.00 0.00  ? 63 ASP A C    1 
ATOM 898  O O    . ASP A 1 63 ? -9.342  1.163   10.339  1.00 0.00  ? 63 ASP A O    1 
ATOM 899  C CB   . ASP A 1 63 ? -10.026 4.224   11.437  1.00 0.00  ? 63 ASP A CB   1 
ATOM 900  C CG   . ASP A 1 63 ? -8.765  4.924   11.950  1.00 0.00  ? 63 ASP A CG   1 
ATOM 901  O OD1  . ASP A 1 63 ? -7.854  5.214   11.140  1.00 0.00  ? 63 ASP A OD1  1 
ATOM 902  O OD2  . ASP A 1 63 ? -8.651  5.116   13.183  1.00 0.00  ? 63 ASP A OD2  1 
ATOM 903  H H    . ASP A 1 63 ? -11.943 3.288   10.147  1.00 99.99 ? 63 ASP A H    1 
ATOM 904  H HA   . ASP A 1 63 ? -9.363  4.241   9.398   1.00 0.00  ? 63 ASP A HA   1 
ATOM 905  H HB2  . ASP A 1 63 ? -10.818 4.965   11.336  1.00 0.00  ? 63 ASP A HB2  1 
ATOM 906  H HB3  . ASP A 1 63 ? -10.329 3.474   12.168  1.00 0.00  ? 63 ASP A HB3  1 
ATOM 907  H HD2  . ASP A 1 63 ? -7.829  5.542   13.438  1.00 0.00  ? 63 ASP A HD2  1 
ATOM 908  N N    . LYS A 1 64 ? -7.585  2.543   10.048  1.00 0.00  ? 64 LYS A N    1 
ATOM 909  C CA   . LYS A 1 64 ? -6.425  1.615   9.986   1.00 0.00  ? 64 LYS A CA   1 
ATOM 910  C C    . LYS A 1 64 ? -6.485  0.433   8.995   1.00 0.00  ? 64 LYS A C    1 
ATOM 911  O O    . LYS A 1 64 ? -5.410  -0.016  8.599   1.00 0.00  ? 64 LYS A O    1 
ATOM 912  C CB   . LYS A 1 64 ? -6.031  1.105   11.400  1.00 0.00  ? 64 LYS A CB   1 
ATOM 913  C CG   . LYS A 1 64 ? -5.160  2.053   12.258  1.00 0.00  ? 64 LYS A CG   1 
ATOM 914  C CD   . LYS A 1 64 ? -5.838  3.411   12.409  1.00 0.00  ? 64 LYS A CD   1 
ATOM 915  C CE   . LYS A 1 64 ? -5.241  4.429   13.369  1.00 0.00  ? 64 LYS A CE   1 
ATOM 916  N NZ   . LYS A 1 64 ? -6.076  5.655   13.305  1.00 0.00  ? 64 LYS A NZ   1 
ATOM 917  H H    . LYS A 1 64 ? -7.346  3.512   9.995   1.00 99.99 ? 64 LYS A H    1 
ATOM 918  H HA   . LYS A 1 64 ? -5.600  2.236   9.641   1.00 0.00  ? 64 LYS A HA   1 
ATOM 919  H HB2  . LYS A 1 64 ? -6.951  0.913   11.951  1.00 0.00  ? 64 LYS A HB2  1 
ATOM 920  H HB3  . LYS A 1 64 ? -5.480  0.174   11.274  1.00 0.00  ? 64 LYS A HB3  1 
ATOM 921  H HG2  . LYS A 1 64 ? -5.016  1.612   13.244  1.00 0.00  ? 64 LYS A HG2  1 
ATOM 922  H HG3  . LYS A 1 64 ? -4.192  2.186   11.775  1.00 0.00  ? 64 LYS A HG3  1 
ATOM 923  H HD2  . LYS A 1 64 ? -5.853  3.872   11.421  1.00 0.00  ? 64 LYS A HD2  1 
ATOM 924  H HD3  . LYS A 1 64 ? -6.860  3.223   12.737  1.00 0.00  ? 64 LYS A HD3  1 
ATOM 925  H HE2  . LYS A 1 64 ? -5.242  4.029   14.383  1.00 0.00  ? 64 LYS A HE2  1 
ATOM 926  H HE3  . LYS A 1 64 ? -4.217  4.661   13.075  1.00 0.00  ? 64 LYS A HE3  1 
ATOM 927  H HZ1  . LYS A 1 64 ? -7.014  5.434   13.574  1.00 99.99 ? 64 LYS A HZ1  1 
ATOM 928  H HZ2  . LYS A 1 64 ? -5.705  6.344   13.930  1.00 99.99 ? 64 LYS A HZ2  1 
ATOM 929  H HZ3  . LYS A 1 64 ? -6.072  6.014   12.373  1.00 99.99 ? 64 LYS A HZ3  1 
ATOM 930  N N    . CYS A 1 65 ? -7.654  -0.050  8.558   1.00 0.00  ? 65 CYS A N    1 
ATOM 931  C CA   . CYS A 1 65 ? -7.881  -1.295  7.801   1.00 0.00  ? 65 CYS A CA   1 
ATOM 932  C C    . CYS A 1 65 ? -7.383  -1.318  6.338   1.00 0.00  ? 65 CYS A C    1 
ATOM 933  O O    . CYS A 1 65 ? -7.606  -2.285  5.609   1.00 0.00  ? 65 CYS A O    1 
ATOM 934  C CB   . CYS A 1 65 ? -9.372  -1.641  7.882   1.00 0.00  ? 65 CYS A CB   1 
ATOM 935  S SG   . CYS A 1 65 ? -10.505 -0.546  6.988   1.00 0.00  ? 65 CYS A SG   1 
ATOM 936  H H    . CYS A 1 65 ? -8.465  0.496   8.766   1.00 99.99 ? 65 CYS A H    1 
ATOM 937  H HA   . CYS A 1 65 ? -7.330  -2.076  8.324   1.00 0.00  ? 65 CYS A HA   1 
ATOM 938  H HB2  . CYS A 1 65 ? -9.493  -2.648  7.485   1.00 0.00  ? 65 CYS A HB2  1 
ATOM 939  H HB3  . CYS A 1 65 ? -9.651  -1.627  8.935   1.00 0.00  ? 65 CYS A HB3  1 
ATOM 940  N N    . ASN A 1 66 ? -6.660  -0.281  5.907   1.00 0.00  ? 66 ASN A N    1 
ATOM 941  C CA   . ASN A 1 66 ? -6.094  -0.109  4.574   1.00 0.00  ? 66 ASN A CA   1 
ATOM 942  C C    . ASN A 1 66 ? -5.316  -1.313  3.974   1.00 0.00  ? 66 ASN A C    1 
ATOM 943  O O    . ASN A 1 66 ? -5.479  -1.516  2.769   1.00 0.00  ? 66 ASN A O    1 
ATOM 944  C CB   . ASN A 1 66 ? -5.206  1.148   4.617   1.00 0.00  ? 66 ASN A CB   1 
ATOM 945  C CG   . ASN A 1 66 ? -4.775  1.736   3.276   1.00 0.00  ? 66 ASN A CG   1 
ATOM 946  O OD1  . ASN A 1 66 ? -4.086  2.738   3.252   1.00 0.00  ? 66 ASN A OD1  1 
ATOM 947  N ND2  . ASN A 1 66 ? -5.145  1.155   2.156   1.00 0.00  ? 66 ASN A ND2  1 
ATOM 948  H H    . ASN A 1 66 ? -6.488  0.452   6.568   1.00 99.99 ? 66 ASN A H    1 
ATOM 949  H HA   . ASN A 1 66 ? -6.929  0.087   3.902   1.00 0.00  ? 66 ASN A HA   1 
ATOM 950  H HB2  . ASN A 1 66 ? -5.752  1.920   5.156   1.00 0.00  ? 66 ASN A HB2  1 
ATOM 951  H HB3  . ASN A 1 66 ? -4.302  0.894   5.171   1.00 0.00  ? 66 ASN A HB3  1 
ATOM 952  H HD21 . ASN A 1 66 ? -5.709  0.330   2.182   1.00 99.99 ? 66 ASN A HD21 1 
ATOM 953  H HD22 . ASN A 1 66 ? -4.863  1.540   1.276   1.00 99.99 ? 66 ASN A HD22 1 
ATOM 954  N N    . PRO A 1 67 ? -4.429  -2.037  4.693   1.00 0.00  ? 67 PRO A N    1 
ATOM 955  C CA   . PRO A 1 67 ? -3.355  -2.816  4.062   1.00 0.00  ? 67 PRO A CA   1 
ATOM 956  C C    . PRO A 1 67 ? -3.781  -4.205  3.514   1.00 0.00  ? 67 PRO A C    1 
ATOM 957  O O    . PRO A 1 67 ? -4.941  -4.454  3.194   1.00 0.00  ? 67 PRO A O    1 
ATOM 958  C CB   . PRO A 1 67 ? -2.253  -2.857  5.133   1.00 0.00  ? 67 PRO A CB   1 
ATOM 959  C CG   . PRO A 1 67 ? -3.051  -2.951  6.424   1.00 0.00  ? 67 PRO A CG   1 
ATOM 960  C CD   . PRO A 1 67 ? -4.194  -1.983  6.137   1.00 0.00  ? 67 PRO A CD   1 
ATOM 961  H HA   . PRO A 1 67 ? -2.980  -2.252  3.208   1.00 0.00  ? 67 PRO A HA   1 
ATOM 962  H HB2  . PRO A 1 67 ? -1.576  -3.700  4.999   1.00 0.00  ? 67 PRO A HB2  1 
ATOM 963  H HB3  . PRO A 1 67 ? -1.706  -1.915  5.119   1.00 0.00  ? 67 PRO A HB3  1 
ATOM 964  H HG2  . PRO A 1 67 ? -3.446  -3.961  6.533   1.00 0.00  ? 67 PRO A HG2  1 
ATOM 965  H HG3  . PRO A 1 67 ? -2.469  -2.667  7.301   1.00 0.00  ? 67 PRO A HG3  1 
ATOM 966  H HD2  . PRO A 1 67 ? -5.088  -2.271  6.692   1.00 0.00  ? 67 PRO A HD2  1 
ATOM 967  H HD3  . PRO A 1 67 ? -3.891  -0.971  6.405   1.00 0.00  ? 67 PRO A HD3  1 
ATOM 968  N N    . HIS A 1 68 ? -2.778  -5.068  3.315   1.00 0.00  ? 68 HIS A N    1 
ATOM 969  C CA   . HIS A 1 68 ? -2.719  -6.352  2.598   1.00 0.00  ? 68 HIS A CA   1 
ATOM 970  C C    . HIS A 1 68 ? -2.143  -7.458  3.529   1.00 0.00  ? 68 HIS A C    1 
ATOM 971  O O    . HIS A 1 68 ? -1.956  -7.179  4.721   1.00 0.00  ? 68 HIS A O    1 
ATOM 972  C CB   . HIS A 1 68 ? -1.864  -6.079  1.334   1.00 0.00  ? 68 HIS A CB   1 
ATOM 973  C CG   . HIS A 1 68 ? -0.537  -5.384  1.576   1.00 0.00  ? 68 HIS A CG   1 
ATOM 974  N ND1  . HIS A 1 68 ? 0.694   -5.996  1.716   1.00 0.00  ? 68 HIS A ND1  1 
ATOM 975  C CD2  . HIS A 1 68 ? -0.339  -4.033  1.614   1.00 0.00  ? 68 HIS A CD2  1 
ATOM 976  C CE1  . HIS A 1 68 ? 1.626   -5.025  1.826   1.00 0.00  ? 68 HIS A CE1  1 
ATOM 977  N NE2  . HIS A 1 68 ? 1.018   -3.822  1.788   1.00 0.00  ? 68 HIS A NE2  1 
ATOM 978  H H    . HIS A 1 68 ? -1.910  -4.789  3.728   1.00 99.99 ? 68 HIS A H    1 
ATOM 979  H HA   . HIS A 1 68 ? -3.721  -6.650  2.292   1.00 0.00  ? 68 HIS A HA   1 
ATOM 980  H HB2  . HIS A 1 68 ? -1.663  -7.033  0.848   1.00 0.00  ? 68 HIS A HB2  1 
ATOM 981  H HB3  . HIS A 1 68 ? -2.451  -5.455  0.658   1.00 0.00  ? 68 HIS A HB3  1 
ATOM 982  H HD1  . HIS A 1 68 ? 0.858   -6.979  1.788   1.00 99.99 ? 68 HIS A HD1  1 
ATOM 983  H HD2  . HIS A 1 68 ? -1.099  -3.272  1.525   1.00 0.00  ? 68 HIS A HD2  1 
ATOM 984  H HE1  . HIS A 1 68 ? 2.689   -5.186  1.928   1.00 0.00  ? 68 HIS A HE1  1 
ATOM 985  H HE2  . HIS A 1 68 ? 1.472   -2.924  1.872   1.00 0.00  ? 68 HIS A HE2  1 
ATOM 986  N N    . PRO A 1 69 ? -1.822  -8.690  3.061   1.00 0.00  ? 69 PRO A N    1 
ATOM 987  C CA   . PRO A 1 69 ? -0.858  -9.571  3.747   1.00 0.00  ? 69 PRO A CA   1 
ATOM 988  C C    . PRO A 1 69 ? 0.581   -9.014  3.669   1.00 0.00  ? 69 PRO A C    1 
ATOM 989  O O    . PRO A 1 69 ? 0.976   -8.486  2.630   1.00 0.00  ? 69 PRO A O    1 
ATOM 990  C CB   . PRO A 1 69 ? -0.970  -10.929 3.039   1.00 0.00  ? 69 PRO A CB   1 
ATOM 991  C CG   . PRO A 1 69 ? -1.508  -10.581 1.649   1.00 0.00  ? 69 PRO A CG   1 
ATOM 992  C CD   . PRO A 1 69 ? -2.429  -9.395  1.937   1.00 0.00  ? 69 PRO A CD   1 
ATOM 993  H HA   . PRO A 1 69 ? -1.137  -9.680  4.795   1.00 0.00  ? 69 PRO A HA   1 
ATOM 994  H HB2  . PRO A 1 69 ? -0.011  -11.443 2.990   1.00 0.00  ? 69 PRO A HB2  1 
ATOM 995  H HB3  . PRO A 1 69 ? -1.709  -11.539 3.558   1.00 0.00  ? 69 PRO A HB3  1 
ATOM 996  H HG2  . PRO A 1 69 ? -0.682  -10.250 1.019   1.00 0.00  ? 69 PRO A HG2  1 
ATOM 997  H HG3  . PRO A 1 69 ? -2.037  -11.415 1.188   1.00 0.00  ? 69 PRO A HG3  1 
ATOM 998  H HD2  . PRO A 1 69 ? -2.512  -8.751  1.061   1.00 0.00  ? 69 PRO A HD2  1 
ATOM 999  H HD3  . PRO A 1 69 ? -3.412  -9.758  2.236   1.00 0.00  ? 69 PRO A HD3  1 
ATOM 1000 N N    . LYS A 1 70 ? 1.347   -9.103  4.772   1.00 0.00  ? 70 LYS A N    1 
ATOM 1001 C CA   . LYS A 1 70 ? 2.733   -8.594  4.925   1.00 0.00  ? 70 LYS A CA   1 
ATOM 1002 C C    . LYS A 1 70 ? 3.437   -9.117  6.183   1.00 0.00  ? 70 LYS A C    1 
ATOM 1003 O O    . LYS A 1 70 ? 4.462   -9.782  6.077   1.00 0.00  ? 70 LYS A O    1 
ATOM 1004 C CB   . LYS A 1 70 ? 2.846   -7.045  4.814   1.00 0.00  ? 70 LYS A CB   1 
ATOM 1005 C CG   . LYS A 1 70 ? 2.155   -6.124  5.848   1.00 0.00  ? 70 LYS A CG   1 
ATOM 1006 C CD   . LYS A 1 70 ? 0.654   -6.380  5.950   1.00 0.00  ? 70 LYS A CD   1 
ATOM 1007 C CE   . LYS A 1 70 ? -0.132  -5.412  6.838   1.00 0.00  ? 70 LYS A CE   1 
ATOM 1008 N NZ   . LYS A 1 70 ? -1.433  -6.026  7.200   1.00 0.00  ? 70 LYS A NZ   1 
ATOM 1009 H H    . LYS A 1 70 ? 0.943   -9.554  5.568   1.00 99.99 ? 70 LYS A H    1 
ATOM 1010 H HA   . LYS A 1 70 ? 3.284   -9.000  4.076   1.00 0.00  ? 70 LYS A HA   1 
ATOM 1011 H HB2  . LYS A 1 70 ? 3.909   -6.809  4.848   1.00 0.00  ? 70 LYS A HB2  1 
ATOM 1012 H HB3  . LYS A 1 70 ? 2.443   -6.773  3.838   1.00 0.00  ? 70 LYS A HB3  1 
ATOM 1013 H HG2  . LYS A 1 70 ? 2.606   -6.295  6.825   1.00 0.00  ? 70 LYS A HG2  1 
ATOM 1014 H HG3  . LYS A 1 70 ? 2.313   -5.086  5.552   1.00 0.00  ? 70 LYS A HG3  1 
ATOM 1015 H HD2  . LYS A 1 70 ? 0.237   -6.322  4.944   1.00 0.00  ? 70 LYS A HD2  1 
ATOM 1016 H HD3  . LYS A 1 70 ? 0.513   -7.385  6.346   1.00 0.00  ? 70 LYS A HD3  1 
ATOM 1017 H HE2  . LYS A 1 70 ? 0.437   -5.202  7.743   1.00 0.00  ? 70 LYS A HE2  1 
ATOM 1018 H HE3  . LYS A 1 70 ? -0.305  -4.481  6.298   1.00 0.00  ? 70 LYS A HE3  1 
ATOM 1019 H HZ1  . LYS A 1 70 ? -1.272  -6.880  7.696   1.00 99.99 ? 70 LYS A HZ1  1 
ATOM 1020 H HZ2  . LYS A 1 70 ? -1.949  -5.396  7.779   1.00 99.99 ? 70 LYS A HZ2  1 
ATOM 1021 H HZ3  . LYS A 1 70 ? -1.955  -6.217  6.368   1.00 99.99 ? 70 LYS A HZ3  1 
ATOM 1022 N N    . GLN A 1 71 ? 2.906   -8.810  7.372   1.00 0.00  ? 71 GLN A N    1 
ATOM 1023 C CA   . GLN A 1 71 ? 3.517   -9.124  8.670   1.00 0.00  ? 71 GLN A CA   1 
ATOM 1024 C C    . GLN A 1 71 ? 3.357   -10.609 9.028   1.00 0.00  ? 71 GLN A C    1 
ATOM 1025 O O    . GLN A 1 71 ? 2.549   -10.987 9.877   1.00 0.00  ? 71 GLN A O    1 
ATOM 1026 C CB   . GLN A 1 71 ? 2.947   -8.188  9.754   1.00 0.00  ? 71 GLN A CB   1 
ATOM 1027 C CG   . GLN A 1 71 ? 3.537   -6.763  9.633   1.00 0.00  ? 71 GLN A CG   1 
ATOM 1028 C CD   . GLN A 1 71 ? 2.519   -5.627  9.732   1.00 0.00  ? 71 GLN A CD   1 
ATOM 1029 O OE1  . GLN A 1 71 ? 1.309   -5.799  9.649   1.00 0.00  ? 71 GLN A OE1  1 
ATOM 1030 N NE2  . GLN A 1 71 ? 2.987   -4.396  9.822   1.00 0.00  ? 71 GLN A NE2  1 
ATOM 1031 H H    . GLN A 1 71 ? 2.029   -8.331  7.377   1.00 99.99 ? 71 GLN A H    1 
ATOM 1032 H HA   . GLN A 1 71 ? 4.585   -8.922  8.588   1.00 0.00  ? 71 GLN A HA   1 
ATOM 1033 H HB2  . GLN A 1 71 ? 1.863   -8.133  9.642   1.00 0.00  ? 71 GLN A HB2  1 
ATOM 1034 H HB3  . GLN A 1 71 ? 3.190   -8.591  10.736  1.00 0.00  ? 71 GLN A HB3  1 
ATOM 1035 H HG2  . GLN A 1 71 ? 4.270   -6.632  10.430  1.00 0.00  ? 71 GLN A HG2  1 
ATOM 1036 H HG3  . GLN A 1 71 ? 4.039   -6.685  8.669   1.00 0.00  ? 71 GLN A HG3  1 
ATOM 1037 H HE21 . GLN A 1 71 ? 3.974   -4.236  9.822   1.00 99.99 ? 71 GLN A HE21 1 
ATOM 1038 H HE22 . GLN A 1 71 ? 2.355   -3.625  9.888   1.00 99.99 ? 71 GLN A HE22 1 
ATOM 1039 N N    . ARG A 1 72 ? 4.164   -11.448 8.372   1.00 0.00  ? 72 ARG A N    1 
ATOM 1040 C CA   . ARG A 1 72 ? 4.354   -12.870 8.659   1.00 0.00  ? 72 ARG A CA   1 
ATOM 1041 C C    . ARG A 1 72 ? 5.831   -13.230 8.436   1.00 0.00  ? 72 ARG A C    1 
ATOM 1042 O O    . ARG A 1 72 ? 6.426   -12.720 7.484   1.00 0.00  ? 72 ARG A O    1 
ATOM 1043 C CB   . ARG A 1 72 ? 3.418   -13.679 7.736   1.00 0.00  ? 72 ARG A CB   1 
ATOM 1044 C CG   . ARG A 1 72 ? 3.505   -15.192 7.975   1.00 0.00  ? 72 ARG A CG   1 
ATOM 1045 C CD   . ARG A 1 72 ? 2.580   -15.977 7.037   1.00 0.00  ? 72 ARG A CD   1 
ATOM 1046 N NE   . ARG A 1 72 ? 2.821   -17.423 7.173   1.00 0.00  ? 72 ARG A NE   1 
ATOM 1047 C CZ   . ARG A 1 72 ? 2.190   -18.406 6.538   1.00 0.00  ? 72 ARG A CZ   1 
ATOM 1048 N NH1  . ARG A 1 72 ? 1.214   -18.172 5.696   1.00 0.00  ? 72 ARG A NH1  1 
ATOM 1049 N NH2  . ARG A 1 72 ? 2.546   -19.651 6.744   1.00 0.00  ? 72 ARG A NH2  1 
ATOM 1050 H H    . ARG A 1 72 ? 4.690   -11.067 7.612   1.00 99.99 ? 72 ARG A H    1 
ATOM 1051 H HA   . ARG A 1 72 ? 4.093   -13.072 9.698   1.00 0.00  ? 72 ARG A HA   1 
ATOM 1052 H HB2  . ARG A 1 72 ? 2.391   -13.357 7.914   1.00 0.00  ? 72 ARG A HB2  1 
ATOM 1053 H HB3  . ARG A 1 72 ? 3.689   -13.473 6.701   1.00 0.00  ? 72 ARG A HB3  1 
ATOM 1054 H HG2  . ARG A 1 72 ? 4.533   -15.517 7.808   1.00 0.00  ? 72 ARG A HG2  1 
ATOM 1055 H HG3  . ARG A 1 72 ? 3.221   -15.403 9.006   1.00 0.00  ? 72 ARG A HG3  1 
ATOM 1056 H HD2  . ARG A 1 72 ? 1.542   -15.759 7.287   1.00 0.00  ? 72 ARG A HD2  1 
ATOM 1057 H HD3  . ARG A 1 72 ? 2.771   -15.674 6.006   1.00 0.00  ? 72 ARG A HD3  1 
ATOM 1058 H HE   . ARG A 1 72 ? 3.538   -17.698 7.816   1.00 99.99 ? 72 ARG A HE   1 
ATOM 1059 H HH11 . ARG A 1 72 ? 0.922   -17.233 5.516   1.00 99.99 ? 72 ARG A HH11 1 
ATOM 1060 H HH12 . ARG A 1 72 ? 0.760   -18.934 5.234   1.00 99.99 ? 72 ARG A HH12 1 
ATOM 1061 H HH21 . ARG A 1 72 ? 3.291   -19.860 7.378   1.00 99.99 ? 72 ARG A HH21 1 
ATOM 1062 H HH22 . ARG A 1 72 ? 2.073   -20.391 6.267   1.00 99.99 ? 72 ARG A HH22 1 
ATOM 1063 N N    . PRO A 1 73 ? 6.427   -14.139 9.236   1.00 0.00  ? 73 PRO A N    1 
ATOM 1064 C CA   . PRO A 1 73 ? 7.732   -14.725 8.929   1.00 0.00  ? 73 PRO A CA   1 
ATOM 1065 C C    . PRO A 1 73 ? 7.665   -15.539 7.624   1.00 0.00  ? 73 PRO A C    1 
ATOM 1066 O O    . PRO A 1 73 ? 7.206   -16.680 7.608   1.00 0.00  ? 73 PRO A O    1 
ATOM 1067 C CB   . PRO A 1 73 ? 8.114   -15.565 10.154  1.00 0.00  ? 73 PRO A CB   1 
ATOM 1068 C CG   . PRO A 1 73 ? 6.771   -15.904 10.799  1.00 0.00  ? 73 PRO A CG   1 
ATOM 1069 C CD   . PRO A 1 73 ? 5.919   -14.677 10.490  1.00 0.00  ? 73 PRO A CD   1 
ATOM 1070 H HA   . PRO A 1 73 ? 8.470   -13.933 8.802   1.00 0.00  ? 73 PRO A HA   1 
ATOM 1071 H HB2  . PRO A 1 73 ? 8.674   -16.458 9.880   1.00 0.00  ? 73 PRO A HB2  1 
ATOM 1072 H HB3  . PRO A 1 73 ? 8.688   -14.945 10.843  1.00 0.00  ? 73 PRO A HB3  1 
ATOM 1073 H HG2  . PRO A 1 73 ? 6.344   -16.771 10.297  1.00 0.00  ? 73 PRO A HG2  1 
ATOM 1074 H HG3  . PRO A 1 73 ? 6.860   -16.083 11.871  1.00 0.00  ? 73 PRO A HG3  1 
ATOM 1075 H HD2  . PRO A 1 73 ? 4.867   -14.951 10.406  1.00 0.00  ? 73 PRO A HD2  1 
ATOM 1076 H HD3  . PRO A 1 73 ? 6.056   -13.931 11.273  1.00 0.00  ? 73 PRO A HD3  1 
ATOM 1077 N N    . GLY A 1 74 ? 8.095   -14.923 6.517   1.00 0.00  ? 74 GLY A N    1 
ATOM 1078 C CA   . GLY A 1 74 ? 8.089   -15.521 5.183   1.00 0.00  ? 74 GLY A CA   1 
ATOM 1079 C C    . GLY A 1 74 ? 9.299   -15.087 4.373   1.00 0.00  ? 74 GLY A C    1 
ATOM 1080 O O    . GLY A 1 74 ? 9.194   -14.981 3.148   1.00 0.00  ? 74 GLY A O    1 
ATOM 1081 H H    . GLY A 1 74 ? 8.441   -13.988 6.609   1.00 99.99 ? 74 GLY A H    1 
ATOM 1082 H HA2  . GLY A 1 74 ? 8.098   -16.606 5.281   1.00 0.00  ? 74 GLY A HA2  1 
ATOM 1083 H HA3  . GLY A 1 74 ? 7.183   -15.212 4.660   1.00 0.00  ? 74 GLY A HA3  1 
ATOM 1084 N N    . HIS B 2 1  ? 14.345  -3.558  1.441   1.00 0.00  ? 1  HIS B N    1 
ATOM 1085 C CA   . HIS B 2 1  ? 13.611  -2.397  1.922   1.00 0.00  ? 1  HIS B CA   1 
ATOM 1086 C C    . HIS B 2 1  ? 12.423  -2.125  1.003   1.00 0.00  ? 1  HIS B C    1 
ATOM 1087 O O    . HIS B 2 1  ? 12.570  -1.497  -0.044  1.00 0.00  ? 1  HIS B O    1 
ATOM 1088 C CB   . HIS B 2 1  ? 14.543  -1.191  2.059   1.00 0.00  ? 1  HIS B CB   1 
ATOM 1089 C CG   . HIS B 2 1  ? 13.829  0.141   2.047   1.00 0.00  ? 1  HIS B CG   1 
ATOM 1090 N ND1  . HIS B 2 1  ? 14.222  1.197   1.245   1.00 0.00  ? 1  HIS B ND1  1 
ATOM 1091 C CD2  . HIS B 2 1  ? 12.743  0.575   2.748   1.00 0.00  ? 1  HIS B CD2  1 
ATOM 1092 C CE1  . HIS B 2 1  ? 13.403  2.214   1.457   1.00 0.00  ? 1  HIS B CE1  1 
ATOM 1093 N NE2  . HIS B 2 1  ? 12.489  1.828   2.391   1.00 0.00  ? 1  HIS B NE2  1 
ATOM 1094 H H1   . HIS B 2 1  ? 13.902  -3.914  0.619   1.00 99.99 ? 1  HIS B H1   1 
ATOM 1095 H H2   . HIS B 2 1  ? 15.300  -3.385  1.202   1.00 99.99 ? 1  HIS B H2   1 
ATOM 1096 H H3   . HIS B 2 1  ? 14.401  -4.319  2.087   1.00 99.99 ? 1  HIS B H3   1 
ATOM 1097 H HA   . HIS B 2 1  ? 13.223  -2.629  2.914   1.00 0.00  ? 1  HIS B HA   1 
ATOM 1098 H HB2  . HIS B 2 1  ? 15.089  -1.281  2.997   1.00 0.00  ? 1  HIS B HB2  1 
ATOM 1099 H HB3  . HIS B 2 1  ? 15.254  -1.208  1.233   1.00 0.00  ? 1  HIS B HB3  1 
ATOM 1100 H HD1  . HIS B 2 1  ? 14.995  1.192   0.611   1.00 99.99 ? 1  HIS B HD1  1 
ATOM 1101 H HD2  . HIS B 2 1  ? 12.185  -0.002  3.472   1.00 0.00  ? 1  HIS B HD2  1 
ATOM 1102 H HE1  . HIS B 2 1  ? 13.449  3.179   0.975   1.00 0.00  ? 1  HIS B HE1  1 
ATOM 1103 H HE2  . HIS B 2 1  ? 11.741  2.402   2.753   1.00 0.00  ? 1  HIS B HE2  1 
ATOM 1104 N N    . ARG B 2 2  ? 11.263  -2.610  1.429   1.00 0.00  ? 2  ARG B N    1 
ATOM 1105 C CA   . ARG B 2 2  ? 10.045  -2.427  0.657   1.00 0.00  ? 2  ARG B CA   1 
ATOM 1106 C C    . ARG B 2 2  ? 8.835   -2.919  1.451   1.00 0.00  ? 2  ARG B C    1 
ATOM 1107 O O    . ARG B 2 2  ? 8.989   -3.582  2.477   1.00 0.00  ? 2  ARG B O    1 
ATOM 1108 C CB   . ARG B 2 2  ? 10.118  -3.182  -0.671  1.00 0.00  ? 2  ARG B CB   1 
ATOM 1109 C CG   . ARG B 2 2  ? 10.412  -2.229  -1.831  1.00 0.00  ? 2  ARG B CG   1 
ATOM 1110 C CD   . ARG B 2 2  ? 9.188   -2.071  -2.735  1.00 0.00  ? 2  ARG B CD   1 
ATOM 1111 N NE   . ARG B 2 2  ? 9.267   -0.790  -3.477  1.00 0.00  ? 2  ARG B NE   1 
ATOM 1112 C CZ   . ARG B 2 2  ? 9.299   0.420   -2.884  1.00 0.00  ? 2  ARG B CZ   1 
ATOM 1113 N NH1  . ARG B 2 2  ? 9.265   0.532   -1.539  1.00 0.00  ? 2  ARG B NH1  1 
ATOM 1114 N NH2  . ARG B 2 2  ? 9.371   1.499   -3.642  1.00 0.00  ? 2  ARG B NH2  1 
ATOM 1115 H H    . ARG B 2 2  ? 11.189  -3.256  2.189   1.00 99.99 ? 2  ARG B H    1 
ATOM 1116 H HA   . ARG B 2 2  ? 9.926   -1.363  0.451   1.00 0.00  ? 2  ARG B HA   1 
ATOM 1117 H HB2  . ARG B 2 2  ? 10.912  -3.928  -0.615  1.00 0.00  ? 2  ARG B HB2  1 
ATOM 1118 H HB3  . ARG B 2 2  ? 9.164   -3.679  -0.852  1.00 0.00  ? 2  ARG B HB3  1 
ATOM 1119 H HG2  . ARG B 2 2  ? 10.686  -1.253  -1.428  1.00 0.00  ? 2  ARG B HG2  1 
ATOM 1120 H HG3  . ARG B 2 2  ? 11.240  -2.625  -2.418  1.00 0.00  ? 2  ARG B HG3  1 
ATOM 1121 H HD2  . ARG B 2 2  ? 9.151   -2.899  -3.443  1.00 0.00  ? 2  ARG B HD2  1 
ATOM 1122 H HD3  . ARG B 2 2  ? 8.284   -2.081  -2.125  1.00 0.00  ? 2  ARG B HD3  1 
ATOM 1123 H HE   . ARG B 2 2  ? 9.221   -0.859  -4.473  1.00 99.99 ? 2  ARG B HE   1 
ATOM 1124 H HH11 . ARG B 2 2  ? 9.214   -0.288  -0.971  1.00 99.99 ? 2  ARG B HH11 1 
ATOM 1125 H HH12 . ARG B 2 2  ? 9.290   1.436   -1.112  1.00 99.99 ? 2  ARG B HH12 1 
ATOM 1126 H HH21 . ARG B 2 2  ? 9.401   1.409   -4.637  1.00 99.99 ? 2  ARG B HH21 1 
ATOM 1127 H HH22 . ARG B 2 2  ? 9.397   2.406   -3.221  1.00 99.99 ? 2  ARG B HH22 1 
ATOM 1128 N N    . TYR B 2 3  ? 7.658   -2.576  0.949   1.00 0.00  ? 3  TYR B N    1 
ATOM 1129 C CA   . TYR B 2 3  ? 6.421   -2.974  1.598   1.00 0.00  ? 3  TYR B CA   1 
ATOM 1130 C C    . TYR B 2 3  ? 5.599   -3.897  0.698   1.00 0.00  ? 3  TYR B C    1 
ATOM 1131 O O    . TYR B 2 3  ? 4.407   -3.675  0.497   1.00 0.00  ? 3  TYR B O    1 
ATOM 1132 C CB   . TYR B 2 3  ? 5.639   -1.682  1.839   1.00 0.00  ? 3  TYR B CB   1 
ATOM 1133 C CG   . TYR B 2 3  ? 6.434   -0.410  1.551   1.00 0.00  ? 3  TYR B CG   1 
ATOM 1134 C CD1  . TYR B 2 3  ? 6.528   0.068   0.260   1.00 0.00  ? 3  TYR B CD1  1 
ATOM 1135 C CD2  . TYR B 2 3  ? 7.055   0.264   2.584   1.00 0.00  ? 3  TYR B CD2  1 
ATOM 1136 C CE1  . TYR B 2 3  ? 7.276   1.268   -0.013  1.00 0.00  ? 3  TYR B CE1  1 
ATOM 1137 C CE2  . TYR B 2 3  ? 7.804   1.464   2.309   1.00 0.00  ? 3  TYR B CE2  1 
ATOM 1138 C CZ   . TYR B 2 3  ? 7.879   1.905   1.030   1.00 0.00  ? 3  TYR B CZ   1 
ATOM 1139 O OH   . TYR B 2 3  ? 8.583   3.039   0.772   1.00 0.00  ? 3  TYR B OH   1 
ATOM 1140 H H    . TYR B 2 3  ? 7.549   -2.187  0.033   1.00 99.99 ? 3  TYR B H    1 
ATOM 1141 H HA   . TYR B 2 3  ? 6.636   -3.475  2.543   1.00 0.00  ? 3  TYR B HA   1 
ATOM 1142 H HB2  . TYR B 2 3  ? 4.755   -1.688  1.200   1.00 0.00  ? 3  TYR B HB2  1 
ATOM 1143 H HB3  . TYR B 2 3  ? 5.317   -1.661  2.880   1.00 0.00  ? 3  TYR B HB3  1 
ATOM 1144 H HD1  . TYR B 2 3  ? 6.036   -0.461  -0.557  1.00 99.99 ? 3  TYR B HD1  1 
ATOM 1145 H HD2  . TYR B 2 3  ? 6.922   -0.071  3.612   1.00 99.99 ? 3  TYR B HD2  1 
ATOM 1146 H HE1  . TYR B 2 3  ? 7.163   1.777   -0.970  1.00 99.99 ? 3  TYR B HE1  1 
ATOM 1147 H HE2  . TYR B 2 3  ? 8.113   2.113   3.129   1.00 99.99 ? 3  TYR B HE2  1 
ATOM 1148 H HH   . TYR B 2 3  ? 8.966   3.395   1.624   1.00 99.99 ? 3  TYR B HH   1 
ATOM 1149 N N    . TYR B 2 4  ? 6.271   -4.915  0.175   1.00 0.00  ? 4  TYR B N    1 
ATOM 1150 C CA   . TYR B 2 4  ? 5.617   -5.867  -0.702  1.00 0.00  ? 4  TYR B CA   1 
ATOM 1151 C C    . TYR B 2 4  ? 4.443   -6.549  0.006   1.00 0.00  ? 4  TYR B C    1 
ATOM 1152 O O    . TYR B 2 4  ? 3.994   -6.086  1.053   1.00 0.00  ? 4  TYR B O    1 
ATOM 1153 C CB   . TYR B 2 4  ? 6.673   -6.923  -1.038  1.00 0.00  ? 4  TYR B CB   1 
ATOM 1154 C CG   . TYR B 2 4  ? 7.315   -6.743  -2.413  1.00 0.00  ? 4  TYR B CG   1 
ATOM 1155 C CD1  . TYR B 2 4  ? 8.416   -5.921  -2.560  1.00 0.00  ? 4  TYR B CD1  1 
ATOM 1156 C CD2  . TYR B 2 4  ? 6.799   -7.409  -3.507  1.00 0.00  ? 4  TYR B CD2  1 
ATOM 1157 C CE1  . TYR B 2 4  ? 9.018   -5.752  -3.858  1.00 0.00  ? 4  TYR B CE1  1 
ATOM 1158 C CE2  . TYR B 2 4  ? 7.405   -7.237  -4.804  1.00 0.00  ? 4  TYR B CE2  1 
ATOM 1159 C CZ   . TYR B 2 4  ? 8.486   -6.418  -4.915  1.00 0.00  ? 4  TYR B CZ   1 
ATOM 1160 O OH   . TYR B 2 4  ? 9.057   -6.260  -6.139  1.00 0.00  ? 4  TYR B OH   1 
ATOM 1161 H H    . TYR B 2 4  ? 7.182   -5.185  0.487   1.00 99.99 ? 4  TYR B H    1 
ATOM 1162 H HA   . TYR B 2 4  ? 5.267   -5.369  -1.607  1.00 0.00  ? 4  TYR B HA   1 
ATOM 1163 H HB2  . TYR B 2 4  ? 7.458   -6.882  -0.282  1.00 0.00  ? 4  TYR B HB2  1 
ATOM 1164 H HB3  . TYR B 2 4  ? 6.204   -7.906  -1.001  1.00 0.00  ? 4  TYR B HB3  1 
ATOM 1165 H HD1  . TYR B 2 4  ? 8.814   -5.384  -1.700  1.00 99.99 ? 4  TYR B HD1  1 
ATOM 1166 H HD2  . TYR B 2 4  ? 5.900   -8.014  -3.402  1.00 99.99 ? 4  TYR B HD2  1 
ATOM 1167 H HE1  . TYR B 2 4  ? 9.732   -4.943  -4.024  1.00 99.99 ? 4  TYR B HE1  1 
ATOM 1168 H HE2  . TYR B 2 4  ? 6.882   -7.574  -5.698  1.00 99.99 ? 4  TYR B HE2  1 
ATOM 1169 H HH   . TYR B 2 4  ? 8.561   -6.808  -6.812  1.00 99.99 ? 4  TYR B HH   1 
ATOM 1170 N N    . GLU B 2 5  ? 3.979   -7.637  -0.594  1.00 0.00  ? 5  GLU B N    1 
ATOM 1171 C CA   . GLU B 2 5  ? 2.866   -8.382  -0.034  1.00 0.00  ? 5  GLU B CA   1 
ATOM 1172 C C    . GLU B 2 5  ? 3.362   -9.694  0.580   1.00 0.00  ? 5  GLU B C    1 
ATOM 1173 O O    . GLU B 2 5  ? 2.716   -10.728 0.449   1.00 0.00  ? 5  GLU B O    1 
ATOM 1174 C CB   . GLU B 2 5  ? 1.794   -8.646  -1.096  1.00 0.00  ? 5  GLU B CB   1 
ATOM 1175 C CG   . GLU B 2 5  ? 2.181   -9.836  -1.979  1.00 0.00  ? 5  GLU B CG   1 
ATOM 1176 C CD   . GLU B 2 5  ? 1.078   -10.896 -1.980  1.00 0.00  ? 5  GLU B CD   1 
ATOM 1177 O OE1  . GLU B 2 5  ? 0.083   -10.758 -2.703  1.00 0.00  ? 5  GLU B OE1  1 
ATOM 1178 O OE2  . GLU B 2 5  ? 1.287   -11.894 -1.190  1.00 0.00  ? 5  GLU B OE2  1 
ATOM 1179 H H    . GLU B 2 5  ? 4.237   -7.896  -1.524  1.00 99.99 ? 5  GLU B H    1 
ATOM 1180 H HA   . GLU B 2 5  ? 2.419   -7.779  0.757   1.00 0.00  ? 5  GLU B HA   1 
ATOM 1181 H HB2  . GLU B 2 5  ? 0.847   -8.862  -0.601  1.00 0.00  ? 5  GLU B HB2  1 
ATOM 1182 H HB3  . GLU B 2 5  ? 1.683   -7.760  -1.720  1.00 0.00  ? 5  GLU B HB3  1 
ATOM 1183 H HG2  . GLU B 2 5  ? 2.344   -9.488  -2.999  1.00 0.00  ? 5  GLU B HG2  1 
ATOM 1184 H HG3  . GLU B 2 5  ? 3.103   -10.278 -1.600  1.00 0.00  ? 5  GLU B HG3  1 
ATOM 1185 H HE2  . GLU B 2 5  ? 0.577   -12.540 -1.217  1.00 0.00  ? 5  GLU B HE2  1 
ATOM 1186 N N    . SER B 2 6  ? 4.508   -9.602  1.242   1.00 0.00  ? 6  SER B N    1 
ATOM 1187 C CA   . SER B 2 6  ? 5.098   -10.768 1.878   1.00 0.00  ? 6  SER B CA   1 
ATOM 1188 C C    . SER B 2 6  ? 5.874   -10.344 3.125   1.00 0.00  ? 6  SER B C    1 
ATOM 1189 O O    . SER B 2 6  ? 6.383   -11.190 3.861   1.00 0.00  ? 6  SER B O    1 
ATOM 1190 C CB   . SER B 2 6  ? 6.017   -11.518 0.910   1.00 0.00  ? 6  SER B CB   1 
ATOM 1191 O OG   . SER B 2 6  ? 6.834   -12.471 1.582   1.00 0.00  ? 6  SER B OG   1 
ATOM 1192 H H    . SER B 2 6  ? 4.922   -8.727  1.494   1.00 99.99 ? 6  SER B H    1 
ATOM 1193 H HA   . SER B 2 6  ? 4.293   -11.439 2.179   1.00 0.00  ? 6  SER B HA   1 
ATOM 1194 H HB2  . SER B 2 6  ? 5.404   -12.037 0.173   1.00 0.00  ? 6  SER B HB2  1 
ATOM 1195 H HB3  . SER B 2 6  ? 6.661   -10.797 0.405   1.00 0.00  ? 6  SER B HB3  1 
ATOM 1196 H HG   . SER B 2 6  ? 6.633   -12.451 2.561   1.00 99.99 ? 6  SER B HG   1 
ATOM 1197 N N    . SER B 2 7  ? 5.940   -9.037  3.328   1.00 0.00  ? 7  SER B N    1 
ATOM 1198 C CA   . SER B 2 7  ? 6.647   -8.492  4.477   1.00 0.00  ? 7  SER B CA   1 
ATOM 1199 C C    . SER B 2 7  ? 6.422   -6.980  4.559   1.00 0.00  ? 7  SER B C    1 
ATOM 1200 O O    . SER B 2 7  ? 5.934   -6.368  3.609   1.00 0.00  ? 7  SER B O    1 
ATOM 1201 C CB   . SER B 2 7  ? 8.143   -8.802  4.400   1.00 0.00  ? 7  SER B CB   1 
ATOM 1202 O OG   . SER B 2 7  ? 8.891   -8.065  5.362   1.00 0.00  ? 7  SER B OG   1 
ATOM 1203 H H    . SER B 2 7  ? 5.373   -8.379  2.830   1.00 99.99 ? 7  SER B H    1 
ATOM 1204 H HA   . SER B 2 7  ? 6.244   -8.956  5.377   1.00 0.00  ? 7  SER B HA   1 
ATOM 1205 H HB2  . SER B 2 7  ? 8.292   -9.866  4.582   1.00 0.00  ? 7  SER B HB2  1 
ATOM 1206 H HB3  . SER B 2 7  ? 8.505   -8.548  3.404   1.00 0.00  ? 7  SER B HB3  1 
ATOM 1207 H HG   . SER B 2 7  ? 8.272   -7.488  5.895   1.00 99.99 ? 7  SER B HG   1 
ATOM 1208 N N    . LEU B 2 8  ? 6.785   -6.423  5.704   1.00 0.00  ? 8  LEU B N    1 
ATOM 1209 C CA   . LEU B 2 8  ? 6.630   -4.996  5.924   1.00 0.00  ? 8  LEU B CA   1 
ATOM 1210 C C    . LEU B 2 8  ? 7.975   -4.398  6.344   1.00 0.00  ? 8  LEU B C    1 
ATOM 1211 O O    . LEU B 2 8  ? 8.208   -3.203  6.176   1.00 0.00  ? 8  LEU B O    1 
ATOM 1212 C CB   . LEU B 2 8  ? 5.499   -4.727  6.919   1.00 0.00  ? 8  LEU B CB   1 
ATOM 1213 C CG   . LEU B 2 8  ? 4.890   -3.323  6.881   1.00 0.00  ? 8  LEU B CG   1 
ATOM 1214 C CD1  . LEU B 2 8  ? 5.786   -2.321  7.611   1.00 0.00  ? 8  LEU B CD1  1 
ATOM 1215 C CD2  . LEU B 2 8  ? 4.599   -2.891  5.444   1.00 0.00  ? 8  LEU B CD2  1 
ATOM 1216 H H    . LEU B 2 8  ? 7.017   -6.954  6.519   1.00 99.99 ? 8  LEU B H    1 
ATOM 1217 H HA   . LEU B 2 8  ? 6.347   -4.537  4.976   1.00 0.00  ? 8  LEU B HA   1 
ATOM 1218 H HB2  . LEU B 2 8  ? 4.702   -5.443  6.717   1.00 0.00  ? 8  LEU B HB2  1 
ATOM 1219 H HB3  . LEU B 2 8  ? 5.892   -4.894  7.922   1.00 0.00  ? 8  LEU B HB3  1 
ATOM 1220 H HG   . LEU B 2 8  ? 3.939   -3.361  7.412   1.00 0.00  ? 8  LEU B HG   1 
ATOM 1221 H HD11 . LEU B 2 8  ? 5.321   -1.335  7.605   1.00 0.00  ? 8  LEU B HD11 1 
ATOM 1222 H HD12 . LEU B 2 8  ? 5.927   -2.646  8.642   1.00 0.00  ? 8  LEU B HD12 1 
ATOM 1223 H HD13 . LEU B 2 8  ? 6.753   -2.267  7.111   1.00 0.00  ? 8  LEU B HD13 1 
ATOM 1224 H HD21 . LEU B 2 8  ? 3.924   -3.610  4.980   1.00 0.00  ? 8  LEU B HD21 1 
ATOM 1225 H HD22 . LEU B 2 8  ? 4.134   -1.905  5.439   1.00 0.00  ? 8  LEU B HD22 1 
ATOM 1226 H HD23 . LEU B 2 8  ? 5.531   -2.853  4.882   1.00 0.00  ? 8  LEU B HD23 1 
ATOM 1227 N N    . GLU B 2 9  ? 8.825   -5.261  6.881   1.00 0.00  ? 9  GLU B N    1 
ATOM 1228 C CA   . GLU B 2 9  ? 10.143  -4.832  7.327   1.00 0.00  ? 9  GLU B CA   1 
ATOM 1229 C C    . GLU B 2 9  ? 11.119  -4.805  6.149   1.00 0.00  ? 9  GLU B C    1 
ATOM 1230 O O    . GLU B 2 9  ? 11.045  -5.646  5.257   1.00 0.00  ? 9  GLU B O    1 
ATOM 1231 C CB   . GLU B 2 9  ? 10.662  -5.736  8.448   1.00 0.00  ? 9  GLU B CB   1 
ATOM 1232 C CG   . GLU B 2 9  ? 9.569   -6.003  9.486   1.00 0.00  ? 9  GLU B CG   1 
ATOM 1233 C CD   . GLU B 2 9  ? 9.076   -4.696  10.109  1.00 0.00  ? 9  GLU B CD   1 
ATOM 1234 O OE1  . GLU B 2 9  ? 8.021   -4.177  9.709   1.00 0.00  ? 9  GLU B OE1  1 
ATOM 1235 O OE2  . GLU B 2 9  ? 9.826   -4.216  11.038  1.00 0.00  ? 9  GLU B OE2  1 
ATOM 1236 H H    . GLU B 2 9  ? 8.695   -6.251  6.842   1.00 99.99 ? 9  GLU B H    1 
ATOM 1237 H HA   . GLU B 2 9  ? 10.053  -3.819  7.722   1.00 0.00  ? 9  GLU B HA   1 
ATOM 1238 H HB2  . GLU B 2 9  ? 10.987  -6.684  8.020   1.00 0.00  ? 9  GLU B HB2  1 
ATOM 1239 H HB3  . GLU B 2 9  ? 11.507  -5.249  8.937   1.00 0.00  ? 9  GLU B HB3  1 
ATOM 1240 H HG2  . GLU B 2 9  ? 8.733   -6.507  9.003   1.00 0.00  ? 9  GLU B HG2  1 
ATOM 1241 H HG3  . GLU B 2 9  ? 9.970   -6.643  10.271  1.00 0.00  ? 9  GLU B HG3  1 
ATOM 1242 H HE2  . GLU B 2 9  ? 9.483   -3.397  11.404  1.00 0.00  ? 9  GLU B HE2  1 
ATOM 1243 N N    . PRO B 2 10 ? 12.032  -3.797  6.185   1.00 0.00  ? 10 PRO B N    1 
ATOM 1244 C CA   . PRO B 2 10 ? 13.023  -3.647  5.132   1.00 0.00  ? 10 PRO B CA   1 
ATOM 1245 C C    . PRO B 2 10 ? 14.124  -4.701  5.261   1.00 0.00  ? 10 PRO B C    1 
ATOM 1246 O O    . PRO B 2 10 ? 15.244  -4.496  4.794   1.00 0.00  ? 10 PRO B O    1 
ATOM 1247 C CB   . PRO B 2 10 ? 13.538  -2.226  5.279   1.00 0.00  ? 10 PRO B CB   1 
ATOM 1248 C CG   . PRO B 2 10 ? 13.167  -1.789  6.684   1.00 0.00  ? 10 PRO B CG   1 
ATOM 1249 C CD   . PRO B 2 10 ? 12.148  -2.783  7.227   1.00 0.00  ? 10 PRO B CD   1 
ATOM 1250 H HA   . PRO B 2 10 ? 12.551  -3.759  4.156   1.00 0.00  ? 10 PRO B HA   1 
ATOM 1251 H HB2  . PRO B 2 10 ? 14.614  -2.174  5.114   1.00 0.00  ? 10 PRO B HB2  1 
ATOM 1252 H HB3  . PRO B 2 10 ? 13.008  -1.592  4.570   1.00 0.00  ? 10 PRO B HB3  1 
ATOM 1253 H HG2  . PRO B 2 10 ? 14.062  -1.848  7.303   1.00 0.00  ? 10 PRO B HG2  1 
ATOM 1254 H HG3  . PRO B 2 10 ? 12.764  -0.775  6.685   1.00 0.00  ? 10 PRO B HG3  1 
ATOM 1255 H HD2  . PRO B 2 10 ? 12.486  -3.212  8.171   1.00 0.00  ? 10 PRO B HD2  1 
ATOM 1256 H HD3  . PRO B 2 10 ? 11.183  -2.292  7.358   1.00 0.00  ? 10 PRO B HD3  1 
ATOM 1257 N N    . TRP B 2 11 ? 13.769  -5.811  5.894   1.00 0.00  ? 11 TRP B N    1 
ATOM 1258 C CA   . TRP B 2 11 ? 14.714  -6.895  6.090   1.00 0.00  ? 11 TRP B CA   1 
ATOM 1259 C C    . TRP B 2 11 ? 14.098  -8.168  5.509   1.00 0.00  ? 11 TRP B C    1 
ATOM 1260 O O    . TRP B 2 11 ? 14.808  -9.015  4.972   1.00 0.00  ? 11 TRP B O    1 
ATOM 1261 C CB   . TRP B 2 11 ? 15.089  -7.036  7.570   1.00 0.00  ? 11 TRP B CB   1 
ATOM 1262 C CG   . TRP B 2 11 ? 16.559  -7.393  7.804   1.00 0.00  ? 11 TRP B CG   1 
ATOM 1263 C CD1  . TRP B 2 11 ? 17.136  -8.599  7.728   1.00 0.00  ? 11 TRP B CD1  1 
ATOM 1264 C CD2  . TRP B 2 11 ? 17.618  -6.481  8.161   1.00 0.00  ? 11 TRP B CD2  1 
ATOM 1265 N NE1  . TRP B 2 11 ? 18.488  -8.530  8.009   1.00 0.00  ? 11 TRP B NE1  1 
ATOM 1266 C CE2  . TRP B 2 11 ? 18.788  -7.203  8.281   1.00 0.00  ? 11 TRP B CE2  1 
ATOM 1267 C CE3  . TRP B 2 11 ? 17.591  -5.090  8.380   1.00 0.00  ? 11 TRP B CE3  1 
ATOM 1268 C CZ2  . TRP B 2 11 ? 20.018  -6.624  8.618   1.00 0.00  ? 11 TRP B CZ2  1 
ATOM 1269 C CZ3  . TRP B 2 11 ? 18.825  -4.525  8.714   1.00 0.00  ? 11 TRP B CZ3  1 
ATOM 1270 C CH2  . TRP B 2 11 ? 20.014  -5.240  8.842   1.00 0.00  ? 11 TRP B CH2  1 
ATOM 1271 H H    . TRP B 2 11 ? 12.818  -6.034  6.112   1.00 99.99 ? 11 TRP B H    1 
ATOM 1272 H HA   . TRP B 2 11 ? 15.624  -6.668  5.535   1.00 0.00  ? 11 TRP B HA   1 
ATOM 1273 H HB2  . TRP B 2 11 ? 14.877  -6.092  8.074   1.00 0.00  ? 11 TRP B HB2  1 
ATOM 1274 H HB3  . TRP B 2 11 ? 14.467  -7.813  8.015   1.00 0.00  ? 11 TRP B HB3  1 
ATOM 1275 H HD1  . TRP B 2 11 ? 16.608  -9.518  7.476   1.00 99.99 ? 11 TRP B HD1  1 
ATOM 1276 H HE1  . TRP B 2 11 ? 19.104  -9.309  8.127   1.00 99.99 ? 11 TRP B HE1  1 
ATOM 1277 H HE3  . TRP B 2 11 ? 16.667  -4.606  8.694   1.00 99.99 ? 11 TRP B HE3  1 
ATOM 1278 H HZ2  . TRP B 2 11 ? 20.815  -7.241  9.034   1.00 99.99 ? 11 TRP B HZ2  1 
ATOM 1279 H HZ3  . TRP B 2 11 ? 18.859  -3.450  8.889   1.00 99.99 ? 11 TRP B HZ3  1 
ATOM 1280 H HH2  . TRP B 2 11 ? 20.908  -4.746  9.221   1.00 99.99 ? 11 TRP B HH2  1 
ATOM 1281 N N    . TYR B 2 12 ? 12.783  -8.262  5.634   1.00 0.00  ? 12 TYR B N    1 
ATOM 1282 C CA   . TYR B 2 12 ? 12.063  -9.418  5.126   1.00 0.00  ? 12 TYR B CA   1 
ATOM 1283 C C    . TYR B 2 12 ? 11.481  -9.137  3.740   1.00 0.00  ? 12 TYR B C    1 
ATOM 1284 O O    . TYR B 2 12 ? 11.431  -10.026 2.892   1.00 0.00  ? 12 TYR B O    1 
ATOM 1285 C CB   . TYR B 2 12 ? 10.913  -9.665  6.110   1.00 0.00  ? 12 TYR B CB   1 
ATOM 1286 C CG   . TYR B 2 12 ? 11.339  -10.380 7.395   1.00 0.00  ? 12 TYR B CG   1 
ATOM 1287 C CD1  . TYR B 2 12 ? 12.676  -10.557 7.675   1.00 0.00  ? 12 TYR B CD1  1 
ATOM 1288 C CD2  . TYR B 2 12 ? 10.378  -10.846 8.272   1.00 0.00  ? 12 TYR B CD2  1 
ATOM 1289 C CE1  . TYR B 2 12 ? 13.075  -11.232 8.884   1.00 0.00  ? 12 TYR B CE1  1 
ATOM 1290 C CE2  . TYR B 2 12 ? 10.780  -11.516 9.482   1.00 0.00  ? 12 TYR B CE2  1 
ATOM 1291 C CZ   . TYR B 2 12 ? 12.104  -11.676 9.727   1.00 0.00  ? 12 TYR B CZ   1 
ATOM 1292 O OH   . TYR B 2 12 ? 12.483  -12.312 10.870  1.00 0.00  ? 12 TYR B OH   1 
ATOM 1293 H H    . TYR B 2 12 ? 12.246  -7.652  6.217   1.00 99.99 ? 12 TYR B H    1 
ATOM 1294 H HA   . TYR B 2 12 ? 12.723  -10.284 5.082   1.00 0.00  ? 12 TYR B HA   1 
ATOM 1295 H HB2  . TYR B 2 12 ? 10.474  -8.702  6.378   1.00 0.00  ? 12 TYR B HB2  1 
ATOM 1296 H HB3  . TYR B 2 12 ? 10.154  -10.269 5.613   1.00 0.00  ? 12 TYR B HB3  1 
ATOM 1297 H HD1  . TYR B 2 12 ? 13.432  -10.221 6.964   1.00 99.99 ? 12 TYR B HD1  1 
ATOM 1298 H HD2  . TYR B 2 12 ? 9.324   -10.782 8.007   1.00 99.99 ? 12 TYR B HD2  1 
ATOM 1299 H HE1  . TYR B 2 12 ? 14.099  -11.584 9.001   1.00 99.99 ? 12 TYR B HE1  1 
ATOM 1300 H HE2  . TYR B 2 12 ? 10.045  -12.070 10.067  1.00 99.99 ? 12 TYR B HE2  1 
ATOM 1301 H HH   . TYR B 2 12 ? 13.481  -12.355 10.912  1.00 99.99 ? 12 TYR B HH   1 
ATOM 1302 N N    . PRO B 2 13 ? 11.044  -7.865  3.550   1.00 0.00  ? 13 PRO B N    1 
ATOM 1303 C CA   . PRO B 2 13 ? 10.466  -7.453  2.281   1.00 0.00  ? 13 PRO B CA   1 
ATOM 1304 C C    . PRO B 2 13 ? 11.550  -7.276  1.216   1.00 0.00  ? 13 PRO B C    1 
ATOM 1305 O O    . PRO B 2 13 ? 11.342  -7.609  0.050   1.00 0.00  ? 13 PRO B O    1 
ATOM 1306 C CB   . PRO B 2 13 ? 9.718   -6.166  2.585   1.00 0.00  ? 13 PRO B CB   1 
ATOM 1307 C CG   . PRO B 2 13 ? 10.283  -5.657  3.900   1.00 0.00  ? 13 PRO B CG   1 
ATOM 1308 C CD   . PRO B 2 13 ? 11.085  -6.783  4.533   1.00 0.00  ? 13 PRO B CD   1 
ATOM 1309 H HA   . PRO B 2 13 ? 9.759   -8.205  1.932   1.00 0.00  ? 13 PRO B HA   1 
ATOM 1310 H HB2  . PRO B 2 13 ? 9.841   -5.434  1.786   1.00 0.00  ? 13 PRO B HB2  1 
ATOM 1311 H HB3  . PRO B 2 13 ? 8.665   -6.404  2.732   1.00 0.00  ? 13 PRO B HB3  1 
ATOM 1312 H HG2  . PRO B 2 13 ? 10.968  -4.838  3.679   1.00 0.00  ? 13 PRO B HG2  1 
ATOM 1313 H HG3  . PRO B 2 13 ? 9.487   -5.324  4.567   1.00 0.00  ? 13 PRO B HG3  1 
ATOM 1314 H HD2  . PRO B 2 13 ? 12.107  -6.466  4.739   1.00 0.00  ? 13 PRO B HD2  1 
ATOM 1315 H HD3  . PRO B 2 13 ? 10.598  -7.115  5.450   1.00 0.00  ? 13 PRO B HD3  1 
ATOM 1316 N N    . ASP B 2 14 ? 12.687  -6.756  1.655   1.00 0.00  ? 14 ASP B N    1 
ATOM 1317 C CA   . ASP B 2 14 ? 13.805  -6.531  0.754   1.00 0.00  ? 14 ASP B CA   1 
ATOM 1318 C C    . ASP B 2 14 ? 15.010  -6.044  1.559   1.00 0.00  ? 14 ASP B C    1 
ATOM 1319 O O    . ASP B 2 14 ? 15.551  -6.783  2.383   1.00 0.00  ? 14 ASP B O    1 
ATOM 1320 C CB   . ASP B 2 14 ? 13.466  -5.464  -0.284  1.00 0.00  ? 14 ASP B CB   1 
ATOM 1321 C CG   . ASP B 2 14 ? 14.678  -4.778  -0.924  1.00 0.00  ? 14 ASP B CG   1 
ATOM 1322 O OD1  . ASP B 2 14 ? 15.707  -5.415  -1.189  1.00 0.00  ? 14 ASP B OD1  1 
ATOM 1323 O OD2  . ASP B 2 14 ? 14.529  -3.515  -1.153  1.00 0.00  ? 14 ASP B OD2  1 
ATOM 1324 H H    . ASP B 2 14 ? 12.900  -6.657  2.628   1.00 99.99 ? 14 ASP B H    1 
ATOM 1325 H HA   . ASP B 2 14 ? 14.048  -7.465  0.249   1.00 0.00  ? 14 ASP B HA   1 
ATOM 1326 H HB2  . ASP B 2 14 ? 12.884  -5.933  -1.077  1.00 0.00  ? 14 ASP B HB2  1 
ATOM 1327 H HB3  . ASP B 2 14 ? 12.860  -4.698  0.200   1.00 0.00  ? 14 ASP B HB3  1 
ATOM 1328 H HD2  . ASP B 2 14 ? 15.305  -3.116  -1.553  1.00 0.00  ? 14 ASP B HD2  1 
# 
